data_1NYN
#
_entry.id   1NYN
#
_entity_poly.entity_id   1
_entity_poly.type   'polypeptide(L)'
_entity_poly.pdbx_seq_one_letter_code
;MGSSHHHHHHSSGLVPRGSHMSTVTKYFYKGENTDLIVFAASEELVDEYLKNPSIGKLSEVVELFEVFTPQDGRGAEGEL
GAASKAQVENEFGKGKKIEEVIDLILRNGKPNSTTSSLKTKGGNAGTKAYN
;
_entity_poly.pdbx_strand_id   A
#
# COMPACT_ATOMS: atom_id res chain seq x y z
N MET A 21 -5.78 -18.28 -6.31
CA MET A 21 -6.95 -17.46 -6.72
C MET A 21 -7.98 -17.46 -5.59
N SER A 22 -7.78 -16.63 -4.59
CA SER A 22 -8.74 -16.57 -3.46
C SER A 22 -8.20 -15.65 -2.37
N THR A 23 -7.10 -14.99 -2.63
CA THR A 23 -6.52 -14.07 -1.61
C THR A 23 -6.17 -12.73 -2.27
N VAL A 24 -6.48 -11.65 -1.61
CA VAL A 24 -6.17 -10.31 -2.19
C VAL A 24 -4.77 -9.88 -1.75
N THR A 25 -4.20 -8.92 -2.42
CA THR A 25 -2.84 -8.45 -2.04
C THR A 25 -2.95 -7.16 -1.24
N LYS A 26 -2.07 -6.94 -0.31
CA LYS A 26 -2.13 -5.69 0.51
C LYS A 26 -0.87 -4.86 0.26
N TYR A 27 -1.01 -3.58 0.10
CA TYR A 27 0.18 -2.71 -0.15
C TYR A 27 0.31 -1.69 0.97
N PHE A 28 1.43 -1.67 1.65
CA PHE A 28 1.61 -0.69 2.77
C PHE A 28 2.24 0.59 2.22
N TYR A 29 2.10 1.68 2.92
CA TYR A 29 2.69 2.96 2.44
C TYR A 29 3.12 3.81 3.64
N LYS A 30 4.35 3.66 4.07
CA LYS A 30 4.83 4.45 5.24
C LYS A 30 4.58 5.93 4.98
N GLY A 31 3.71 6.55 5.75
CA GLY A 31 3.42 8.00 5.54
C GLY A 31 4.47 8.83 6.28
N GLU A 32 4.18 10.09 6.51
CA GLU A 32 5.15 10.95 7.23
C GLU A 32 5.24 10.53 8.70
N ASN A 33 4.10 10.31 9.33
CA ASN A 33 4.12 9.90 10.76
C ASN A 33 3.33 8.60 10.92
N THR A 34 2.21 8.47 10.25
CA THR A 34 1.41 7.23 10.37
C THR A 34 1.65 6.35 9.14
N ASP A 35 1.05 5.19 9.10
CA ASP A 35 1.25 4.29 7.93
C ASP A 35 -0.10 4.07 7.22
N LEU A 36 -0.16 4.36 5.95
CA LEU A 36 -1.43 4.16 5.21
C LEU A 36 -1.35 2.88 4.37
N ILE A 37 -2.31 2.01 4.51
CA ILE A 37 -2.29 0.74 3.72
C ILE A 37 -3.38 0.79 2.66
N VAL A 38 -3.22 0.05 1.59
CA VAL A 38 -4.25 0.04 0.52
C VAL A 38 -4.58 -1.40 0.14
N PHE A 39 -5.75 -1.64 -0.37
CA PHE A 39 -6.14 -3.02 -0.77
C PHE A 39 -5.87 -3.21 -2.26
N ALA A 40 -5.64 -4.42 -2.68
CA ALA A 40 -5.37 -4.69 -4.12
C ALA A 40 -5.85 -6.09 -4.49
N ALA A 41 -6.09 -6.34 -5.75
CA ALA A 41 -6.56 -7.68 -6.18
C ALA A 41 -5.40 -8.67 -6.10
N SER A 42 -4.48 -8.59 -7.02
CA SER A 42 -3.32 -9.53 -7.01
C SER A 42 -2.07 -8.81 -7.51
N GLU A 43 -0.93 -9.42 -7.37
CA GLU A 43 0.33 -8.76 -7.84
C GLU A 43 0.31 -8.67 -9.36
N GLU A 44 -0.40 -9.55 -10.02
CA GLU A 44 -0.46 -9.50 -11.51
C GLU A 44 -1.16 -8.22 -11.96
N LEU A 45 -2.46 -8.17 -11.81
CA LEU A 45 -3.20 -6.94 -12.22
C LEU A 45 -2.44 -5.71 -11.78
N VAL A 46 -1.76 -5.78 -10.66
CA VAL A 46 -0.99 -4.61 -10.17
C VAL A 46 0.18 -4.33 -11.13
N ASP A 47 1.17 -5.18 -11.13
CA ASP A 47 2.33 -4.96 -12.02
C ASP A 47 1.84 -4.48 -13.40
N GLU A 48 0.75 -5.03 -13.87
CA GLU A 48 0.22 -4.60 -15.20
C GLU A 48 -0.06 -3.09 -15.17
N TYR A 49 -0.90 -2.66 -14.28
CA TYR A 49 -1.23 -1.20 -14.21
C TYR A 49 0.06 -0.39 -14.33
N LEU A 50 1.05 -0.70 -13.54
CA LEU A 50 2.33 0.05 -13.61
C LEU A 50 2.91 -0.06 -15.03
N LYS A 51 2.83 -1.22 -15.61
CA LYS A 51 3.37 -1.41 -16.99
C LYS A 51 2.52 -0.60 -17.98
N ASN A 52 1.46 -0.01 -17.52
CA ASN A 52 0.58 0.77 -18.43
C ASN A 52 -0.52 1.46 -17.63
N PRO A 53 -0.20 2.55 -17.00
CA PRO A 53 -1.18 3.31 -16.17
C PRO A 53 -2.49 3.57 -16.91
N SER A 54 -3.60 3.47 -16.22
CA SER A 54 -4.91 3.70 -16.89
C SER A 54 -5.99 3.93 -15.83
N ILE A 55 -6.26 5.15 -15.49
CA ILE A 55 -7.31 5.43 -14.47
C ILE A 55 -8.57 4.63 -14.79
N GLY A 56 -8.78 4.33 -16.04
CA GLY A 56 -9.99 3.55 -16.43
C GLY A 56 -9.83 2.10 -15.98
N LYS A 57 -8.65 1.73 -15.55
CA LYS A 57 -8.42 0.33 -15.11
C LYS A 57 -8.18 0.30 -13.60
N LEU A 58 -7.70 1.38 -13.05
CA LEU A 58 -7.44 1.42 -11.58
C LEU A 58 -8.55 0.68 -10.85
N SER A 59 -9.75 0.71 -11.37
CA SER A 59 -10.87 0.00 -10.70
C SER A 59 -10.56 -1.49 -10.62
N GLU A 60 -10.56 -2.18 -11.73
CA GLU A 60 -10.26 -3.64 -11.70
C GLU A 60 -9.10 -3.90 -10.74
N VAL A 61 -8.14 -3.02 -10.68
CA VAL A 61 -6.99 -3.22 -9.76
C VAL A 61 -7.46 -3.09 -8.31
N VAL A 62 -7.78 -1.89 -7.89
CA VAL A 62 -8.25 -1.70 -6.49
C VAL A 62 -9.76 -1.97 -6.41
N GLU A 63 -10.17 -2.78 -5.48
CA GLU A 63 -11.62 -3.09 -5.35
C GLU A 63 -12.25 -2.16 -4.31
N LEU A 64 -11.50 -1.77 -3.32
CA LEU A 64 -12.05 -0.85 -2.27
C LEU A 64 -11.39 0.53 -2.40
N PHE A 65 -12.17 1.54 -2.61
CA PHE A 65 -11.58 2.91 -2.73
C PHE A 65 -11.56 3.58 -1.36
N GLU A 66 -10.61 3.22 -0.53
CA GLU A 66 -10.53 3.84 0.82
C GLU A 66 -9.17 3.52 1.44
N VAL A 67 -8.61 4.44 2.18
CA VAL A 67 -7.29 4.19 2.81
C VAL A 67 -7.49 3.72 4.26
N PHE A 68 -6.91 2.61 4.62
CA PHE A 68 -7.06 2.11 6.02
C PHE A 68 -5.73 2.17 6.75
N THR A 69 -5.75 2.27 8.04
CA THR A 69 -4.47 2.34 8.81
C THR A 69 -4.52 1.37 9.99
N PRO A 70 -3.40 1.08 10.56
CA PRO A 70 -3.31 0.15 11.73
C PRO A 70 -4.38 0.43 12.79
N GLN A 71 -4.29 -0.21 13.91
CA GLN A 71 -5.31 0.03 14.99
C GLN A 71 -4.78 1.09 15.96
N ASP A 72 -5.59 1.52 16.87
CA ASP A 72 -5.13 2.55 17.84
C ASP A 72 -3.99 1.99 18.69
N GLY A 73 -2.92 1.59 18.06
CA GLY A 73 -1.77 1.03 18.82
C GLY A 73 -0.95 0.11 17.92
N ARG A 74 -0.10 -0.70 18.49
CA ARG A 74 0.73 -1.61 17.66
C ARG A 74 -0.03 -2.92 17.43
N GLY A 75 -0.13 -3.35 16.21
CA GLY A 75 -0.86 -4.62 15.91
C GLY A 75 -1.72 -4.45 14.66
N ALA A 76 -1.38 -5.12 13.60
CA ALA A 76 -2.17 -5.00 12.35
C ALA A 76 -3.36 -5.96 12.40
N GLU A 77 -3.32 -6.93 13.28
CA GLU A 77 -4.45 -7.89 13.37
C GLU A 77 -5.64 -7.23 14.07
N GLY A 78 -5.43 -6.07 14.64
CA GLY A 78 -6.55 -5.37 15.34
C GLY A 78 -7.63 -5.02 14.33
N GLU A 79 -8.26 -3.89 14.48
CA GLU A 79 -9.33 -3.49 13.53
C GLU A 79 -8.88 -2.26 12.73
N LEU A 80 -8.32 -2.46 11.57
CA LEU A 80 -7.86 -1.31 10.75
C LEU A 80 -8.86 -0.16 10.88
N GLY A 81 -8.40 1.06 10.76
CA GLY A 81 -9.33 2.22 10.88
C GLY A 81 -9.28 3.03 9.58
N ALA A 82 -9.95 4.16 9.56
CA ALA A 82 -9.95 5.00 8.33
C ALA A 82 -9.11 6.27 8.58
N ALA A 83 -8.53 6.81 7.55
CA ALA A 83 -7.70 8.04 7.73
C ALA A 83 -8.56 9.27 7.42
N SER A 84 -8.50 10.26 8.28
CA SER A 84 -9.32 11.49 8.03
C SER A 84 -8.67 12.32 6.92
N LYS A 85 -9.47 13.02 6.17
CA LYS A 85 -8.90 13.86 5.07
C LYS A 85 -7.65 14.58 5.57
N ALA A 86 -7.75 15.27 6.69
CA ALA A 86 -6.57 16.00 7.22
C ALA A 86 -5.36 15.05 7.26
N GLN A 87 -5.58 13.80 7.53
CA GLN A 87 -4.45 12.84 7.59
C GLN A 87 -3.95 12.55 6.17
N VAL A 88 -4.85 12.49 5.22
CA VAL A 88 -4.42 12.21 3.81
C VAL A 88 -3.59 13.39 3.29
N GLU A 89 -3.91 14.58 3.70
CA GLU A 89 -3.13 15.76 3.24
C GLU A 89 -1.69 15.66 3.72
N ASN A 90 -1.47 15.00 4.82
CA ASN A 90 -0.08 14.86 5.35
C ASN A 90 0.82 14.29 4.25
N GLU A 91 0.25 13.67 3.26
CA GLU A 91 1.07 13.08 2.16
C GLU A 91 0.78 13.84 0.86
N PHE A 92 -0.37 13.61 0.28
CA PHE A 92 -0.70 14.31 -0.99
C PHE A 92 -2.21 14.55 -1.06
N GLY A 93 -2.72 15.46 -0.28
CA GLY A 93 -4.18 15.74 -0.31
C GLY A 93 -4.42 17.24 -0.31
N LYS A 94 -3.37 18.00 -0.31
CA LYS A 94 -3.51 19.49 -0.31
C LYS A 94 -4.70 19.88 -1.20
N GLY A 95 -4.75 19.35 -2.40
CA GLY A 95 -5.89 19.70 -3.31
C GLY A 95 -6.21 18.50 -4.19
N LYS A 96 -5.53 17.40 -3.99
CA LYS A 96 -5.80 16.18 -4.82
C LYS A 96 -7.12 15.54 -4.38
N LYS A 97 -7.47 14.42 -4.95
CA LYS A 97 -8.73 13.74 -4.55
C LYS A 97 -8.40 12.40 -3.89
N ILE A 98 -9.18 11.38 -4.17
CA ILE A 98 -8.92 10.06 -3.56
C ILE A 98 -8.31 9.12 -4.61
N GLU A 99 -8.55 9.39 -5.86
CA GLU A 99 -7.99 8.52 -6.93
C GLU A 99 -6.49 8.77 -7.06
N GLU A 100 -6.11 9.96 -7.45
CA GLU A 100 -4.66 10.26 -7.59
C GLU A 100 -3.91 9.78 -6.35
N VAL A 101 -4.34 10.17 -5.19
CA VAL A 101 -3.65 9.72 -3.94
C VAL A 101 -3.35 8.23 -4.03
N ILE A 102 -4.36 7.41 -4.20
CA ILE A 102 -4.13 5.95 -4.30
C ILE A 102 -3.19 5.66 -5.47
N ASP A 103 -3.11 6.55 -6.41
CA ASP A 103 -2.19 6.33 -7.57
C ASP A 103 -0.74 6.42 -7.10
N LEU A 104 -0.33 7.54 -6.59
CA LEU A 104 1.06 7.68 -6.11
C LEU A 104 1.43 6.50 -5.22
N ILE A 105 0.56 6.16 -4.30
CA ILE A 105 0.86 5.01 -3.40
C ILE A 105 1.07 3.74 -4.23
N LEU A 106 0.08 3.35 -4.99
CA LEU A 106 0.22 2.13 -5.83
C LEU A 106 1.57 2.16 -6.54
N ARG A 107 2.03 3.32 -6.91
CA ARG A 107 3.35 3.42 -7.61
C ARG A 107 4.31 2.37 -7.04
N ASN A 108 4.69 2.51 -5.81
CA ASN A 108 5.62 1.51 -5.20
C ASN A 108 5.67 1.73 -3.68
N GLY A 109 4.64 1.32 -2.98
CA GLY A 109 4.63 1.50 -1.51
C GLY A 109 5.71 0.62 -0.87
N LYS A 110 5.32 -0.31 -0.05
CA LYS A 110 6.33 -1.20 0.61
C LYS A 110 5.75 -2.61 0.73
N PRO A 111 6.01 -3.45 -0.23
CA PRO A 111 5.52 -4.86 -0.24
C PRO A 111 5.77 -5.56 1.10
N ASN A 112 5.13 -6.68 1.32
CA ASN A 112 5.34 -7.42 2.59
C ASN A 112 5.89 -8.81 2.30
N SER A 113 6.82 -9.28 3.09
CA SER A 113 7.39 -10.64 2.84
C SER A 113 6.32 -11.69 3.12
N THR A 114 5.84 -11.76 4.32
CA THR A 114 4.79 -12.77 4.65
C THR A 114 4.15 -12.44 6.00
N THR A 115 3.03 -13.03 6.30
CA THR A 115 2.37 -12.75 7.60
C THR A 115 2.52 -13.96 8.53
N SER A 116 3.73 -14.38 8.77
CA SER A 116 3.94 -15.55 9.66
C SER A 116 3.23 -15.32 11.00
N SER A 117 3.20 -16.31 11.84
CA SER A 117 2.52 -16.15 13.16
C SER A 117 2.81 -17.36 14.04
N LEU A 118 2.14 -18.46 13.78
CA LEU A 118 2.38 -19.68 14.61
C LEU A 118 3.47 -20.53 13.95
N LYS A 119 3.80 -20.25 12.72
CA LYS A 119 4.85 -21.04 12.03
C LYS A 119 6.19 -20.84 12.75
N THR A 120 7.28 -21.13 12.07
CA THR A 120 8.60 -20.96 12.71
C THR A 120 9.63 -20.57 11.65
N LYS A 121 10.90 -20.65 11.96
CA LYS A 121 11.95 -20.28 10.97
C LYS A 121 12.30 -21.51 10.13
N GLY A 122 13.46 -21.52 9.54
CA GLY A 122 13.87 -22.68 8.70
C GLY A 122 14.30 -22.20 7.32
N GLY A 123 15.01 -23.01 6.58
CA GLY A 123 15.47 -22.59 5.23
C GLY A 123 16.58 -21.56 5.35
N ASN A 124 17.81 -21.99 5.43
CA ASN A 124 18.94 -21.03 5.55
C ASN A 124 20.23 -21.71 5.09
N ALA A 125 20.82 -22.51 5.93
CA ALA A 125 22.08 -23.20 5.55
C ALA A 125 22.02 -24.67 5.94
N GLY A 126 20.98 -25.36 5.53
CA GLY A 126 20.85 -26.80 5.89
C GLY A 126 20.58 -26.93 7.38
N THR A 127 19.89 -27.97 7.78
CA THR A 127 19.59 -28.15 9.22
C THR A 127 20.44 -29.29 9.79
N LYS A 128 20.95 -30.14 8.94
CA LYS A 128 21.79 -31.27 9.42
C LYS A 128 22.82 -31.63 8.35
N ALA A 129 22.85 -30.90 7.27
CA ALA A 129 23.83 -31.21 6.19
C ALA A 129 25.11 -30.40 6.41
N TYR A 130 25.21 -29.26 5.78
CA TYR A 130 26.43 -28.42 5.96
C TYR A 130 26.07 -27.15 6.72
N ASN A 131 26.83 -26.80 7.73
CA ASN A 131 26.52 -25.58 8.52
C ASN A 131 27.83 -24.80 8.77
N MET A 21 -6.17 -17.34 -4.87
CA MET A 21 -7.53 -17.29 -5.47
C MET A 21 -8.54 -16.84 -4.40
N SER A 22 -8.16 -16.89 -3.16
CA SER A 22 -9.09 -16.48 -2.07
C SER A 22 -8.37 -15.56 -1.10
N THR A 23 -7.22 -15.06 -1.47
CA THR A 23 -6.46 -14.16 -0.56
C THR A 23 -5.97 -12.93 -1.35
N VAL A 24 -6.75 -11.89 -1.37
CA VAL A 24 -6.33 -10.67 -2.11
C VAL A 24 -4.96 -10.21 -1.62
N THR A 25 -4.44 -9.14 -2.17
CA THR A 25 -3.10 -8.66 -1.72
C THR A 25 -3.23 -7.21 -1.24
N LYS A 26 -2.70 -6.90 -0.09
CA LYS A 26 -2.78 -5.52 0.44
C LYS A 26 -1.42 -4.83 0.30
N TYR A 27 -1.40 -3.64 -0.23
CA TYR A 27 -0.11 -2.92 -0.39
C TYR A 27 0.09 -1.95 0.78
N PHE A 28 1.17 -2.09 1.50
CA PHE A 28 1.42 -1.17 2.64
C PHE A 28 2.19 0.07 2.16
N TYR A 29 1.98 1.19 2.79
CA TYR A 29 2.70 2.42 2.37
C TYR A 29 3.03 3.27 3.59
N LYS A 30 4.28 3.51 3.84
CA LYS A 30 4.68 4.34 5.02
C LYS A 30 4.87 5.79 4.59
N GLY A 31 4.30 6.71 5.32
CA GLY A 31 4.45 8.15 4.95
C GLY A 31 5.36 8.85 5.96
N GLU A 32 5.21 10.13 6.12
CA GLU A 32 6.07 10.87 7.09
C GLU A 32 6.20 10.05 8.37
N ASN A 33 5.24 10.15 9.26
CA ASN A 33 5.31 9.38 10.52
C ASN A 33 4.15 8.39 10.59
N THR A 34 3.01 8.77 10.07
CA THR A 34 1.84 7.85 10.11
C THR A 34 1.98 6.79 9.00
N ASP A 35 1.09 5.84 8.97
CA ASP A 35 1.18 4.78 7.93
C ASP A 35 -0.21 4.54 7.32
N LEU A 36 -0.27 4.25 6.05
CA LEU A 36 -1.59 4.00 5.40
C LEU A 36 -1.54 2.70 4.62
N ILE A 37 -2.67 2.09 4.38
CA ILE A 37 -2.70 0.81 3.62
C ILE A 37 -3.81 0.85 2.57
N VAL A 38 -3.69 0.08 1.53
CA VAL A 38 -4.74 0.08 0.47
C VAL A 38 -5.04 -1.36 0.07
N PHE A 39 -6.21 -1.61 -0.46
CA PHE A 39 -6.57 -2.99 -0.88
C PHE A 39 -6.36 -3.14 -2.39
N ALA A 40 -5.85 -4.26 -2.82
CA ALA A 40 -5.62 -4.46 -4.28
C ALA A 40 -6.01 -5.88 -4.66
N ALA A 41 -6.10 -6.16 -5.94
CA ALA A 41 -6.47 -7.54 -6.38
C ALA A 41 -5.29 -8.48 -6.15
N SER A 42 -4.41 -8.58 -7.11
CA SER A 42 -3.23 -9.48 -6.95
C SER A 42 -1.97 -8.77 -7.43
N GLU A 43 -0.82 -9.36 -7.21
CA GLU A 43 0.44 -8.72 -7.66
C GLU A 43 0.51 -8.71 -9.19
N GLU A 44 -0.36 -9.46 -9.83
CA GLU A 44 -0.34 -9.50 -11.32
C GLU A 44 -0.96 -8.22 -11.87
N LEU A 45 -2.25 -8.08 -11.78
CA LEU A 45 -2.92 -6.85 -12.29
C LEU A 45 -2.16 -5.62 -11.79
N VAL A 46 -1.85 -5.58 -10.52
CA VAL A 46 -1.11 -4.41 -9.97
C VAL A 46 0.13 -4.14 -10.82
N ASP A 47 0.96 -5.13 -11.00
CA ASP A 47 2.19 -4.92 -11.82
C ASP A 47 1.81 -4.36 -13.19
N GLU A 48 0.81 -4.92 -13.80
CA GLU A 48 0.38 -4.41 -15.15
C GLU A 48 0.05 -2.92 -15.05
N TYR A 49 -0.41 -2.48 -13.91
CA TYR A 49 -0.76 -1.04 -13.75
C TYR A 49 0.53 -0.22 -13.69
N LEU A 50 1.36 -0.46 -12.72
CA LEU A 50 2.62 0.32 -12.61
C LEU A 50 3.33 0.35 -13.97
N LYS A 51 3.38 -0.76 -14.64
CA LYS A 51 4.05 -0.81 -15.97
C LYS A 51 3.17 -0.10 -17.01
N ASN A 52 1.90 0.04 -16.73
CA ASN A 52 1.00 0.72 -17.70
C ASN A 52 -0.15 1.39 -16.94
N PRO A 53 0.16 2.44 -16.21
CA PRO A 53 -0.86 3.19 -15.42
C PRO A 53 -1.76 4.06 -16.30
N SER A 54 -2.88 4.48 -15.79
CA SER A 54 -3.80 5.31 -16.59
C SER A 54 -4.92 5.86 -15.70
N ILE A 55 -6.10 5.31 -15.80
CA ILE A 55 -7.22 5.79 -14.96
C ILE A 55 -8.40 4.82 -15.07
N GLY A 56 -8.44 4.04 -16.12
CA GLY A 56 -9.56 3.08 -16.28
C GLY A 56 -9.18 1.73 -15.66
N LYS A 57 -7.95 1.31 -15.84
CA LYS A 57 -7.51 0.01 -15.25
C LYS A 57 -7.47 0.13 -13.73
N LEU A 58 -7.42 1.32 -13.22
CA LEU A 58 -7.36 1.51 -11.75
C LEU A 58 -8.70 1.09 -11.12
N SER A 59 -9.77 1.22 -11.86
CA SER A 59 -11.10 0.82 -11.32
C SER A 59 -11.14 -0.69 -11.10
N GLU A 60 -10.45 -1.44 -11.93
CA GLU A 60 -10.45 -2.92 -11.76
C GLU A 60 -9.49 -3.30 -10.65
N VAL A 61 -8.24 -2.93 -10.76
CA VAL A 61 -7.25 -3.26 -9.70
C VAL A 61 -7.85 -2.97 -8.32
N VAL A 62 -8.19 -1.73 -8.07
CA VAL A 62 -8.78 -1.37 -6.75
C VAL A 62 -10.21 -1.91 -6.67
N GLU A 63 -10.49 -2.72 -5.69
CA GLU A 63 -11.87 -3.27 -5.56
C GLU A 63 -12.60 -2.56 -4.42
N LEU A 64 -11.95 -1.65 -3.76
CA LEU A 64 -12.61 -0.92 -2.65
C LEU A 64 -11.90 0.43 -2.43
N PHE A 65 -12.53 1.51 -2.81
CA PHE A 65 -11.91 2.84 -2.63
C PHE A 65 -12.02 3.27 -1.17
N GLU A 66 -11.08 2.89 -0.36
CA GLU A 66 -11.13 3.27 1.08
C GLU A 66 -9.77 2.98 1.74
N VAL A 67 -9.08 4.01 2.16
CA VAL A 67 -7.76 3.81 2.80
C VAL A 67 -7.95 3.48 4.29
N PHE A 68 -7.12 2.63 4.84
CA PHE A 68 -7.27 2.27 6.27
C PHE A 68 -5.92 2.43 6.97
N THR A 69 -5.91 2.43 8.27
CA THR A 69 -4.62 2.57 9.01
C THR A 69 -4.81 2.14 10.46
N PRO A 70 -3.77 1.67 11.09
CA PRO A 70 -3.81 1.21 12.50
C PRO A 70 -3.93 2.38 13.49
N GLN A 71 -4.71 2.21 14.52
CA GLN A 71 -4.87 3.32 15.52
C GLN A 71 -5.02 2.71 16.92
N ASP A 72 -5.62 1.56 17.02
CA ASP A 72 -5.79 0.93 18.36
C ASP A 72 -5.29 -0.52 18.31
N GLY A 73 -5.42 -1.16 17.19
CA GLY A 73 -4.96 -2.57 17.07
C GLY A 73 -3.48 -2.65 17.43
N ARG A 74 -2.80 -1.54 17.44
CA ARG A 74 -1.34 -1.54 17.79
C ARG A 74 -0.59 -2.48 16.83
N GLY A 75 -1.31 -3.14 15.96
CA GLY A 75 -0.63 -4.06 15.00
C GLY A 75 -1.59 -4.38 13.84
N ALA A 76 -1.46 -5.53 13.25
CA ALA A 76 -2.36 -5.90 12.12
C ALA A 76 -3.49 -6.78 12.63
N GLU A 77 -3.63 -6.89 13.92
CA GLU A 77 -4.72 -7.75 14.47
C GLU A 77 -5.79 -6.85 15.10
N GLY A 78 -6.93 -6.74 14.47
CA GLY A 78 -8.01 -5.89 15.02
C GLY A 78 -8.97 -5.48 13.90
N GLU A 79 -9.29 -4.22 13.82
CA GLU A 79 -10.22 -3.76 12.75
C GLU A 79 -9.61 -2.56 12.02
N LEU A 80 -8.37 -2.26 12.28
CA LEU A 80 -7.72 -1.11 11.61
C LEU A 80 -8.52 0.17 11.89
N GLY A 81 -8.20 1.24 11.22
CA GLY A 81 -8.95 2.52 11.46
C GLY A 81 -9.12 3.26 10.13
N ALA A 82 -9.84 4.35 10.14
CA ALA A 82 -10.04 5.11 8.88
C ALA A 82 -9.17 6.36 8.90
N ALA A 83 -8.38 6.57 7.88
CA ALA A 83 -7.50 7.77 7.83
C ALA A 83 -8.36 9.03 7.69
N SER A 84 -7.96 10.11 8.31
CA SER A 84 -8.76 11.36 8.20
C SER A 84 -8.23 12.22 7.04
N LYS A 85 -9.04 13.06 6.48
CA LYS A 85 -8.58 13.91 5.35
C LYS A 85 -7.15 14.37 5.62
N ALA A 86 -6.89 14.91 6.78
CA ALA A 86 -5.51 15.38 7.09
C ALA A 86 -4.53 14.22 6.91
N GLN A 87 -4.70 13.15 7.64
CA GLN A 87 -3.77 11.99 7.51
C GLN A 87 -3.33 11.85 6.04
N VAL A 88 -4.24 12.06 5.13
CA VAL A 88 -3.88 11.93 3.68
C VAL A 88 -3.26 13.25 3.20
N GLU A 89 -3.68 14.35 3.75
CA GLU A 89 -3.12 15.66 3.31
C GLU A 89 -1.64 15.73 3.68
N ASN A 90 -1.28 15.23 4.83
CA ASN A 90 0.15 15.26 5.24
C ASN A 90 0.98 14.39 4.29
N GLU A 91 0.35 13.52 3.57
CA GLU A 91 1.10 12.65 2.63
C GLU A 91 1.00 13.22 1.21
N PHE A 92 -0.16 13.16 0.62
CA PHE A 92 -0.32 13.70 -0.76
C PHE A 92 -1.80 13.96 -1.04
N GLY A 93 -2.46 14.70 -0.19
CA GLY A 93 -3.90 14.98 -0.40
C GLY A 93 -4.16 16.49 -0.26
N LYS A 94 -5.34 16.94 -0.62
CA LYS A 94 -5.64 18.39 -0.51
C LYS A 94 -7.06 18.65 -1.02
N GLY A 95 -7.30 18.36 -2.27
CA GLY A 95 -8.66 18.59 -2.83
C GLY A 95 -8.90 17.64 -4.01
N LYS A 96 -7.99 16.72 -4.24
CA LYS A 96 -8.17 15.78 -5.37
C LYS A 96 -9.09 14.63 -4.94
N LYS A 97 -9.57 13.86 -5.88
CA LYS A 97 -10.47 12.73 -5.52
C LYS A 97 -9.66 11.62 -4.84
N ILE A 98 -10.05 10.39 -5.01
CA ILE A 98 -9.30 9.27 -4.37
C ILE A 98 -8.58 8.48 -5.45
N GLU A 99 -8.91 8.68 -6.70
CA GLU A 99 -8.24 7.93 -7.78
C GLU A 99 -6.81 8.43 -7.95
N GLU A 100 -6.52 9.60 -7.43
CA GLU A 100 -5.14 10.14 -7.55
C GLU A 100 -4.32 9.71 -6.34
N VAL A 101 -4.80 9.97 -5.15
CA VAL A 101 -4.04 9.58 -3.94
C VAL A 101 -3.64 8.10 -4.04
N ILE A 102 -4.51 7.28 -4.55
CA ILE A 102 -4.17 5.83 -4.68
C ILE A 102 -3.15 5.64 -5.80
N ASP A 103 -3.40 6.21 -6.95
CA ASP A 103 -2.44 6.06 -8.08
C ASP A 103 -1.01 6.27 -7.57
N LEU A 104 -0.81 7.28 -6.76
CA LEU A 104 0.56 7.54 -6.23
C LEU A 104 0.96 6.41 -5.29
N ILE A 105 0.22 6.21 -4.22
CA ILE A 105 0.56 5.12 -3.27
C ILE A 105 1.00 3.88 -4.03
N LEU A 106 0.36 3.60 -5.14
CA LEU A 106 0.74 2.40 -5.93
C LEU A 106 2.11 2.64 -6.60
N ARG A 107 2.37 3.85 -7.01
CA ARG A 107 3.67 4.15 -7.66
C ARG A 107 4.79 3.44 -6.91
N ASN A 108 4.98 3.77 -5.66
CA ASN A 108 6.07 3.12 -4.87
C ASN A 108 5.61 1.71 -4.46
N GLY A 109 4.93 1.60 -3.35
CA GLY A 109 4.46 0.26 -2.90
C GLY A 109 5.53 -0.39 -2.02
N LYS A 110 5.22 -0.63 -0.78
CA LYS A 110 6.23 -1.26 0.13
C LYS A 110 5.53 -2.28 1.03
N PRO A 111 4.96 -3.29 0.44
CA PRO A 111 4.25 -4.37 1.19
C PRO A 111 5.08 -4.91 2.36
N ASN A 112 4.75 -6.08 2.84
CA ASN A 112 5.53 -6.66 3.98
C ASN A 112 6.78 -7.34 3.44
N SER A 113 6.87 -7.52 2.15
CA SER A 113 8.08 -8.18 1.57
C SER A 113 9.21 -7.17 1.46
N THR A 114 9.87 -6.87 2.55
CA THR A 114 10.98 -5.89 2.51
C THR A 114 12.17 -6.43 3.31
N THR A 115 12.08 -7.63 3.79
CA THR A 115 13.20 -8.22 4.58
C THR A 115 14.51 -8.06 3.79
N SER A 116 15.56 -8.68 4.25
CA SER A 116 16.86 -8.57 3.53
C SER A 116 16.95 -9.68 2.48
N SER A 117 16.59 -9.39 1.25
CA SER A 117 16.66 -10.43 0.18
C SER A 117 17.56 -9.93 -0.96
N LEU A 118 18.80 -10.33 -0.96
CA LEU A 118 19.71 -9.88 -2.05
C LEU A 118 20.04 -11.06 -2.96
N LYS A 119 20.96 -11.89 -2.56
CA LYS A 119 21.31 -13.07 -3.41
C LYS A 119 22.27 -12.62 -4.52
N THR A 120 23.56 -12.73 -4.28
CA THR A 120 24.54 -12.30 -5.32
C THR A 120 25.12 -13.55 -6.00
N LYS A 121 25.48 -13.43 -7.24
CA LYS A 121 26.07 -14.61 -7.96
C LYS A 121 27.20 -15.20 -7.13
N GLY A 122 27.01 -16.36 -6.58
CA GLY A 122 28.08 -16.99 -5.75
C GLY A 122 28.37 -18.40 -6.28
N GLY A 123 28.92 -19.25 -5.45
CA GLY A 123 29.22 -20.64 -5.90
C GLY A 123 30.72 -20.78 -6.13
N ASN A 124 31.27 -20.03 -7.04
CA ASN A 124 32.73 -20.13 -7.31
C ASN A 124 33.16 -18.97 -8.23
N ALA A 125 33.81 -17.99 -7.67
CA ALA A 125 34.25 -16.82 -8.51
C ALA A 125 35.51 -17.21 -9.29
N GLY A 126 36.39 -16.28 -9.50
CA GLY A 126 37.64 -16.59 -10.26
C GLY A 126 37.31 -16.76 -11.75
N THR A 127 36.29 -16.10 -12.22
CA THR A 127 35.92 -16.22 -13.65
C THR A 127 35.99 -14.85 -14.32
N LYS A 128 37.06 -14.58 -15.01
CA LYS A 128 37.20 -13.24 -15.68
C LYS A 128 36.35 -13.24 -16.95
N ALA A 129 36.91 -12.80 -18.04
CA ALA A 129 36.14 -12.76 -19.31
C ALA A 129 36.44 -14.02 -20.13
N TYR A 130 37.17 -14.94 -19.56
CA TYR A 130 37.50 -16.19 -20.31
C TYR A 130 38.48 -15.87 -21.44
N ASN A 131 38.94 -16.87 -22.14
CA ASN A 131 39.90 -16.61 -23.26
C ASN A 131 39.14 -16.59 -24.59
N MET A 21 -3.57 -18.53 -5.42
CA MET A 21 -3.88 -17.35 -4.56
C MET A 21 -5.38 -17.03 -4.67
N SER A 22 -6.12 -17.32 -3.64
CA SER A 22 -7.59 -17.02 -3.69
C SER A 22 -7.89 -15.79 -2.83
N THR A 23 -6.97 -15.42 -1.97
CA THR A 23 -7.20 -14.22 -1.10
C THR A 23 -6.60 -12.99 -1.77
N VAL A 24 -7.20 -11.85 -1.57
CA VAL A 24 -6.67 -10.61 -2.21
C VAL A 24 -5.27 -10.31 -1.65
N THR A 25 -4.58 -9.36 -2.22
CA THR A 25 -3.21 -9.03 -1.73
C THR A 25 -3.27 -7.75 -0.88
N LYS A 26 -2.25 -7.50 -0.11
CA LYS A 26 -2.25 -6.29 0.74
C LYS A 26 -1.01 -5.44 0.42
N TYR A 27 -1.20 -4.16 0.18
CA TYR A 27 -0.04 -3.29 -0.14
C TYR A 27 0.16 -2.26 0.98
N PHE A 28 1.25 -2.35 1.69
CA PHE A 28 1.50 -1.37 2.79
C PHE A 28 2.10 -0.09 2.21
N TYR A 29 1.72 1.05 2.73
CA TYR A 29 2.27 2.33 2.21
C TYR A 29 2.91 3.11 3.36
N LYS A 30 3.98 3.80 3.09
CA LYS A 30 4.65 4.59 4.16
C LYS A 30 4.56 6.08 3.85
N GLY A 31 4.11 6.87 4.78
CA GLY A 31 3.99 8.33 4.53
C GLY A 31 5.15 9.06 5.21
N GLU A 32 4.96 10.31 5.56
CA GLU A 32 6.06 11.07 6.22
C GLU A 32 6.18 10.63 7.68
N ASN A 33 5.07 10.30 8.30
CA ASN A 33 5.13 9.87 9.73
C ASN A 33 4.00 8.87 9.99
N THR A 34 2.87 9.06 9.37
CA THR A 34 1.72 8.12 9.59
C THR A 34 1.80 6.98 8.58
N ASP A 35 1.19 5.86 8.89
CA ASP A 35 1.23 4.71 7.94
C ASP A 35 -0.12 4.56 7.24
N LEU A 36 -0.14 4.03 6.06
CA LEU A 36 -1.43 3.86 5.33
C LEU A 36 -1.47 2.48 4.68
N ILE A 37 -2.64 2.01 4.35
CA ILE A 37 -2.75 0.67 3.72
C ILE A 37 -3.89 0.67 2.70
N VAL A 38 -3.77 -0.11 1.66
CA VAL A 38 -4.85 -0.14 0.64
C VAL A 38 -5.08 -1.59 0.18
N PHE A 39 -6.30 -1.93 -0.15
CA PHE A 39 -6.58 -3.32 -0.61
C PHE A 39 -6.32 -3.44 -2.10
N ALA A 40 -5.78 -4.55 -2.53
CA ALA A 40 -5.50 -4.73 -3.99
C ALA A 40 -6.08 -6.06 -4.46
N ALA A 41 -5.78 -6.44 -5.67
CA ALA A 41 -6.32 -7.74 -6.19
C ALA A 41 -5.19 -8.77 -6.23
N SER A 42 -4.50 -8.86 -7.33
CA SER A 42 -3.38 -9.86 -7.43
C SER A 42 -2.08 -9.13 -7.73
N GLU A 43 -0.97 -9.83 -7.68
CA GLU A 43 0.33 -9.18 -7.97
C GLU A 43 0.50 -9.00 -9.49
N GLU A 44 -0.38 -9.59 -10.25
CA GLU A 44 -0.28 -9.47 -11.74
C GLU A 44 -0.97 -8.18 -12.18
N LEU A 45 -2.21 -8.02 -11.83
CA LEU A 45 -2.94 -6.78 -12.24
C LEU A 45 -2.23 -5.55 -11.67
N VAL A 46 -1.72 -5.64 -10.47
CA VAL A 46 -1.01 -4.48 -9.87
C VAL A 46 0.24 -4.16 -10.70
N ASP A 47 1.10 -5.13 -10.87
CA ASP A 47 2.34 -4.88 -11.66
C ASP A 47 1.97 -4.33 -13.03
N GLU A 48 1.08 -4.98 -13.72
CA GLU A 48 0.67 -4.50 -15.07
C GLU A 48 0.27 -3.02 -14.99
N TYR A 49 -0.27 -2.60 -13.88
CA TYR A 49 -0.67 -1.19 -13.74
C TYR A 49 0.57 -0.29 -13.72
N LEU A 50 1.59 -0.71 -13.02
CA LEU A 50 2.83 0.11 -12.96
C LEU A 50 3.41 0.29 -14.36
N LYS A 51 3.08 -0.61 -15.26
CA LYS A 51 3.61 -0.50 -16.65
C LYS A 51 2.64 0.31 -17.50
N ASN A 52 1.51 0.68 -16.95
CA ASN A 52 0.52 1.47 -17.74
C ASN A 52 -0.54 2.03 -16.79
N PRO A 53 -0.18 3.00 -15.99
CA PRO A 53 -1.11 3.64 -15.03
C PRO A 53 -2.09 4.60 -15.71
N SER A 54 -3.33 4.60 -15.29
CA SER A 54 -4.33 5.51 -15.92
C SER A 54 -5.52 5.67 -14.98
N ILE A 55 -6.71 5.57 -15.49
CA ILE A 55 -7.91 5.73 -14.62
C ILE A 55 -8.92 4.63 -14.96
N GLY A 56 -8.50 3.60 -15.64
CA GLY A 56 -9.43 2.50 -15.99
C GLY A 56 -9.03 1.23 -15.24
N LYS A 57 -8.08 0.49 -15.76
CA LYS A 57 -7.64 -0.76 -15.07
C LYS A 57 -7.48 -0.49 -13.58
N LEU A 58 -7.28 0.75 -13.20
CA LEU A 58 -7.11 1.07 -11.76
C LEU A 58 -8.24 0.42 -10.96
N SER A 59 -9.46 0.81 -11.22
CA SER A 59 -10.60 0.22 -10.47
C SER A 59 -10.46 -1.31 -10.45
N GLU A 60 -10.19 -1.90 -11.57
CA GLU A 60 -10.04 -3.39 -11.62
C GLU A 60 -9.04 -3.83 -10.56
N VAL A 61 -8.09 -3.00 -10.24
CA VAL A 61 -7.09 -3.36 -9.21
C VAL A 61 -7.61 -3.02 -7.81
N VAL A 62 -8.00 -1.79 -7.61
CA VAL A 62 -8.52 -1.39 -6.28
C VAL A 62 -10.03 -1.65 -6.22
N GLU A 63 -10.45 -2.57 -5.40
CA GLU A 63 -11.91 -2.88 -5.30
C GLU A 63 -12.59 -1.82 -4.43
N LEU A 64 -11.98 -1.46 -3.34
CA LEU A 64 -12.60 -0.44 -2.44
C LEU A 64 -11.77 0.84 -2.48
N PHE A 65 -12.32 1.91 -2.99
CA PHE A 65 -11.56 3.19 -3.05
C PHE A 65 -11.46 3.80 -1.65
N GLU A 66 -10.75 3.14 -0.77
CA GLU A 66 -10.61 3.68 0.62
C GLU A 66 -9.21 3.37 1.14
N VAL A 67 -8.87 3.86 2.30
CA VAL A 67 -7.52 3.60 2.86
C VAL A 67 -7.65 3.21 4.34
N PHE A 68 -7.06 2.12 4.73
CA PHE A 68 -7.15 1.68 6.16
C PHE A 68 -5.83 1.98 6.86
N THR A 69 -5.87 2.21 8.14
CA THR A 69 -4.61 2.50 8.89
C THR A 69 -4.55 1.63 10.14
N PRO A 70 -3.36 1.31 10.58
CA PRO A 70 -3.14 0.47 11.78
C PRO A 70 -3.48 1.21 13.08
N GLN A 71 -4.12 0.55 14.00
CA GLN A 71 -4.49 1.23 15.28
C GLN A 71 -3.36 2.16 15.70
N ASP A 72 -2.41 1.67 16.45
CA ASP A 72 -1.28 2.54 16.89
C ASP A 72 -0.11 1.66 17.35
N GLY A 73 -0.40 0.56 18.00
CA GLY A 73 0.69 -0.33 18.48
C GLY A 73 0.77 -1.57 17.59
N ARG A 74 0.94 -2.72 18.17
CA ARG A 74 1.02 -3.97 17.35
C ARG A 74 -0.38 -4.56 17.20
N GLY A 75 -0.72 -5.01 16.02
CA GLY A 75 -2.07 -5.60 15.80
C GLY A 75 -2.75 -4.92 14.62
N ALA A 76 -2.20 -5.06 13.44
CA ALA A 76 -2.82 -4.41 12.24
C ALA A 76 -3.40 -5.49 11.33
N GLU A 77 -3.97 -6.52 11.89
CA GLU A 77 -4.55 -7.61 11.05
C GLU A 77 -6.07 -7.59 11.17
N GLY A 78 -6.57 -7.31 12.34
CA GLY A 78 -8.05 -7.27 12.53
C GLY A 78 -8.45 -6.00 13.28
N GLU A 79 -9.59 -5.45 12.97
CA GLU A 79 -10.03 -4.20 13.67
C GLU A 79 -9.12 -3.05 13.27
N LEU A 80 -9.49 -2.31 12.26
CA LEU A 80 -8.65 -1.17 11.82
C LEU A 80 -9.48 0.12 11.81
N GLY A 81 -8.96 1.17 11.25
CA GLY A 81 -9.73 2.45 11.23
C GLY A 81 -9.54 3.13 9.86
N ALA A 82 -10.27 4.18 9.61
CA ALA A 82 -10.14 4.87 8.30
C ALA A 82 -9.23 6.09 8.46
N ALA A 83 -8.60 6.52 7.40
CA ALA A 83 -7.70 7.71 7.50
C ALA A 83 -8.54 8.99 7.51
N SER A 84 -8.25 9.90 8.41
CA SER A 84 -9.03 11.16 8.46
C SER A 84 -8.57 12.09 7.35
N LYS A 85 -9.29 13.16 7.12
CA LYS A 85 -8.90 14.10 6.04
C LYS A 85 -7.47 14.61 6.29
N ALA A 86 -7.27 15.35 7.35
CA ALA A 86 -5.92 15.87 7.66
C ALA A 86 -4.89 14.76 7.45
N GLN A 87 -5.21 13.55 7.84
CA GLN A 87 -4.25 12.43 7.66
C GLN A 87 -3.73 12.42 6.22
N VAL A 88 -4.56 12.03 5.29
CA VAL A 88 -4.12 12.00 3.87
C VAL A 88 -3.63 13.39 3.46
N GLU A 89 -4.11 14.41 4.11
CA GLU A 89 -3.68 15.79 3.76
C GLU A 89 -2.20 15.97 4.10
N ASN A 90 -1.70 15.22 5.04
CA ASN A 90 -0.26 15.35 5.42
C ASN A 90 0.61 14.76 4.32
N GLU A 91 0.06 13.90 3.50
CA GLU A 91 0.87 13.30 2.40
C GLU A 91 0.46 13.93 1.06
N PHE A 92 -0.76 13.73 0.65
CA PHE A 92 -1.21 14.32 -0.64
C PHE A 92 -2.74 14.26 -0.72
N GLY A 93 -3.42 14.97 0.14
CA GLY A 93 -4.91 14.95 0.12
C GLY A 93 -5.43 16.38 0.09
N LYS A 94 -4.55 17.34 0.10
CA LYS A 94 -4.98 18.76 0.08
C LYS A 94 -5.95 18.98 -1.08
N GLY A 95 -5.49 19.53 -2.16
CA GLY A 95 -6.40 19.77 -3.32
C GLY A 95 -6.20 18.67 -4.36
N LYS A 96 -6.13 17.44 -3.93
CA LYS A 96 -5.93 16.33 -4.90
C LYS A 96 -7.08 15.33 -4.77
N LYS A 97 -7.65 14.93 -5.88
CA LYS A 97 -8.78 13.95 -5.82
C LYS A 97 -8.34 12.70 -5.06
N ILE A 98 -9.22 11.75 -4.91
CA ILE A 98 -8.86 10.50 -4.19
C ILE A 98 -8.19 9.53 -5.17
N GLU A 99 -8.72 9.40 -6.35
CA GLU A 99 -8.12 8.48 -7.34
C GLU A 99 -6.61 8.73 -7.43
N GLU A 100 -6.22 9.94 -7.70
CA GLU A 100 -4.77 10.25 -7.80
C GLU A 100 -4.04 9.68 -6.59
N VAL A 101 -4.48 10.01 -5.41
CA VAL A 101 -3.80 9.48 -4.18
C VAL A 101 -3.56 7.98 -4.35
N ILE A 102 -4.54 7.25 -4.80
CA ILE A 102 -4.36 5.78 -4.99
C ILE A 102 -3.28 5.54 -6.04
N ASP A 103 -3.07 6.46 -6.93
CA ASP A 103 -2.03 6.27 -7.97
C ASP A 103 -0.64 6.38 -7.34
N LEU A 104 -0.32 7.50 -6.77
CA LEU A 104 1.02 7.66 -6.14
C LEU A 104 1.29 6.47 -5.21
N ILE A 105 0.26 5.90 -4.65
CA ILE A 105 0.46 4.74 -3.74
C ILE A 105 0.95 3.54 -4.54
N LEU A 106 0.14 3.01 -5.41
CA LEU A 106 0.57 1.84 -6.23
C LEU A 106 1.99 2.07 -6.73
N ARG A 107 2.27 3.23 -7.26
CA ARG A 107 3.64 3.51 -7.77
C ARG A 107 4.66 3.29 -6.65
N ASN A 108 4.27 3.52 -5.43
CA ASN A 108 5.23 3.31 -4.30
C ASN A 108 5.23 1.83 -3.89
N GLY A 109 4.27 1.42 -3.10
CA GLY A 109 4.22 0.00 -2.68
C GLY A 109 5.53 -0.37 -1.98
N LYS A 110 5.47 -0.70 -0.72
CA LYS A 110 6.71 -1.07 0.02
C LYS A 110 6.50 -2.41 0.72
N PRO A 111 6.22 -3.44 -0.03
CA PRO A 111 5.99 -4.81 0.53
C PRO A 111 7.29 -5.46 1.00
N ASN A 112 7.35 -5.86 2.24
CA ASN A 112 8.58 -6.50 2.77
C ASN A 112 8.22 -7.44 3.93
N SER A 113 7.54 -8.51 3.65
CA SER A 113 7.16 -9.46 4.73
C SER A 113 7.34 -10.90 4.23
N THR A 114 8.52 -11.24 3.82
CA THR A 114 8.76 -12.63 3.33
C THR A 114 10.09 -13.15 3.90
N THR A 115 10.07 -14.31 4.49
CA THR A 115 11.32 -14.88 5.06
C THR A 115 12.13 -15.55 3.95
N SER A 116 11.63 -16.63 3.40
CA SER A 116 12.37 -17.32 2.32
C SER A 116 12.60 -16.36 1.15
N SER A 117 13.60 -15.53 1.26
CA SER A 117 13.87 -14.56 0.15
C SER A 117 14.84 -15.19 -0.84
N LEU A 118 15.22 -14.47 -1.86
CA LEU A 118 16.16 -15.03 -2.87
C LEU A 118 17.58 -14.52 -2.58
N LYS A 119 18.57 -15.30 -2.93
CA LYS A 119 19.97 -14.85 -2.67
C LYS A 119 20.71 -14.68 -4.01
N THR A 120 21.14 -13.48 -4.29
CA THR A 120 21.85 -13.24 -5.58
C THR A 120 23.27 -12.74 -5.29
N LYS A 121 24.23 -13.63 -5.23
CA LYS A 121 25.63 -13.20 -4.95
C LYS A 121 25.79 -12.93 -3.45
N GLY A 122 26.45 -13.80 -2.75
CA GLY A 122 26.64 -13.60 -1.29
C GLY A 122 28.14 -13.49 -0.98
N GLY A 123 28.55 -13.94 0.18
CA GLY A 123 30.00 -13.86 0.54
C GLY A 123 30.80 -14.83 -0.34
N ASN A 124 30.50 -16.10 -0.24
CA ASN A 124 31.25 -17.09 -1.07
C ASN A 124 30.45 -18.39 -1.15
N ALA A 125 29.53 -18.60 -0.23
CA ALA A 125 28.72 -19.84 -0.26
C ALA A 125 29.63 -21.04 -0.56
N GLY A 126 29.05 -22.18 -0.80
CA GLY A 126 29.88 -23.38 -1.11
C GLY A 126 30.22 -23.40 -2.60
N THR A 127 29.62 -24.29 -3.35
CA THR A 127 29.92 -24.35 -4.81
C THR A 127 31.40 -24.04 -5.05
N LYS A 128 31.70 -22.85 -5.48
CA LYS A 128 33.13 -22.48 -5.73
C LYS A 128 33.98 -22.89 -4.52
N ALA A 129 33.64 -22.41 -3.36
CA ALA A 129 34.43 -22.77 -2.14
C ALA A 129 35.92 -22.59 -2.44
N TYR A 130 36.48 -21.48 -2.08
CA TYR A 130 37.93 -21.26 -2.35
C TYR A 130 38.20 -21.36 -3.85
N ASN A 131 38.79 -20.34 -4.42
CA ASN A 131 39.09 -20.38 -5.87
C ASN A 131 40.00 -19.22 -6.25
N MET A 21 -12.23 -17.26 1.62
CA MET A 21 -13.18 -16.16 1.25
C MET A 21 -12.56 -15.29 0.17
N SER A 22 -11.73 -14.35 0.55
CA SER A 22 -11.09 -13.46 -0.45
C SER A 22 -9.57 -13.53 -0.32
N THR A 23 -8.89 -13.95 -1.35
CA THR A 23 -7.41 -14.04 -1.27
C THR A 23 -6.78 -12.82 -1.94
N VAL A 24 -7.05 -11.65 -1.43
CA VAL A 24 -6.48 -10.42 -2.04
C VAL A 24 -5.18 -10.06 -1.32
N THR A 25 -4.53 -9.01 -1.73
CA THR A 25 -3.27 -8.60 -1.08
C THR A 25 -3.35 -7.12 -0.67
N LYS A 26 -2.71 -6.76 0.41
CA LYS A 26 -2.76 -5.34 0.86
C LYS A 26 -1.42 -4.67 0.56
N TYR A 27 -1.40 -3.36 0.49
CA TYR A 27 -0.12 -2.65 0.21
C TYR A 27 0.13 -1.61 1.29
N PHE A 28 1.15 -1.82 2.09
CA PHE A 28 1.45 -0.83 3.17
C PHE A 28 2.11 0.41 2.56
N TYR A 29 2.13 1.50 3.28
CA TYR A 29 2.75 2.74 2.75
C TYR A 29 3.25 3.60 3.90
N LYS A 30 4.53 3.57 4.18
CA LYS A 30 5.07 4.39 5.30
C LYS A 30 4.95 5.87 4.95
N GLY A 31 4.01 6.56 5.55
CA GLY A 31 3.84 8.01 5.25
C GLY A 31 4.77 8.83 6.14
N GLU A 32 4.51 10.09 6.30
CA GLU A 32 5.38 10.94 7.16
C GLU A 32 5.64 10.22 8.48
N ASN A 33 4.72 10.26 9.40
CA ASN A 33 4.93 9.58 10.71
C ASN A 33 4.05 8.33 10.77
N THR A 34 2.79 8.47 10.51
CA THR A 34 1.87 7.29 10.56
C THR A 34 2.01 6.50 9.26
N ASP A 35 1.36 5.36 9.18
CA ASP A 35 1.45 4.54 7.93
C ASP A 35 0.04 4.38 7.34
N LEU A 36 -0.05 4.12 6.06
CA LEU A 36 -1.39 3.95 5.43
C LEU A 36 -1.45 2.58 4.75
N ILE A 37 -2.63 2.06 4.54
CA ILE A 37 -2.76 0.74 3.88
C ILE A 37 -3.85 0.81 2.81
N VAL A 38 -3.67 0.12 1.72
CA VAL A 38 -4.69 0.16 0.63
C VAL A 38 -5.04 -1.27 0.23
N PHE A 39 -6.12 -1.44 -0.50
CA PHE A 39 -6.52 -2.81 -0.93
C PHE A 39 -6.22 -2.98 -2.43
N ALA A 40 -5.79 -4.14 -2.82
CA ALA A 40 -5.47 -4.36 -4.26
C ALA A 40 -5.95 -5.76 -4.67
N ALA A 41 -5.73 -6.13 -5.90
CA ALA A 41 -6.16 -7.48 -6.36
C ALA A 41 -5.00 -8.47 -6.24
N SER A 42 -4.04 -8.36 -7.11
CA SER A 42 -2.87 -9.29 -7.05
C SER A 42 -1.61 -8.57 -7.55
N GLU A 43 -0.46 -9.13 -7.31
CA GLU A 43 0.79 -8.48 -7.77
C GLU A 43 0.87 -8.53 -9.30
N GLU A 44 0.42 -9.60 -9.89
CA GLU A 44 0.47 -9.71 -11.38
C GLU A 44 -0.37 -8.59 -11.99
N LEU A 45 -1.51 -8.31 -11.42
CA LEU A 45 -2.38 -7.24 -11.98
C LEU A 45 -1.72 -5.87 -11.73
N VAL A 46 -1.34 -5.60 -10.51
CA VAL A 46 -0.70 -4.29 -10.21
C VAL A 46 0.46 -4.06 -11.18
N ASP A 47 1.25 -5.06 -11.43
CA ASP A 47 2.40 -4.89 -12.37
C ASP A 47 1.86 -4.53 -13.75
N GLU A 48 0.80 -5.16 -14.19
CA GLU A 48 0.24 -4.84 -15.53
C GLU A 48 -0.30 -3.41 -15.53
N TYR A 49 -0.83 -2.96 -14.43
CA TYR A 49 -1.37 -1.57 -14.38
C TYR A 49 -0.21 -0.58 -14.53
N LEU A 50 0.80 -0.69 -13.71
CA LEU A 50 1.95 0.25 -13.81
C LEU A 50 2.46 0.27 -15.25
N LYS A 51 2.15 -0.73 -16.02
CA LYS A 51 2.62 -0.76 -17.44
C LYS A 51 1.80 0.23 -18.26
N ASN A 52 0.51 0.25 -18.07
CA ASN A 52 -0.35 1.19 -18.85
C ASN A 52 -1.26 1.96 -17.89
N PRO A 53 -0.72 2.91 -17.20
CA PRO A 53 -1.49 3.74 -16.22
C PRO A 53 -2.82 4.23 -16.81
N SER A 54 -3.72 4.69 -15.97
CA SER A 54 -5.03 5.18 -16.47
C SER A 54 -6.05 5.17 -15.33
N ILE A 55 -7.29 5.45 -15.63
CA ILE A 55 -8.32 5.46 -14.57
C ILE A 55 -9.34 4.34 -14.83
N GLY A 56 -9.33 3.80 -16.01
CA GLY A 56 -10.30 2.71 -16.34
C GLY A 56 -9.80 1.39 -15.74
N LYS A 57 -8.55 1.32 -15.39
CA LYS A 57 -8.01 0.07 -14.80
C LYS A 57 -7.85 0.23 -13.29
N LEU A 58 -7.81 1.45 -12.82
CA LEU A 58 -7.67 1.68 -11.36
C LEU A 58 -8.87 1.10 -10.62
N SER A 59 -10.03 1.14 -11.23
CA SER A 59 -11.23 0.59 -10.56
C SER A 59 -11.14 -0.94 -10.50
N GLU A 60 -10.32 -1.52 -11.33
CA GLU A 60 -10.17 -3.01 -11.31
C GLU A 60 -9.16 -3.41 -10.23
N VAL A 61 -8.01 -2.80 -10.22
CA VAL A 61 -7.00 -3.15 -9.19
C VAL A 61 -7.49 -2.70 -7.81
N VAL A 62 -8.16 -1.58 -7.74
CA VAL A 62 -8.68 -1.10 -6.44
C VAL A 62 -10.09 -1.63 -6.21
N GLU A 63 -10.27 -2.54 -5.28
CA GLU A 63 -11.62 -3.09 -5.01
C GLU A 63 -12.40 -2.11 -4.14
N LEU A 64 -11.73 -1.21 -3.48
CA LEU A 64 -12.44 -0.23 -2.62
C LEU A 64 -11.65 1.08 -2.57
N PHE A 65 -12.33 2.19 -2.56
CA PHE A 65 -11.61 3.50 -2.51
C PHE A 65 -11.60 4.03 -1.08
N GLU A 66 -10.88 3.38 -0.20
CA GLU A 66 -10.82 3.84 1.21
C GLU A 66 -9.47 3.46 1.81
N VAL A 67 -8.78 4.40 2.41
CA VAL A 67 -7.46 4.08 3.02
C VAL A 67 -7.65 3.74 4.50
N PHE A 68 -7.12 2.64 4.93
CA PHE A 68 -7.27 2.25 6.37
C PHE A 68 -5.90 2.27 7.04
N THR A 69 -5.87 2.45 8.33
CA THR A 69 -4.56 2.47 9.05
C THR A 69 -4.63 1.56 10.28
N PRO A 70 -3.52 1.02 10.69
CA PRO A 70 -3.45 0.12 11.87
C PRO A 70 -3.67 0.87 13.19
N GLN A 71 -4.65 0.46 13.95
CA GLN A 71 -4.92 1.15 15.24
C GLN A 71 -3.84 0.77 16.26
N ASP A 72 -4.20 0.63 17.50
CA ASP A 72 -3.20 0.26 18.55
C ASP A 72 -2.45 -1.01 18.11
N GLY A 73 -3.04 -2.15 18.30
CA GLY A 73 -2.38 -3.42 17.89
C GLY A 73 -2.25 -3.47 16.37
N ARG A 74 -1.09 -3.80 15.87
CA ARG A 74 -0.90 -3.87 14.40
C ARG A 74 -0.83 -5.33 13.96
N GLY A 75 -0.26 -5.59 12.81
CA GLY A 75 -0.15 -6.99 12.33
C GLY A 75 -1.51 -7.45 11.80
N ALA A 76 -2.34 -6.53 11.38
CA ALA A 76 -3.68 -6.93 10.85
C ALA A 76 -4.44 -7.69 11.93
N GLU A 77 -5.52 -7.13 12.43
CA GLU A 77 -6.31 -7.82 13.47
C GLU A 77 -7.79 -7.76 13.12
N GLY A 78 -8.30 -6.59 12.86
CA GLY A 78 -9.75 -6.46 12.51
C GLY A 78 -10.28 -5.12 13.00
N GLU A 79 -9.56 -4.47 13.87
CA GLU A 79 -10.03 -3.15 14.38
C GLU A 79 -9.10 -2.04 13.87
N LEU A 80 -8.97 -1.92 12.58
CA LEU A 80 -8.09 -0.86 12.02
C LEU A 80 -8.71 0.52 12.27
N GLY A 81 -8.13 1.55 11.73
CA GLY A 81 -8.69 2.91 11.93
C GLY A 81 -8.98 3.55 10.56
N ALA A 82 -10.23 3.77 10.26
CA ALA A 82 -10.57 4.39 8.95
C ALA A 82 -9.78 5.68 8.77
N ALA A 83 -8.85 5.70 7.84
CA ALA A 83 -8.04 6.93 7.62
C ALA A 83 -8.94 8.05 7.12
N SER A 84 -8.86 9.21 7.72
CA SER A 84 -9.72 10.35 7.27
C SER A 84 -8.96 11.19 6.25
N LYS A 85 -9.62 11.64 5.22
CA LYS A 85 -8.93 12.46 4.18
C LYS A 85 -7.99 13.45 4.87
N ALA A 86 -8.29 13.83 6.08
CA ALA A 86 -7.40 14.79 6.81
C ALA A 86 -6.01 14.18 6.97
N GLN A 87 -5.94 12.91 7.26
CA GLN A 87 -4.62 12.25 7.44
C GLN A 87 -3.98 12.02 6.07
N VAL A 88 -4.64 11.31 5.20
CA VAL A 88 -4.06 11.05 3.85
C VAL A 88 -3.68 12.39 3.20
N GLU A 89 -4.30 13.45 3.60
CA GLU A 89 -3.97 14.78 3.01
C GLU A 89 -2.56 15.19 3.45
N ASN A 90 -2.26 15.06 4.71
CA ASN A 90 -0.92 15.45 5.20
C ASN A 90 0.16 14.76 4.34
N GLU A 91 -0.21 13.72 3.66
CA GLU A 91 0.79 13.01 2.79
C GLU A 91 0.79 13.65 1.40
N PHE A 92 -0.34 13.76 0.78
CA PHE A 92 -0.40 14.38 -0.58
C PHE A 92 -1.22 15.67 -0.52
N GLY A 93 -1.17 16.36 0.59
CA GLY A 93 -1.94 17.63 0.70
C GLY A 93 -3.36 17.41 0.18
N LYS A 94 -4.05 18.47 -0.16
CA LYS A 94 -5.44 18.32 -0.68
C LYS A 94 -5.52 18.88 -2.09
N GLY A 95 -4.44 18.83 -2.83
CA GLY A 95 -4.46 19.36 -4.22
C GLY A 95 -4.85 18.24 -5.19
N LYS A 96 -4.48 17.03 -4.89
CA LYS A 96 -4.82 15.90 -5.80
C LYS A 96 -6.07 15.18 -5.26
N LYS A 97 -6.79 14.52 -6.12
CA LYS A 97 -8.01 13.80 -5.65
C LYS A 97 -7.62 12.42 -5.09
N ILE A 98 -8.58 11.64 -4.69
CA ILE A 98 -8.26 10.30 -4.12
C ILE A 98 -7.82 9.37 -5.25
N GLU A 99 -8.09 9.74 -6.47
CA GLU A 99 -7.68 8.87 -7.62
C GLU A 99 -6.16 8.95 -7.81
N GLU A 100 -5.67 10.06 -8.28
CA GLU A 100 -4.20 10.20 -8.48
C GLU A 100 -3.47 9.83 -7.20
N VAL A 101 -4.03 10.16 -6.07
CA VAL A 101 -3.36 9.81 -4.77
C VAL A 101 -3.10 8.32 -4.71
N ILE A 102 -4.13 7.51 -4.70
CA ILE A 102 -3.94 6.05 -4.64
C ILE A 102 -2.92 5.62 -5.69
N ASP A 103 -2.87 6.32 -6.80
CA ASP A 103 -1.89 5.96 -7.86
C ASP A 103 -0.46 6.03 -7.30
N LEU A 104 0.04 7.21 -7.09
CA LEU A 104 1.41 7.36 -6.55
C LEU A 104 1.68 6.23 -5.54
N ILE A 105 0.74 5.95 -4.69
CA ILE A 105 0.95 4.87 -3.68
C ILE A 105 1.17 3.54 -4.41
N LEU A 106 0.57 3.36 -5.55
CA LEU A 106 0.75 2.09 -6.31
C LEU A 106 2.16 2.05 -6.90
N ARG A 107 2.78 3.19 -7.04
CA ARG A 107 4.16 3.22 -7.62
C ARG A 107 5.19 3.03 -6.50
N ASN A 108 4.74 2.97 -5.27
CA ASN A 108 5.69 2.78 -4.13
C ASN A 108 5.46 1.41 -3.48
N GLY A 109 4.54 1.34 -2.56
CA GLY A 109 4.27 0.02 -1.89
C GLY A 109 5.49 -0.38 -1.06
N LYS A 110 5.31 -0.57 0.23
CA LYS A 110 6.46 -0.97 1.09
C LYS A 110 7.71 -0.20 0.66
N PRO A 111 7.63 1.11 0.72
CA PRO A 111 8.77 1.99 0.34
C PRO A 111 10.10 1.53 0.94
N ASN A 112 11.19 1.78 0.27
CA ASN A 112 12.51 1.36 0.82
C ASN A 112 13.51 2.50 0.68
N SER A 113 14.78 2.20 0.70
CA SER A 113 15.81 3.28 0.58
C SER A 113 17.17 2.74 1.00
N THR A 114 17.53 2.91 2.24
CA THR A 114 18.85 2.41 2.73
C THR A 114 19.88 2.58 1.61
N THR A 115 20.59 1.52 1.29
CA THR A 115 21.61 1.61 0.21
C THR A 115 21.89 0.22 -0.35
N SER A 116 21.10 -0.23 -1.28
CA SER A 116 21.33 -1.57 -1.87
C SER A 116 22.02 -1.44 -3.23
N SER A 117 23.07 -2.17 -3.45
CA SER A 117 23.79 -2.08 -4.74
C SER A 117 24.03 -3.48 -5.30
N LEU A 118 23.61 -3.73 -6.51
CA LEU A 118 23.81 -5.07 -7.11
C LEU A 118 23.38 -6.15 -6.11
N LYS A 119 24.30 -6.72 -5.39
CA LYS A 119 23.94 -7.77 -4.39
C LYS A 119 23.21 -7.13 -3.21
N THR A 120 21.93 -7.33 -3.10
CA THR A 120 21.17 -6.72 -1.98
C THR A 120 21.95 -6.93 -0.68
N LYS A 121 22.00 -5.93 0.16
CA LYS A 121 22.73 -6.06 1.44
C LYS A 121 24.22 -6.29 1.16
N GLY A 122 24.83 -5.42 0.38
CA GLY A 122 26.27 -5.60 0.07
C GLY A 122 27.06 -5.81 1.36
N GLY A 123 28.33 -6.11 1.26
CA GLY A 123 29.15 -6.32 2.49
C GLY A 123 30.55 -5.76 2.26
N ASN A 124 31.37 -6.47 1.53
CA ASN A 124 32.75 -5.98 1.28
C ASN A 124 32.98 -5.86 -0.23
N ALA A 125 34.20 -6.05 -0.67
CA ALA A 125 34.50 -5.94 -2.13
C ALA A 125 35.54 -6.99 -2.52
N GLY A 126 35.72 -7.99 -1.70
CA GLY A 126 36.72 -9.05 -2.03
C GLY A 126 37.83 -9.04 -0.97
N THR A 127 37.97 -10.12 -0.24
CA THR A 127 39.03 -10.16 0.81
C THR A 127 40.39 -9.87 0.16
N LYS A 128 40.79 -10.67 -0.78
CA LYS A 128 42.10 -10.44 -1.44
C LYS A 128 42.12 -11.14 -2.81
N ALA A 129 41.31 -12.16 -2.97
CA ALA A 129 41.28 -12.88 -4.28
C ALA A 129 40.06 -13.80 -4.32
N TYR A 130 40.27 -15.08 -4.45
CA TYR A 130 39.12 -16.02 -4.49
C TYR A 130 38.13 -15.56 -5.56
N ASN A 131 38.60 -14.96 -6.61
CA ASN A 131 37.69 -14.48 -7.68
C ASN A 131 36.46 -13.83 -7.05
N MET A 21 -12.42 -12.43 -7.95
CA MET A 21 -12.51 -13.92 -7.90
C MET A 21 -11.10 -14.50 -7.71
N SER A 22 -10.26 -13.82 -6.97
CA SER A 22 -8.88 -14.34 -6.76
C SER A 22 -8.46 -14.06 -5.31
N THR A 23 -7.25 -13.59 -5.11
CA THR A 23 -6.79 -13.30 -3.72
C THR A 23 -6.51 -11.81 -3.58
N VAL A 24 -7.19 -11.15 -2.69
CA VAL A 24 -6.97 -9.69 -2.49
C VAL A 24 -5.66 -9.47 -1.74
N THR A 25 -4.90 -8.48 -2.14
CA THR A 25 -3.61 -8.22 -1.45
C THR A 25 -3.63 -6.82 -0.83
N LYS A 26 -2.96 -6.63 0.27
CA LYS A 26 -2.94 -5.28 0.91
C LYS A 26 -1.57 -4.63 0.70
N TYR A 27 -1.55 -3.41 0.23
CA TYR A 27 -0.25 -2.73 0.01
C TYR A 27 -0.01 -1.70 1.12
N PHE A 28 1.06 -1.84 1.86
CA PHE A 28 1.35 -0.87 2.95
C PHE A 28 2.01 0.37 2.36
N TYR A 29 1.95 1.47 3.06
CA TYR A 29 2.58 2.72 2.54
C TYR A 29 3.13 3.54 3.71
N LYS A 30 4.42 3.49 3.92
CA LYS A 30 5.03 4.26 5.04
C LYS A 30 5.30 5.70 4.58
N GLY A 31 4.49 6.63 5.00
CA GLY A 31 4.71 8.05 4.58
C GLY A 31 5.83 8.66 5.43
N GLU A 32 5.85 9.97 5.54
CA GLU A 32 6.91 10.62 6.36
C GLU A 32 6.84 10.11 7.79
N ASN A 33 5.67 10.11 8.38
CA ASN A 33 5.52 9.64 9.78
C ASN A 33 4.21 8.86 9.92
N THR A 34 3.20 9.26 9.21
CA THR A 34 1.89 8.54 9.31
C THR A 34 1.90 7.34 8.37
N ASP A 35 1.44 6.20 8.84
CA ASP A 35 1.42 4.99 7.98
C ASP A 35 -0.02 4.71 7.54
N LEU A 36 -0.21 4.35 6.29
CA LEU A 36 -1.59 4.07 5.82
C LEU A 36 -1.59 2.78 4.98
N ILE A 37 -2.69 2.08 4.96
CA ILE A 37 -2.74 0.82 4.16
C ILE A 37 -3.86 0.93 3.11
N VAL A 38 -3.70 0.26 2.00
CA VAL A 38 -4.75 0.34 0.93
C VAL A 38 -5.13 -1.08 0.50
N PHE A 39 -6.34 -1.26 0.05
CA PHE A 39 -6.77 -2.62 -0.40
C PHE A 39 -6.47 -2.78 -1.88
N ALA A 40 -6.11 -3.96 -2.30
CA ALA A 40 -5.81 -4.18 -3.75
C ALA A 40 -6.30 -5.57 -4.16
N ALA A 41 -6.16 -5.91 -5.41
CA ALA A 41 -6.60 -7.24 -5.88
C ALA A 41 -5.42 -8.21 -5.86
N SER A 42 -4.69 -8.29 -6.95
CA SER A 42 -3.51 -9.21 -7.00
C SER A 42 -2.26 -8.42 -7.38
N GLU A 43 -1.11 -9.02 -7.27
CA GLU A 43 0.15 -8.30 -7.62
C GLU A 43 0.35 -8.37 -9.14
N GLU A 44 -0.12 -9.40 -9.77
CA GLU A 44 0.04 -9.52 -11.25
C GLU A 44 -0.57 -8.28 -11.93
N LEU A 45 -1.76 -7.91 -11.55
CA LEU A 45 -2.40 -6.72 -12.17
C LEU A 45 -1.66 -5.45 -11.74
N VAL A 46 -1.39 -5.32 -10.47
CA VAL A 46 -0.66 -4.11 -9.99
C VAL A 46 0.59 -3.90 -10.83
N ASP A 47 1.31 -4.94 -11.13
CA ASP A 47 2.54 -4.80 -11.95
C ASP A 47 2.16 -4.46 -13.38
N GLU A 48 0.98 -4.83 -13.80
CA GLU A 48 0.55 -4.54 -15.20
C GLU A 48 0.19 -3.05 -15.32
N TYR A 49 -0.57 -2.54 -14.38
CA TYR A 49 -0.97 -1.10 -14.44
C TYR A 49 0.30 -0.23 -14.45
N LEU A 50 1.20 -0.48 -13.53
CA LEU A 50 2.45 0.33 -13.49
C LEU A 50 3.00 0.51 -14.91
N LYS A 51 2.80 -0.47 -15.76
CA LYS A 51 3.31 -0.37 -17.15
C LYS A 51 2.23 0.24 -18.04
N ASN A 52 1.17 0.73 -17.46
CA ASN A 52 0.09 1.34 -18.27
C ASN A 52 -0.77 2.23 -17.39
N PRO A 53 -0.19 3.26 -16.84
CA PRO A 53 -0.90 4.22 -15.95
C PRO A 53 -1.85 5.14 -16.73
N SER A 54 -3.13 5.01 -16.53
CA SER A 54 -4.10 5.87 -17.26
C SER A 54 -5.50 5.64 -16.70
N ILE A 55 -5.62 5.39 -15.43
CA ILE A 55 -6.96 5.15 -14.82
C ILE A 55 -7.70 4.09 -15.64
N GLY A 56 -8.92 3.80 -15.29
CA GLY A 56 -9.70 2.77 -16.04
C GLY A 56 -9.41 1.39 -15.46
N LYS A 57 -8.26 0.85 -15.73
CA LYS A 57 -7.92 -0.51 -15.19
C LYS A 57 -7.77 -0.42 -13.67
N LEU A 58 -7.73 0.77 -13.13
CA LEU A 58 -7.59 0.92 -11.66
C LEU A 58 -8.76 0.22 -10.97
N SER A 59 -9.97 0.56 -11.32
CA SER A 59 -11.14 -0.08 -10.68
C SER A 59 -10.91 -1.59 -10.56
N GLU A 60 -10.29 -2.18 -11.54
CA GLU A 60 -10.03 -3.64 -11.48
C GLU A 60 -8.97 -3.93 -10.42
N VAL A 61 -8.00 -3.06 -10.27
CA VAL A 61 -6.95 -3.29 -9.25
C VAL A 61 -7.53 -3.08 -7.85
N VAL A 62 -8.12 -1.94 -7.61
CA VAL A 62 -8.70 -1.69 -6.26
C VAL A 62 -10.22 -1.93 -6.30
N GLU A 63 -10.69 -2.87 -5.54
CA GLU A 63 -12.16 -3.16 -5.53
C GLU A 63 -12.85 -2.24 -4.54
N LEU A 64 -12.15 -1.77 -3.54
CA LEU A 64 -12.77 -0.86 -2.54
C LEU A 64 -11.94 0.42 -2.44
N PHE A 65 -12.56 1.55 -2.65
CA PHE A 65 -11.81 2.84 -2.55
C PHE A 65 -11.87 3.37 -1.12
N GLU A 66 -10.87 3.09 -0.33
CA GLU A 66 -10.88 3.59 1.07
C GLU A 66 -9.49 3.40 1.68
N VAL A 67 -9.04 4.34 2.45
CA VAL A 67 -7.69 4.22 3.08
C VAL A 67 -7.84 3.98 4.58
N PHE A 68 -7.02 3.14 5.15
CA PHE A 68 -7.12 2.87 6.61
C PHE A 68 -5.74 3.03 7.25
N THR A 69 -5.65 2.86 8.53
CA THR A 69 -4.32 3.01 9.21
C THR A 69 -4.27 2.07 10.42
N PRO A 70 -3.09 1.59 10.75
CA PRO A 70 -2.90 0.67 11.90
C PRO A 70 -3.04 1.39 13.25
N GLN A 71 -3.74 0.80 14.18
CA GLN A 71 -3.92 1.45 15.50
C GLN A 71 -2.79 1.00 16.44
N ASP A 72 -1.58 1.41 16.17
CA ASP A 72 -0.45 1.00 17.05
C ASP A 72 -0.47 -0.52 17.24
N GLY A 73 -0.54 -1.26 16.16
CA GLY A 73 -0.56 -2.74 16.27
C GLY A 73 0.62 -3.33 15.51
N ARG A 74 0.80 -4.62 15.59
CA ARG A 74 1.94 -5.26 14.87
C ARG A 74 1.45 -5.81 13.53
N GLY A 75 0.49 -5.17 12.93
CA GLY A 75 -0.03 -5.66 11.62
C GLY A 75 -1.56 -5.71 11.66
N ALA A 76 -2.15 -6.52 10.82
CA ALA A 76 -3.64 -6.62 10.81
C ALA A 76 -4.10 -7.42 12.04
N GLU A 77 -5.28 -7.15 12.52
CA GLU A 77 -5.79 -7.89 13.71
C GLU A 77 -7.20 -8.41 13.43
N GLY A 78 -8.04 -7.58 12.87
CA GLY A 78 -9.43 -8.02 12.57
C GLY A 78 -10.33 -6.80 12.39
N GLU A 79 -10.02 -5.72 13.05
CA GLU A 79 -10.87 -4.50 12.93
C GLU A 79 -9.97 -3.28 12.78
N LEU A 80 -9.62 -2.93 11.56
CA LEU A 80 -8.75 -1.74 11.34
C LEU A 80 -9.58 -0.46 11.50
N GLY A 81 -8.92 0.65 11.73
CA GLY A 81 -9.67 1.93 11.89
C GLY A 81 -9.50 2.79 10.64
N ALA A 82 -10.58 3.25 10.07
CA ALA A 82 -10.47 4.09 8.84
C ALA A 82 -9.64 5.34 9.15
N ALA A 83 -9.26 6.08 8.15
CA ALA A 83 -8.44 7.31 8.39
C ALA A 83 -9.25 8.54 7.97
N SER A 84 -8.77 9.70 8.29
CA SER A 84 -9.51 10.95 7.91
C SER A 84 -8.90 11.53 6.64
N LYS A 85 -9.71 11.90 5.69
CA LYS A 85 -9.18 12.48 4.42
C LYS A 85 -8.14 13.55 4.76
N ALA A 86 -8.28 14.21 5.88
CA ALA A 86 -7.30 15.26 6.26
C ALA A 86 -5.99 14.60 6.70
N GLN A 87 -6.08 13.44 7.29
CA GLN A 87 -4.84 12.75 7.74
C GLN A 87 -4.04 12.27 6.53
N VAL A 88 -4.72 12.00 5.44
CA VAL A 88 -3.99 11.53 4.21
C VAL A 88 -3.38 12.74 3.49
N GLU A 89 -4.12 13.79 3.35
CA GLU A 89 -3.59 15.00 2.65
C GLU A 89 -2.32 15.47 3.35
N ASN A 90 -2.30 15.42 4.66
CA ASN A 90 -1.09 15.87 5.40
C ASN A 90 0.15 15.21 4.81
N GLU A 91 -0.02 14.16 4.05
CA GLU A 91 1.14 13.46 3.45
C GLU A 91 1.32 13.92 2.00
N PHE A 92 0.28 13.85 1.22
CA PHE A 92 0.39 14.28 -0.20
C PHE A 92 -0.12 15.72 -0.34
N GLY A 93 -1.04 16.12 0.49
CA GLY A 93 -1.58 17.50 0.41
C GLY A 93 -2.97 17.47 -0.23
N LYS A 94 -3.57 18.62 -0.41
CA LYS A 94 -4.94 18.65 -1.01
C LYS A 94 -4.80 18.79 -2.53
N GLY A 95 -5.84 19.28 -3.18
CA GLY A 95 -5.77 19.45 -4.65
C GLY A 95 -5.86 18.08 -5.33
N LYS A 96 -5.82 17.03 -4.57
CA LYS A 96 -5.89 15.66 -5.16
C LYS A 96 -7.11 14.92 -4.59
N LYS A 97 -7.54 13.88 -5.24
CA LYS A 97 -8.72 13.12 -4.72
C LYS A 97 -8.25 11.77 -4.18
N ILE A 98 -9.09 10.77 -4.23
CA ILE A 98 -8.70 9.44 -3.72
C ILE A 98 -8.13 8.59 -4.87
N GLU A 99 -8.40 8.97 -6.08
CA GLU A 99 -7.87 8.19 -7.24
C GLU A 99 -6.42 8.59 -7.51
N GLU A 100 -6.13 9.86 -7.48
CA GLU A 100 -4.74 10.32 -7.72
C GLU A 100 -3.82 9.77 -6.63
N VAL A 101 -4.13 10.04 -5.39
CA VAL A 101 -3.28 9.54 -4.28
C VAL A 101 -3.04 8.03 -4.46
N ILE A 102 -4.08 7.25 -4.48
CA ILE A 102 -3.91 5.78 -4.65
C ILE A 102 -2.91 5.52 -5.77
N ASP A 103 -3.21 5.94 -6.97
CA ASP A 103 -2.27 5.72 -8.10
C ASP A 103 -0.83 5.88 -7.61
N LEU A 104 -0.54 6.98 -6.97
CA LEU A 104 0.85 7.20 -6.47
C LEU A 104 1.24 6.05 -5.55
N ILE A 105 0.44 5.77 -4.56
CA ILE A 105 0.78 4.65 -3.62
C ILE A 105 1.31 3.46 -4.42
N LEU A 106 0.62 3.08 -5.47
CA LEU A 106 1.09 1.92 -6.28
C LEU A 106 2.49 2.21 -6.81
N ARG A 107 2.75 3.41 -7.22
CA ARG A 107 4.11 3.75 -7.74
C ARG A 107 5.17 3.07 -6.87
N ASN A 108 4.92 2.96 -5.59
CA ASN A 108 5.92 2.31 -4.70
C ASN A 108 5.42 0.92 -4.32
N GLY A 109 4.57 0.83 -3.33
CA GLY A 109 4.05 -0.51 -2.92
C GLY A 109 5.10 -1.23 -2.08
N LYS A 110 5.01 -1.14 -0.78
CA LYS A 110 6.00 -1.83 0.09
C LYS A 110 7.40 -1.31 -0.23
N PRO A 111 7.63 -0.03 -0.03
CA PRO A 111 8.94 0.60 -0.31
C PRO A 111 9.99 0.25 0.75
N ASN A 112 10.94 -0.57 0.41
CA ASN A 112 11.99 -0.95 1.40
C ASN A 112 12.81 0.29 1.79
N SER A 113 12.91 0.58 3.05
CA SER A 113 13.68 1.78 3.48
C SER A 113 15.18 1.50 3.30
N THR A 114 15.91 2.45 2.79
CA THR A 114 17.37 2.25 2.60
C THR A 114 18.07 2.22 3.95
N THR A 115 18.19 3.35 4.60
CA THR A 115 18.86 3.39 5.93
C THR A 115 20.18 2.62 5.85
N SER A 116 21.08 3.05 5.00
CA SER A 116 22.38 2.34 4.88
C SER A 116 23.47 3.15 5.57
N SER A 117 23.08 4.07 6.43
CA SER A 117 24.10 4.90 7.14
C SER A 117 24.41 4.29 8.49
N LEU A 118 24.44 5.07 9.53
CA LEU A 118 24.73 4.52 10.88
C LEU A 118 23.44 4.43 11.69
N LYS A 119 23.41 3.57 12.67
CA LYS A 119 22.17 3.43 13.50
C LYS A 119 22.31 4.28 14.76
N THR A 120 23.49 4.73 15.06
CA THR A 120 23.69 5.57 16.28
C THR A 120 23.27 7.01 15.99
N LYS A 121 22.02 7.24 15.71
CA LYS A 121 21.57 8.62 15.42
C LYS A 121 20.52 9.04 16.44
N GLY A 122 19.82 8.10 17.01
CA GLY A 122 18.78 8.46 18.02
C GLY A 122 19.11 7.77 19.35
N GLY A 123 20.24 7.12 19.42
CA GLY A 123 20.62 6.43 20.69
C GLY A 123 21.75 7.20 21.38
N ASN A 124 22.69 6.50 21.96
CA ASN A 124 23.81 7.19 22.64
C ASN A 124 24.61 8.01 21.63
N ALA A 125 25.32 9.00 22.08
CA ALA A 125 26.13 9.83 21.13
C ALA A 125 27.05 10.76 21.92
N GLY A 126 28.16 11.15 21.32
CA GLY A 126 29.10 12.05 22.05
C GLY A 126 29.72 13.04 21.06
N THR A 127 28.91 13.65 20.24
CA THR A 127 29.45 14.63 19.25
C THR A 127 30.60 13.99 18.48
N LYS A 128 31.79 14.06 19.00
CA LYS A 128 32.95 13.46 18.29
C LYS A 128 32.78 13.63 16.78
N ALA A 129 32.38 14.80 16.35
CA ALA A 129 32.19 15.04 14.89
C ALA A 129 33.29 15.96 14.37
N TYR A 130 34.35 15.41 13.85
CA TYR A 130 35.46 16.26 13.32
C TYR A 130 35.84 15.79 11.92
N ASN A 131 36.51 14.67 11.82
CA ASN A 131 36.92 14.16 10.48
C ASN A 131 36.06 12.95 10.12
N MET A 21 -6.62 -14.21 6.41
CA MET A 21 -8.07 -14.09 6.11
C MET A 21 -8.32 -12.84 5.26
N SER A 22 -7.27 -12.19 4.83
CA SER A 22 -7.44 -10.96 3.99
C SER A 22 -8.26 -11.32 2.75
N THR A 23 -8.22 -12.54 2.32
CA THR A 23 -8.99 -12.94 1.12
C THR A 23 -8.36 -12.31 -0.13
N VAL A 24 -7.57 -11.29 0.06
CA VAL A 24 -6.93 -10.63 -1.12
C VAL A 24 -5.54 -10.14 -0.72
N THR A 25 -4.94 -9.31 -1.52
CA THR A 25 -3.58 -8.78 -1.18
C THR A 25 -3.68 -7.30 -0.86
N LYS A 26 -2.95 -6.85 0.14
CA LYS A 26 -3.00 -5.41 0.51
C LYS A 26 -1.64 -4.77 0.23
N TYR A 27 -1.59 -3.47 0.12
CA TYR A 27 -0.29 -2.79 -0.14
C TYR A 27 -0.01 -1.78 0.97
N PHE A 28 1.22 -1.69 1.40
CA PHE A 28 1.55 -0.73 2.49
C PHE A 28 2.14 0.55 1.88
N TYR A 29 2.13 1.63 2.60
CA TYR A 29 2.69 2.90 2.06
C TYR A 29 3.22 3.75 3.21
N LYS A 30 4.50 3.66 3.47
CA LYS A 30 5.10 4.46 4.58
C LYS A 30 5.00 5.94 4.24
N GLY A 31 4.22 6.69 4.97
CA GLY A 31 4.09 8.15 4.69
C GLY A 31 5.23 8.90 5.37
N GLU A 32 5.36 10.17 5.11
CA GLU A 32 6.44 10.97 5.74
C GLU A 32 6.50 10.65 7.24
N ASN A 33 5.38 10.33 7.82
CA ASN A 33 5.37 10.02 9.28
C ASN A 33 4.26 9.00 9.58
N THR A 34 3.07 9.26 9.13
CA THR A 34 1.95 8.31 9.38
C THR A 34 1.98 7.20 8.34
N ASP A 35 1.59 6.01 8.71
CA ASP A 35 1.59 4.88 7.72
C ASP A 35 0.16 4.59 7.30
N LEU A 36 -0.06 4.40 6.02
CA LEU A 36 -1.44 4.10 5.55
C LEU A 36 -1.45 2.76 4.81
N ILE A 37 -2.60 2.18 4.65
CA ILE A 37 -2.69 0.86 3.94
C ILE A 37 -3.88 0.86 2.99
N VAL A 38 -3.82 0.08 1.94
CA VAL A 38 -4.95 0.03 0.98
C VAL A 38 -5.23 -1.42 0.59
N PHE A 39 -6.23 -1.65 -0.21
CA PHE A 39 -6.55 -3.04 -0.64
C PHE A 39 -6.06 -3.27 -2.07
N ALA A 40 -6.05 -4.50 -2.51
CA ALA A 40 -5.57 -4.79 -3.89
C ALA A 40 -6.15 -6.13 -4.36
N ALA A 41 -6.31 -6.30 -5.64
CA ALA A 41 -6.88 -7.57 -6.16
C ALA A 41 -5.74 -8.58 -6.36
N SER A 42 -5.30 -8.74 -7.58
CA SER A 42 -4.19 -9.71 -7.85
C SER A 42 -2.90 -8.94 -8.14
N GLU A 43 -1.78 -9.47 -7.73
CA GLU A 43 -0.48 -8.77 -7.98
C GLU A 43 -0.27 -8.63 -9.50
N GLU A 44 -0.51 -9.69 -10.24
CA GLU A 44 -0.33 -9.61 -11.71
C GLU A 44 -1.01 -8.36 -12.25
N LEU A 45 -2.10 -7.96 -11.65
CA LEU A 45 -2.81 -6.74 -12.13
C LEU A 45 -2.04 -5.49 -11.70
N VAL A 46 -1.73 -5.39 -10.43
CA VAL A 46 -0.98 -4.20 -9.95
C VAL A 46 0.25 -3.97 -10.84
N ASP A 47 1.07 -4.97 -11.01
CA ASP A 47 2.28 -4.80 -11.86
C ASP A 47 1.85 -4.33 -13.25
N GLU A 48 0.95 -5.04 -13.88
CA GLU A 48 0.50 -4.63 -15.25
C GLU A 48 0.17 -3.13 -15.24
N TYR A 49 -0.48 -2.66 -14.21
CA TYR A 49 -0.84 -1.22 -14.14
C TYR A 49 0.44 -0.38 -14.14
N LEU A 50 1.39 -0.74 -13.33
CA LEU A 50 2.66 0.04 -13.28
C LEU A 50 3.16 0.30 -14.70
N LYS A 51 3.05 -0.67 -15.57
CA LYS A 51 3.51 -0.46 -16.97
C LYS A 51 2.42 0.27 -17.76
N ASN A 52 1.33 0.59 -17.12
CA ASN A 52 0.22 1.29 -17.83
C ASN A 52 -0.59 2.11 -16.83
N PRO A 53 0.02 3.10 -16.23
CA PRO A 53 -0.65 3.98 -15.24
C PRO A 53 -1.67 4.91 -15.87
N SER A 54 -2.94 4.67 -15.63
CA SER A 54 -3.99 5.53 -16.22
C SER A 54 -5.13 5.71 -15.22
N ILE A 55 -6.35 5.63 -15.68
CA ILE A 55 -7.51 5.80 -14.75
C ILE A 55 -8.59 4.78 -15.10
N GLY A 56 -8.34 3.95 -16.07
CA GLY A 56 -9.37 2.93 -16.45
C GLY A 56 -9.08 1.62 -15.71
N LYS A 57 -8.07 0.91 -16.12
CA LYS A 57 -7.74 -0.38 -15.43
C LYS A 57 -7.61 -0.14 -13.93
N LEU A 58 -7.51 1.10 -13.52
CA LEU A 58 -7.36 1.40 -12.07
C LEU A 58 -8.44 0.64 -11.29
N SER A 59 -9.68 0.98 -11.50
CA SER A 59 -10.78 0.28 -10.77
C SER A 59 -10.59 -1.23 -10.91
N GLU A 60 -10.34 -1.70 -12.10
CA GLU A 60 -10.15 -3.17 -12.30
C GLU A 60 -9.11 -3.69 -11.30
N VAL A 61 -8.34 -2.82 -10.73
CA VAL A 61 -7.31 -3.27 -9.74
C VAL A 61 -7.80 -2.99 -8.32
N VAL A 62 -8.05 -1.75 -8.01
CA VAL A 62 -8.53 -1.42 -6.63
C VAL A 62 -9.98 -1.87 -6.47
N GLU A 63 -10.26 -2.68 -5.49
CA GLU A 63 -11.65 -3.15 -5.28
C GLU A 63 -12.31 -2.32 -4.18
N LEU A 64 -11.55 -1.83 -3.25
CA LEU A 64 -12.13 -1.00 -2.15
C LEU A 64 -11.51 0.39 -2.17
N PHE A 65 -12.31 1.39 -2.40
CA PHE A 65 -11.77 2.78 -2.44
C PHE A 65 -11.76 3.37 -1.03
N GLU A 66 -10.81 2.97 -0.22
CA GLU A 66 -10.76 3.51 1.17
C GLU A 66 -9.36 3.27 1.75
N VAL A 67 -8.82 4.24 2.45
CA VAL A 67 -7.46 4.05 3.03
C VAL A 67 -7.59 3.65 4.50
N PHE A 68 -7.14 2.47 4.85
CA PHE A 68 -7.23 2.03 6.26
C PHE A 68 -5.88 2.24 6.96
N THR A 69 -5.90 2.52 8.23
CA THR A 69 -4.62 2.73 8.96
C THR A 69 -4.77 2.26 10.41
N PRO A 70 -3.68 1.89 11.02
CA PRO A 70 -3.67 1.42 12.44
C PRO A 70 -3.92 2.54 13.44
N GLN A 71 -4.49 2.24 14.57
CA GLN A 71 -4.75 3.30 15.58
C GLN A 71 -4.29 2.81 16.96
N ASP A 72 -5.13 2.08 17.66
CA ASP A 72 -4.73 1.58 19.00
C ASP A 72 -3.36 0.89 18.91
N GLY A 73 -2.92 0.58 17.72
CA GLY A 73 -1.61 -0.09 17.56
C GLY A 73 -1.75 -1.58 17.86
N ARG A 74 -0.72 -2.35 17.59
CA ARG A 74 -0.79 -3.81 17.86
C ARG A 74 -2.04 -4.39 17.19
N GLY A 75 -2.11 -4.34 15.88
CA GLY A 75 -3.29 -4.89 15.17
C GLY A 75 -2.83 -5.73 13.98
N ALA A 76 -2.80 -5.17 12.81
CA ALA A 76 -2.35 -5.94 11.62
C ALA A 76 -3.06 -7.30 11.61
N GLU A 77 -4.33 -7.32 11.89
CA GLU A 77 -5.08 -8.62 11.90
C GLU A 77 -6.58 -8.34 11.92
N GLY A 78 -6.96 -7.15 12.27
CA GLY A 78 -8.42 -6.81 12.31
C GLY A 78 -8.77 -5.94 11.10
N GLU A 79 -9.92 -5.31 11.12
CA GLU A 79 -10.32 -4.44 9.98
C GLU A 79 -9.50 -3.15 10.02
N LEU A 80 -8.48 -3.11 10.82
CA LEU A 80 -7.64 -1.87 10.90
C LEU A 80 -8.53 -0.67 11.25
N GLY A 81 -7.96 0.50 11.30
CA GLY A 81 -8.78 1.70 11.63
C GLY A 81 -9.05 2.51 10.36
N ALA A 82 -9.65 3.65 10.49
CA ALA A 82 -9.94 4.48 9.28
C ALA A 82 -9.21 5.83 9.39
N ALA A 83 -8.97 6.47 8.28
CA ALA A 83 -8.26 7.77 8.31
C ALA A 83 -9.26 8.90 8.05
N SER A 84 -8.79 10.11 7.94
CA SER A 84 -9.70 11.26 7.68
C SER A 84 -9.13 12.14 6.58
N LYS A 85 -9.97 12.82 5.85
CA LYS A 85 -9.46 13.71 4.76
C LYS A 85 -8.24 14.47 5.25
N ALA A 86 -8.11 14.64 6.53
CA ALA A 86 -6.93 15.38 7.07
C ALA A 86 -5.69 14.48 7.04
N GLN A 87 -5.81 13.29 7.57
CA GLN A 87 -4.65 12.36 7.57
C GLN A 87 -4.15 12.16 6.14
N VAL A 88 -5.05 11.97 5.21
CA VAL A 88 -4.64 11.77 3.80
C VAL A 88 -4.13 13.08 3.22
N GLU A 89 -4.51 14.19 3.80
CA GLU A 89 -4.05 15.51 3.29
C GLU A 89 -2.66 15.82 3.85
N ASN A 90 -2.54 15.89 5.15
CA ASN A 90 -1.21 16.19 5.76
C ASN A 90 -0.12 15.42 5.01
N GLU A 91 -0.45 14.26 4.51
CA GLU A 91 0.56 13.46 3.77
C GLU A 91 0.68 13.97 2.33
N PHE A 92 -0.26 13.61 1.49
CA PHE A 92 -0.21 14.07 0.07
C PHE A 92 -0.55 15.56 0.01
N GLY A 93 -1.62 15.96 0.65
CA GLY A 93 -2.01 17.40 0.63
C GLY A 93 -3.28 17.57 -0.20
N LYS A 94 -4.09 18.55 0.13
CA LYS A 94 -5.35 18.77 -0.63
C LYS A 94 -5.01 19.17 -2.07
N GLY A 95 -5.95 19.05 -2.97
CA GLY A 95 -5.68 19.42 -4.39
C GLY A 95 -5.82 18.18 -5.27
N LYS A 96 -5.74 17.01 -4.69
CA LYS A 96 -5.88 15.77 -5.50
C LYS A 96 -7.11 14.98 -5.04
N LYS A 97 -7.40 13.89 -5.68
CA LYS A 97 -8.59 13.08 -5.28
C LYS A 97 -8.12 11.76 -4.67
N ILE A 98 -9.04 10.90 -4.32
CA ILE A 98 -8.66 9.59 -3.73
C ILE A 98 -8.11 8.68 -4.82
N GLU A 99 -8.46 8.94 -6.05
CA GLU A 99 -7.96 8.08 -7.16
C GLU A 99 -6.50 8.42 -7.45
N GLU A 100 -6.19 9.67 -7.65
CA GLU A 100 -4.78 10.05 -7.93
C GLU A 100 -3.90 9.71 -6.71
N VAL A 101 -4.44 9.81 -5.54
CA VAL A 101 -3.64 9.49 -4.32
C VAL A 101 -3.30 8.00 -4.32
N ILE A 102 -4.28 7.15 -4.35
CA ILE A 102 -3.99 5.69 -4.35
C ILE A 102 -2.94 5.36 -5.42
N ASP A 103 -2.84 6.19 -6.43
CA ASP A 103 -1.83 5.93 -7.50
C ASP A 103 -0.42 6.08 -6.92
N LEU A 104 -0.08 7.25 -6.45
CA LEU A 104 1.27 7.46 -5.87
C LEU A 104 1.62 6.27 -4.96
N ILE A 105 0.64 5.69 -4.32
CA ILE A 105 0.92 4.54 -3.42
C ILE A 105 1.36 3.34 -4.27
N LEU A 106 0.61 3.01 -5.28
CA LEU A 106 0.99 1.86 -6.14
C LEU A 106 2.30 2.16 -6.88
N ARG A 107 2.73 3.39 -6.84
CA ARG A 107 4.00 3.76 -7.54
C ARG A 107 5.19 3.30 -6.70
N ASN A 108 5.02 3.20 -5.41
CA ASN A 108 6.15 2.75 -4.55
C ASN A 108 5.95 1.29 -4.15
N GLY A 109 4.94 1.00 -3.37
CA GLY A 109 4.69 -0.41 -2.95
C GLY A 109 5.85 -0.90 -2.09
N LYS A 110 5.57 -1.38 -0.91
CA LYS A 110 6.67 -1.87 -0.03
C LYS A 110 6.19 -3.13 0.71
N PRO A 111 5.65 -4.07 -0.01
CA PRO A 111 5.14 -5.34 0.57
C PRO A 111 6.27 -6.22 1.12
N ASN A 112 7.46 -5.69 1.18
CA ASN A 112 8.61 -6.50 1.70
C ASN A 112 8.66 -6.39 3.22
N SER A 113 8.76 -7.49 3.90
CA SER A 113 8.82 -7.45 5.40
C SER A 113 7.55 -6.79 5.93
N THR A 114 7.01 -7.30 7.01
CA THR A 114 5.78 -6.69 7.58
C THR A 114 5.95 -6.49 9.09
N THR A 115 4.96 -5.94 9.73
CA THR A 115 5.07 -5.72 11.20
C THR A 115 4.24 -6.76 11.95
N SER A 116 4.45 -8.02 11.66
CA SER A 116 3.67 -9.09 12.34
C SER A 116 4.62 -10.01 13.09
N SER A 117 4.27 -11.26 13.26
CA SER A 117 5.15 -12.21 13.98
C SER A 117 6.21 -12.75 13.02
N LEU A 118 6.52 -14.01 13.13
CA LEU A 118 7.54 -14.61 12.22
C LEU A 118 6.85 -15.53 11.20
N LYS A 119 7.47 -15.75 10.07
CA LYS A 119 6.85 -16.63 9.05
C LYS A 119 7.94 -17.42 8.33
N THR A 120 9.16 -16.97 8.39
CA THR A 120 10.27 -17.70 7.70
C THR A 120 10.02 -17.68 6.19
N LYS A 121 10.91 -17.10 5.44
CA LYS A 121 10.73 -17.07 3.96
C LYS A 121 10.25 -18.43 3.47
N GLY A 122 9.80 -18.52 2.25
CA GLY A 122 9.32 -19.82 1.71
C GLY A 122 7.83 -19.71 1.39
N GLY A 123 7.25 -20.76 0.85
CA GLY A 123 5.81 -20.73 0.51
C GLY A 123 5.00 -21.45 1.59
N ASN A 124 5.22 -21.11 2.83
CA ASN A 124 4.47 -21.78 3.93
C ASN A 124 3.50 -20.79 4.58
N ALA A 125 2.35 -20.60 3.99
CA ALA A 125 1.36 -19.65 4.58
C ALA A 125 1.30 -19.84 6.09
N GLY A 126 2.12 -19.13 6.83
CA GLY A 126 2.11 -19.28 8.31
C GLY A 126 2.98 -20.47 8.72
N THR A 127 2.83 -20.94 9.93
CA THR A 127 3.65 -22.10 10.38
C THR A 127 2.78 -23.35 10.43
N LYS A 128 2.50 -23.93 9.29
CA LYS A 128 1.65 -25.16 9.27
C LYS A 128 2.54 -26.39 8.99
N ALA A 129 2.59 -27.31 9.92
CA ALA A 129 3.44 -28.52 9.72
C ALA A 129 4.87 -28.10 9.37
N TYR A 130 5.64 -28.99 8.80
CA TYR A 130 7.05 -28.63 8.46
C TYR A 130 7.10 -28.09 7.02
N ASN A 131 6.73 -28.89 6.07
CA ASN A 131 6.75 -28.42 4.65
C ASN A 131 5.53 -27.55 4.37
N MET A 21 -8.78 -14.49 -6.76
CA MET A 21 -10.15 -13.95 -6.52
C MET A 21 -10.49 -14.09 -5.03
N SER A 22 -10.76 -15.28 -4.57
CA SER A 22 -11.09 -15.47 -3.14
C SER A 22 -10.20 -14.57 -2.28
N THR A 23 -9.10 -15.08 -1.81
CA THR A 23 -8.20 -14.25 -0.96
C THR A 23 -7.71 -13.05 -1.77
N VAL A 24 -7.11 -12.09 -1.12
CA VAL A 24 -6.60 -10.90 -1.85
C VAL A 24 -5.25 -10.48 -1.29
N THR A 25 -4.64 -9.48 -1.86
CA THR A 25 -3.31 -9.03 -1.36
C THR A 25 -3.45 -7.64 -0.74
N LYS A 26 -2.48 -7.21 0.02
CA LYS A 26 -2.56 -5.86 0.64
C LYS A 26 -1.26 -5.10 0.40
N TYR A 27 -1.32 -3.82 0.22
CA TYR A 27 -0.08 -3.03 -0.03
C TYR A 27 0.14 -2.07 1.15
N PHE A 28 1.38 -1.81 1.47
CA PHE A 28 1.67 -0.88 2.60
C PHE A 28 2.31 0.40 2.07
N TYR A 29 2.18 1.49 2.78
CA TYR A 29 2.79 2.77 2.31
C TYR A 29 3.33 3.55 3.50
N LYS A 30 4.59 3.41 3.80
CA LYS A 30 5.17 4.15 4.96
C LYS A 30 5.17 5.64 4.65
N GLY A 31 4.20 6.36 5.15
CA GLY A 31 4.15 7.82 4.89
C GLY A 31 5.21 8.54 5.73
N GLU A 32 5.40 9.81 5.52
CA GLU A 32 6.43 10.55 6.31
C GLU A 32 6.38 10.10 7.77
N ASN A 33 5.20 9.96 8.31
CA ASN A 33 5.08 9.52 9.73
C ASN A 33 3.86 8.62 9.89
N THR A 34 2.80 8.92 9.19
CA THR A 34 1.57 8.08 9.31
C THR A 34 1.66 6.92 8.31
N ASP A 35 1.19 5.76 8.69
CA ASP A 35 1.25 4.61 7.75
C ASP A 35 -0.13 4.39 7.13
N LEU A 36 -0.18 4.25 5.83
CA LEU A 36 -1.50 4.03 5.16
C LEU A 36 -1.50 2.68 4.44
N ILE A 37 -2.57 1.95 4.53
CA ILE A 37 -2.63 0.63 3.86
C ILE A 37 -3.77 0.62 2.83
N VAL A 38 -3.59 -0.08 1.73
CA VAL A 38 -4.66 -0.12 0.71
C VAL A 38 -4.93 -1.57 0.31
N PHE A 39 -6.03 -1.83 -0.35
CA PHE A 39 -6.34 -3.23 -0.76
C PHE A 39 -5.80 -3.48 -2.17
N ALA A 40 -5.74 -4.72 -2.56
CA ALA A 40 -5.22 -5.04 -3.93
C ALA A 40 -5.74 -6.41 -4.37
N ALA A 41 -5.88 -6.62 -5.64
CA ALA A 41 -6.38 -7.94 -6.13
C ALA A 41 -5.21 -8.91 -6.29
N SER A 42 -4.39 -8.71 -7.29
CA SER A 42 -3.23 -9.62 -7.49
C SER A 42 -2.01 -8.79 -7.92
N GLU A 43 -0.83 -9.30 -7.70
CA GLU A 43 0.40 -8.56 -8.10
C GLU A 43 0.47 -8.45 -9.62
N GLU A 44 0.34 -9.56 -10.30
CA GLU A 44 0.40 -9.53 -11.79
C GLU A 44 -0.46 -8.37 -12.31
N LEU A 45 -1.71 -8.34 -11.92
CA LEU A 45 -2.60 -7.23 -12.40
C LEU A 45 -1.99 -5.88 -12.00
N VAL A 46 -1.29 -5.84 -10.90
CA VAL A 46 -0.68 -4.55 -10.46
C VAL A 46 0.49 -4.21 -11.38
N ASP A 47 1.57 -4.94 -11.29
CA ASP A 47 2.75 -4.65 -12.16
C ASP A 47 2.27 -4.31 -13.57
N GLU A 48 1.07 -4.70 -13.91
CA GLU A 48 0.54 -4.41 -15.27
C GLU A 48 -0.01 -2.98 -15.30
N TYR A 49 -0.84 -2.63 -14.35
CA TYR A 49 -1.41 -1.26 -14.33
C TYR A 49 -0.28 -0.23 -14.43
N LEU A 50 0.72 -0.35 -13.61
CA LEU A 50 1.85 0.62 -13.67
C LEU A 50 2.18 0.94 -15.13
N LYS A 51 2.20 -0.07 -15.97
CA LYS A 51 2.52 0.18 -17.41
C LYS A 51 1.29 0.76 -18.11
N ASN A 52 0.15 0.68 -17.47
CA ASN A 52 -1.09 1.21 -18.11
C ASN A 52 -1.81 2.14 -17.12
N PRO A 53 -1.27 3.31 -16.91
CA PRO A 53 -1.85 4.31 -15.96
C PRO A 53 -3.10 4.98 -16.54
N SER A 54 -4.20 4.93 -15.83
CA SER A 54 -5.45 5.57 -16.33
C SER A 54 -6.61 5.21 -15.41
N ILE A 55 -7.54 6.12 -15.23
CA ILE A 55 -8.69 5.83 -14.34
C ILE A 55 -9.64 4.85 -15.04
N GLY A 56 -9.17 3.67 -15.34
CA GLY A 56 -10.05 2.68 -16.02
C GLY A 56 -9.69 1.27 -15.54
N LYS A 57 -8.43 0.94 -15.53
CA LYS A 57 -8.01 -0.41 -15.07
C LYS A 57 -7.83 -0.40 -13.55
N LEU A 58 -7.49 0.72 -12.98
CA LEU A 58 -7.29 0.79 -11.51
C LEU A 58 -8.55 0.27 -10.81
N SER A 59 -9.67 0.34 -11.46
CA SER A 59 -10.93 -0.14 -10.82
C SER A 59 -10.92 -1.68 -10.78
N GLU A 60 -10.30 -2.30 -11.74
CA GLU A 60 -10.26 -3.79 -11.75
C GLU A 60 -9.18 -4.28 -10.77
N VAL A 61 -8.19 -3.47 -10.51
CA VAL A 61 -7.12 -3.88 -9.57
C VAL A 61 -7.57 -3.61 -8.13
N VAL A 62 -7.78 -2.37 -7.78
CA VAL A 62 -8.22 -2.05 -6.40
C VAL A 62 -9.67 -2.47 -6.22
N GLU A 63 -9.97 -3.23 -5.19
CA GLU A 63 -11.37 -3.67 -4.96
C GLU A 63 -12.17 -2.53 -4.34
N LEU A 64 -11.67 -1.95 -3.28
CA LEU A 64 -12.41 -0.84 -2.62
C LEU A 64 -11.64 0.47 -2.83
N PHE A 65 -12.34 1.57 -2.93
CA PHE A 65 -11.65 2.88 -3.13
C PHE A 65 -11.65 3.67 -1.83
N GLU A 66 -10.67 3.47 -1.00
CA GLU A 66 -10.62 4.21 0.29
C GLU A 66 -9.25 4.01 0.94
N VAL A 67 -9.08 4.49 2.15
CA VAL A 67 -7.77 4.33 2.83
C VAL A 67 -7.99 3.80 4.25
N PHE A 68 -7.34 2.72 4.60
CA PHE A 68 -7.52 2.16 5.96
C PHE A 68 -6.20 2.24 6.73
N THR A 69 -6.26 2.35 8.03
CA THR A 69 -4.99 2.44 8.82
C THR A 69 -5.22 1.79 10.20
N PRO A 70 -4.16 1.52 10.90
CA PRO A 70 -4.22 0.89 12.25
C PRO A 70 -4.75 1.86 13.31
N GLN A 71 -5.41 1.35 14.31
CA GLN A 71 -5.95 2.24 15.37
C GLN A 71 -5.76 1.58 16.74
N ASP A 72 -6.15 0.34 16.87
CA ASP A 72 -5.99 -0.36 18.18
C ASP A 72 -5.23 -1.67 17.96
N GLY A 73 -4.78 -2.29 19.02
CA GLY A 73 -4.03 -3.57 18.87
C GLY A 73 -2.64 -3.28 18.30
N ARG A 74 -1.83 -4.30 18.15
CA ARG A 74 -0.47 -4.09 17.59
C ARG A 74 -0.57 -3.69 16.12
N GLY A 75 -1.49 -4.27 15.40
CA GLY A 75 -1.64 -3.91 13.96
C GLY A 75 -1.63 -5.18 13.12
N ALA A 76 -2.21 -5.14 11.95
CA ALA A 76 -2.23 -6.35 11.08
C ALA A 76 -3.21 -7.37 11.65
N GLU A 77 -3.82 -8.16 10.81
CA GLU A 77 -4.79 -9.18 11.30
C GLU A 77 -5.60 -8.58 12.46
N GLY A 78 -5.68 -7.29 12.54
CA GLY A 78 -6.45 -6.64 13.63
C GLY A 78 -7.53 -5.73 13.05
N GLU A 79 -8.37 -5.17 13.88
CA GLU A 79 -9.43 -4.26 13.36
C GLU A 79 -8.80 -3.11 12.58
N LEU A 80 -9.59 -2.34 11.89
CA LEU A 80 -9.03 -1.20 11.12
C LEU A 80 -9.99 -0.01 11.20
N GLY A 81 -9.67 1.06 10.52
CA GLY A 81 -10.57 2.24 10.56
C GLY A 81 -10.19 3.22 9.44
N ALA A 82 -11.15 3.86 8.84
CA ALA A 82 -10.83 4.82 7.74
C ALA A 82 -10.09 6.03 8.32
N ALA A 83 -9.26 6.66 7.54
CA ALA A 83 -8.50 7.85 8.05
C ALA A 83 -9.26 9.12 7.68
N SER A 84 -8.65 10.26 7.89
CA SER A 84 -9.34 11.53 7.56
C SER A 84 -8.53 12.29 6.50
N LYS A 85 -9.11 13.26 5.86
CA LYS A 85 -8.38 14.03 4.82
C LYS A 85 -7.21 14.78 5.47
N ALA A 86 -7.37 15.19 6.70
CA ALA A 86 -6.27 15.93 7.39
C ALA A 86 -4.98 15.09 7.32
N GLN A 87 -5.08 13.82 7.57
CA GLN A 87 -3.87 12.96 7.53
C GLN A 87 -3.44 12.76 6.07
N VAL A 88 -4.29 12.20 5.26
CA VAL A 88 -3.93 11.98 3.83
C VAL A 88 -3.29 13.27 3.27
N GLU A 89 -3.63 14.40 3.83
CA GLU A 89 -3.05 15.67 3.32
C GLU A 89 -1.57 15.74 3.70
N ASN A 90 -1.22 15.30 4.87
CA ASN A 90 0.20 15.34 5.28
C ASN A 90 1.05 14.51 4.32
N GLU A 91 0.44 13.61 3.61
CA GLU A 91 1.19 12.76 2.65
C GLU A 91 1.08 13.36 1.24
N PHE A 92 -0.11 13.34 0.67
CA PHE A 92 -0.29 13.90 -0.69
C PHE A 92 -1.77 14.18 -0.93
N GLY A 93 -2.30 15.23 -0.37
CA GLY A 93 -3.74 15.55 -0.57
C GLY A 93 -3.88 17.00 -1.04
N LYS A 94 -4.72 17.76 -0.40
CA LYS A 94 -4.90 19.18 -0.82
C LYS A 94 -5.59 19.22 -2.19
N GLY A 95 -4.86 18.93 -3.23
CA GLY A 95 -5.47 18.95 -4.59
C GLY A 95 -5.29 17.58 -5.26
N LYS A 96 -5.26 16.53 -4.48
CA LYS A 96 -5.09 15.17 -5.07
C LYS A 96 -6.33 14.32 -4.76
N LYS A 97 -7.21 14.18 -5.70
CA LYS A 97 -8.43 13.36 -5.45
C LYS A 97 -8.03 12.00 -4.89
N ILE A 98 -8.96 11.29 -4.30
CA ILE A 98 -8.62 9.95 -3.73
C ILE A 98 -7.97 9.09 -4.81
N GLU A 99 -8.32 9.31 -6.05
CA GLU A 99 -7.73 8.49 -7.15
C GLU A 99 -6.20 8.62 -7.11
N GLU A 100 -5.69 9.81 -7.27
CA GLU A 100 -4.21 9.99 -7.23
C GLU A 100 -3.65 9.42 -5.92
N VAL A 101 -4.16 9.86 -4.81
CA VAL A 101 -3.65 9.34 -3.51
C VAL A 101 -3.37 7.84 -3.64
N ILE A 102 -4.31 7.09 -4.13
CA ILE A 102 -4.09 5.62 -4.29
C ILE A 102 -2.93 5.38 -5.24
N ASP A 103 -2.81 6.17 -6.27
CA ASP A 103 -1.69 5.98 -7.23
C ASP A 103 -0.36 6.27 -6.54
N LEU A 104 -0.15 7.50 -6.14
CA LEU A 104 1.13 7.84 -5.46
C LEU A 104 1.55 6.68 -4.54
N ILE A 105 0.59 5.96 -4.01
CA ILE A 105 0.94 4.82 -3.11
C ILE A 105 1.47 3.66 -3.95
N LEU A 106 0.63 3.05 -4.73
CA LEU A 106 1.10 1.91 -5.58
C LEU A 106 2.41 2.28 -6.26
N ARG A 107 2.77 3.53 -6.22
CA ARG A 107 4.04 3.96 -6.88
C ARG A 107 5.23 3.55 -6.01
N ASN A 108 5.13 3.73 -4.72
CA ASN A 108 6.25 3.35 -3.82
C ASN A 108 5.69 2.96 -2.45
N GLY A 109 4.95 1.89 -2.38
CA GLY A 109 4.38 1.46 -1.08
C GLY A 109 5.50 0.97 -0.15
N LYS A 110 5.52 -0.30 0.16
CA LYS A 110 6.58 -0.83 1.05
C LYS A 110 7.93 -0.79 0.33
N PRO A 111 9.00 -0.72 1.06
CA PRO A 111 10.38 -0.66 0.50
C PRO A 111 10.81 -2.02 -0.08
N ASN A 112 9.90 -2.77 -0.61
CA ASN A 112 10.26 -4.10 -1.19
C ASN A 112 11.26 -3.90 -2.34
N SER A 113 11.38 -2.69 -2.82
CA SER A 113 12.33 -2.43 -3.93
C SER A 113 12.07 -1.03 -4.52
N THR A 114 13.10 -0.36 -4.96
CA THR A 114 12.90 1.00 -5.53
C THR A 114 12.76 0.89 -7.05
N THR A 115 12.65 2.00 -7.72
CA THR A 115 12.51 1.97 -9.21
C THR A 115 13.87 2.23 -9.86
N SER A 116 14.80 1.35 -9.67
CA SER A 116 16.15 1.55 -10.28
C SER A 116 16.14 1.05 -11.72
N SER A 117 16.61 1.84 -12.64
CA SER A 117 16.62 1.41 -14.07
C SER A 117 17.65 0.28 -14.24
N LEU A 118 17.17 -0.92 -14.46
CA LEU A 118 18.12 -2.07 -14.64
C LEU A 118 17.85 -2.73 -16.00
N LYS A 119 18.74 -2.52 -16.94
CA LYS A 119 18.54 -3.14 -18.28
C LYS A 119 17.09 -2.96 -18.72
N THR A 120 16.80 -1.89 -19.42
CA THR A 120 15.40 -1.65 -19.88
C THR A 120 14.45 -1.80 -18.70
N LYS A 121 13.17 -1.62 -18.93
CA LYS A 121 12.19 -1.76 -17.82
C LYS A 121 11.76 -3.23 -17.69
N GLY A 122 12.15 -4.05 -18.63
CA GLY A 122 11.77 -5.49 -18.56
C GLY A 122 11.83 -6.10 -19.96
N GLY A 123 11.62 -7.38 -20.07
CA GLY A 123 11.66 -8.04 -21.40
C GLY A 123 12.69 -9.17 -21.39
N ASN A 124 12.43 -10.22 -20.67
CA ASN A 124 13.41 -11.35 -20.62
C ASN A 124 13.06 -12.37 -21.71
N ALA A 125 13.50 -12.13 -22.92
CA ALA A 125 13.21 -13.07 -24.03
C ALA A 125 14.52 -13.66 -24.55
N GLY A 126 14.43 -14.63 -25.42
CA GLY A 126 15.67 -15.25 -25.97
C GLY A 126 16.18 -14.40 -27.13
N THR A 127 16.79 -13.29 -26.85
CA THR A 127 17.32 -12.42 -27.95
C THR A 127 16.29 -12.36 -29.08
N LYS A 128 16.73 -12.58 -30.29
CA LYS A 128 15.77 -12.53 -31.44
C LYS A 128 14.95 -11.24 -31.36
N ALA A 129 15.55 -10.15 -31.00
CA ALA A 129 14.80 -8.87 -30.90
C ALA A 129 15.68 -7.73 -31.40
N TYR A 130 15.55 -7.36 -32.65
CA TYR A 130 16.38 -6.25 -33.19
C TYR A 130 16.50 -5.14 -32.14
N ASN A 131 17.66 -4.96 -31.59
CA ASN A 131 17.84 -3.90 -30.56
C ASN A 131 19.33 -3.58 -30.40
N MET A 21 -6.22 -17.46 -4.82
CA MET A 21 -7.47 -16.64 -4.83
C MET A 21 -8.20 -16.78 -3.50
N SER A 22 -7.54 -17.32 -2.51
CA SER A 22 -8.19 -17.49 -1.17
C SER A 22 -8.28 -16.13 -0.49
N THR A 23 -7.29 -15.29 -0.66
CA THR A 23 -7.33 -13.96 -0.02
C THR A 23 -6.72 -12.91 -0.96
N VAL A 24 -7.29 -11.74 -1.01
CA VAL A 24 -6.75 -10.69 -1.91
C VAL A 24 -5.37 -10.25 -1.42
N THR A 25 -4.77 -9.29 -2.07
CA THR A 25 -3.43 -8.83 -1.64
C THR A 25 -3.52 -7.38 -1.12
N LYS A 26 -2.81 -7.06 -0.09
CA LYS A 26 -2.87 -5.67 0.46
C LYS A 26 -1.53 -4.97 0.20
N TYR A 27 -1.57 -3.74 -0.23
CA TYR A 27 -0.30 -3.00 -0.50
C TYR A 27 -0.04 -2.01 0.64
N PHE A 28 0.97 -2.27 1.43
CA PHE A 28 1.29 -1.35 2.55
C PHE A 28 2.08 -0.16 2.03
N TYR A 29 2.15 0.91 2.79
CA TYR A 29 2.92 2.10 2.34
C TYR A 29 3.23 2.99 3.54
N LYS A 30 4.43 3.51 3.61
CA LYS A 30 4.80 4.39 4.76
C LYS A 30 4.75 5.85 4.31
N GLY A 31 3.78 6.58 4.77
CA GLY A 31 3.67 8.01 4.38
C GLY A 31 4.86 8.79 4.94
N GLU A 32 4.71 10.07 5.14
CA GLU A 32 5.84 10.88 5.69
C GLU A 32 6.19 10.36 7.09
N ASN A 33 5.21 10.01 7.88
CA ASN A 33 5.50 9.51 9.24
C ASN A 33 4.45 8.46 9.64
N THR A 34 3.23 8.66 9.24
CA THR A 34 2.17 7.68 9.58
C THR A 34 2.19 6.52 8.57
N ASP A 35 1.47 5.47 8.84
CA ASP A 35 1.44 4.32 7.89
C ASP A 35 0.03 4.15 7.33
N LEU A 36 -0.08 3.91 6.05
CA LEU A 36 -1.42 3.74 5.44
C LEU A 36 -1.50 2.38 4.75
N ILE A 37 -2.68 1.83 4.64
CA ILE A 37 -2.82 0.51 3.97
C ILE A 37 -3.95 0.57 2.93
N VAL A 38 -3.78 -0.10 1.82
CA VAL A 38 -4.84 -0.07 0.78
C VAL A 38 -5.11 -1.50 0.29
N PHE A 39 -6.30 -1.76 -0.18
CA PHE A 39 -6.63 -3.12 -0.67
C PHE A 39 -6.30 -3.22 -2.16
N ALA A 40 -6.00 -4.40 -2.63
CA ALA A 40 -5.68 -4.55 -4.09
C ALA A 40 -6.37 -5.81 -4.64
N ALA A 41 -6.06 -6.19 -5.84
CA ALA A 41 -6.69 -7.40 -6.43
C ALA A 41 -5.66 -8.53 -6.50
N SER A 42 -4.68 -8.40 -7.35
CA SER A 42 -3.65 -9.46 -7.47
C SER A 42 -2.33 -8.84 -7.96
N GLU A 43 -1.23 -9.22 -7.36
CA GLU A 43 0.07 -8.66 -7.79
C GLU A 43 0.11 -8.54 -9.32
N GLU A 44 -0.60 -9.39 -10.00
CA GLU A 44 -0.61 -9.33 -11.49
C GLU A 44 -1.20 -7.99 -11.94
N LEU A 45 -2.49 -7.84 -11.88
CA LEU A 45 -3.12 -6.56 -12.30
C LEU A 45 -2.32 -5.39 -11.74
N VAL A 46 -1.78 -5.53 -10.55
CA VAL A 46 -0.98 -4.43 -9.96
C VAL A 46 0.24 -4.14 -10.83
N ASP A 47 1.06 -5.13 -11.06
CA ASP A 47 2.27 -4.91 -11.92
C ASP A 47 1.86 -4.26 -13.24
N GLU A 48 0.90 -4.83 -13.91
CA GLU A 48 0.46 -4.23 -15.21
C GLU A 48 0.21 -2.74 -15.02
N TYR A 49 -0.39 -2.34 -13.94
CA TYR A 49 -0.65 -0.90 -13.70
C TYR A 49 0.68 -0.15 -13.57
N LEU A 50 1.49 -0.52 -12.61
CA LEU A 50 2.80 0.17 -12.43
C LEU A 50 3.57 0.15 -13.76
N LYS A 51 3.33 -0.83 -14.58
CA LYS A 51 4.06 -0.90 -15.89
C LYS A 51 3.52 0.19 -16.81
N ASN A 52 2.32 0.64 -16.59
CA ASN A 52 1.74 1.71 -17.48
C ASN A 52 0.60 2.40 -16.75
N PRO A 53 0.92 3.28 -15.83
CA PRO A 53 -0.10 4.03 -15.05
C PRO A 53 -1.14 4.71 -15.95
N SER A 54 -2.39 4.36 -15.82
CA SER A 54 -3.43 4.99 -16.67
C SER A 54 -4.79 4.88 -15.97
N ILE A 55 -5.59 5.91 -16.02
CA ILE A 55 -6.92 5.87 -15.36
C ILE A 55 -7.77 4.77 -16.00
N GLY A 56 -8.70 4.23 -15.27
CA GLY A 56 -9.56 3.15 -15.84
C GLY A 56 -9.20 1.81 -15.19
N LYS A 57 -8.15 1.19 -15.64
CA LYS A 57 -7.75 -0.12 -15.05
C LYS A 57 -7.63 0.02 -13.53
N LEU A 58 -7.55 1.23 -13.04
CA LEU A 58 -7.43 1.44 -11.57
C LEU A 58 -8.65 0.85 -10.87
N SER A 59 -9.82 1.14 -11.37
CA SER A 59 -11.05 0.60 -10.72
C SER A 59 -10.99 -0.93 -10.71
N GLU A 60 -10.29 -1.51 -11.65
CA GLU A 60 -10.18 -3.00 -11.68
C GLU A 60 -9.17 -3.47 -10.65
N VAL A 61 -8.14 -2.69 -10.42
CA VAL A 61 -7.10 -3.08 -9.43
C VAL A 61 -7.63 -2.84 -8.02
N VAL A 62 -7.94 -1.61 -7.70
CA VAL A 62 -8.46 -1.29 -6.34
C VAL A 62 -9.95 -1.65 -6.27
N GLU A 63 -10.37 -2.31 -5.22
CA GLU A 63 -11.79 -2.68 -5.09
C GLU A 63 -12.53 -1.63 -4.25
N LEU A 64 -12.01 -1.34 -3.08
CA LEU A 64 -12.68 -0.32 -2.20
C LEU A 64 -11.89 0.98 -2.25
N PHE A 65 -12.57 2.09 -2.39
CA PHE A 65 -11.85 3.39 -2.45
C PHE A 65 -11.80 4.01 -1.05
N GLU A 66 -11.19 3.33 -0.12
CA GLU A 66 -11.12 3.87 1.27
C GLU A 66 -9.74 3.55 1.85
N VAL A 67 -9.02 4.57 2.28
CA VAL A 67 -7.66 4.32 2.86
C VAL A 67 -7.80 3.87 4.31
N PHE A 68 -7.02 2.91 4.72
CA PHE A 68 -7.11 2.43 6.13
C PHE A 68 -5.78 2.68 6.85
N THR A 69 -5.73 2.41 8.11
CA THR A 69 -4.46 2.64 8.87
C THR A 69 -4.56 1.99 10.25
N PRO A 70 -3.44 1.66 10.84
CA PRO A 70 -3.39 1.02 12.17
C PRO A 70 -3.81 1.97 13.29
N GLN A 71 -5.09 2.15 13.48
CA GLN A 71 -5.57 3.06 14.56
C GLN A 71 -6.53 2.32 15.48
N ASP A 72 -7.25 1.37 14.95
CA ASP A 72 -8.20 0.60 15.80
C ASP A 72 -7.75 -0.86 15.89
N GLY A 73 -8.66 -1.78 15.83
CA GLY A 73 -8.28 -3.22 15.92
C GLY A 73 -9.38 -4.09 15.29
N ARG A 74 -9.30 -4.30 14.00
CA ARG A 74 -10.35 -5.14 13.33
C ARG A 74 -9.82 -5.62 11.97
N GLY A 75 -8.61 -6.10 11.94
CA GLY A 75 -8.05 -6.58 10.64
C GLY A 75 -6.54 -6.31 10.62
N ALA A 76 -5.83 -6.96 9.74
CA ALA A 76 -4.35 -6.74 9.65
C ALA A 76 -3.67 -7.43 10.84
N GLU A 77 -2.40 -7.19 11.02
CA GLU A 77 -1.69 -7.83 12.16
C GLU A 77 -2.50 -7.65 13.45
N GLY A 78 -3.45 -6.75 13.45
CA GLY A 78 -4.27 -6.54 14.66
C GLY A 78 -4.52 -5.04 14.85
N GLU A 79 -4.04 -4.23 13.95
CA GLU A 79 -4.25 -2.76 14.08
C GLU A 79 -4.75 -2.20 12.74
N LEU A 80 -5.98 -1.78 12.69
CA LEU A 80 -6.52 -1.22 11.41
C LEU A 80 -7.55 -0.14 11.73
N GLY A 81 -7.74 0.80 10.85
CA GLY A 81 -8.73 1.89 11.10
C GLY A 81 -9.04 2.60 9.79
N ALA A 82 -9.49 3.82 9.86
CA ALA A 82 -9.81 4.58 8.61
C ALA A 82 -9.09 5.93 8.63
N ALA A 83 -8.21 6.15 7.71
CA ALA A 83 -7.47 7.44 7.67
C ALA A 83 -8.47 8.60 7.65
N SER A 84 -7.99 9.81 7.75
CA SER A 84 -8.92 10.98 7.74
C SER A 84 -8.46 11.99 6.69
N LYS A 85 -9.37 12.70 6.08
CA LYS A 85 -8.98 13.70 5.05
C LYS A 85 -7.82 14.53 5.56
N ALA A 86 -7.69 14.67 6.85
CA ALA A 86 -6.57 15.47 7.41
C ALA A 86 -5.25 14.70 7.26
N GLN A 87 -5.25 13.45 7.65
CA GLN A 87 -3.99 12.65 7.52
C GLN A 87 -3.61 12.53 6.05
N VAL A 88 -4.54 12.14 5.21
CA VAL A 88 -4.23 12.01 3.77
C VAL A 88 -3.78 13.36 3.20
N GLU A 89 -4.12 14.43 3.87
CA GLU A 89 -3.71 15.77 3.38
C GLU A 89 -2.23 16.00 3.71
N ASN A 90 -1.73 15.35 4.72
CA ASN A 90 -0.30 15.53 5.08
C ASN A 90 0.58 14.72 4.14
N GLU A 91 0.02 13.71 3.52
CA GLU A 91 0.83 12.87 2.58
C GLU A 91 0.58 13.34 1.15
N PHE A 92 -0.66 13.37 0.74
CA PHE A 92 -0.97 13.81 -0.66
C PHE A 92 -2.48 14.04 -0.79
N GLY A 93 -2.99 15.08 -0.17
CA GLY A 93 -4.44 15.37 -0.26
C GLY A 93 -4.67 16.88 -0.21
N LYS A 94 -5.56 17.38 -1.04
CA LYS A 94 -5.82 18.85 -1.04
C LYS A 94 -7.10 19.13 -1.83
N GLY A 95 -7.41 18.30 -2.78
CA GLY A 95 -8.65 18.52 -3.59
C GLY A 95 -8.61 17.66 -4.84
N LYS A 96 -7.99 16.50 -4.76
CA LYS A 96 -7.90 15.61 -5.96
C LYS A 96 -8.90 14.46 -5.79
N LYS A 97 -9.00 13.60 -6.78
CA LYS A 97 -9.95 12.47 -6.68
C LYS A 97 -9.29 11.32 -5.91
N ILE A 98 -9.99 10.73 -4.99
CA ILE A 98 -9.40 9.61 -4.20
C ILE A 98 -8.59 8.70 -5.14
N GLU A 99 -9.02 8.58 -6.37
CA GLU A 99 -8.28 7.71 -7.32
C GLU A 99 -6.82 8.14 -7.38
N GLU A 100 -6.56 9.39 -7.68
CA GLU A 100 -5.16 9.88 -7.75
C GLU A 100 -4.41 9.44 -6.50
N VAL A 101 -4.82 9.90 -5.35
CA VAL A 101 -4.13 9.51 -4.09
C VAL A 101 -3.75 8.02 -4.16
N ILE A 102 -4.70 7.16 -4.34
CA ILE A 102 -4.38 5.70 -4.41
C ILE A 102 -3.25 5.48 -5.42
N ASP A 103 -3.04 6.42 -6.31
CA ASP A 103 -1.95 6.26 -7.32
C ASP A 103 -0.60 6.52 -6.66
N LEU A 104 -0.34 7.75 -6.29
CA LEU A 104 0.96 8.07 -5.64
C LEU A 104 1.35 6.94 -4.69
N ILE A 105 0.40 6.22 -4.19
CA ILE A 105 0.71 5.10 -3.26
C ILE A 105 1.28 3.92 -4.04
N LEU A 106 0.46 3.26 -4.82
CA LEU A 106 0.95 2.10 -5.61
C LEU A 106 2.31 2.45 -6.23
N ARG A 107 2.48 3.67 -6.66
CA ARG A 107 3.78 4.06 -7.27
C ARG A 107 4.93 3.52 -6.43
N ASN A 108 4.70 3.30 -5.16
CA ASN A 108 5.78 2.76 -4.29
C ASN A 108 5.48 1.30 -3.94
N GLY A 109 4.49 1.07 -3.11
CA GLY A 109 4.15 -0.33 -2.73
C GLY A 109 5.24 -0.90 -1.84
N LYS A 110 4.89 -1.35 -0.66
CA LYS A 110 5.91 -1.91 0.25
C LYS A 110 5.40 -3.23 0.85
N PRO A 111 5.39 -4.27 0.06
CA PRO A 111 4.92 -5.62 0.50
C PRO A 111 5.58 -6.06 1.81
N ASN A 112 5.83 -7.33 1.96
CA ASN A 112 6.47 -7.82 3.20
C ASN A 112 7.46 -8.94 2.86
N SER A 113 8.45 -9.15 3.69
CA SER A 113 9.43 -10.23 3.41
C SER A 113 8.73 -11.59 3.47
N THR A 114 9.46 -12.66 3.26
CA THR A 114 8.84 -14.01 3.31
C THR A 114 9.15 -14.67 4.66
N THR A 115 8.25 -14.57 5.61
CA THR A 115 8.51 -15.19 6.94
C THR A 115 7.32 -16.08 7.31
N SER A 116 7.21 -17.23 6.70
CA SER A 116 6.08 -18.14 7.02
C SER A 116 6.20 -18.60 8.48
N SER A 117 6.20 -17.69 9.40
CA SER A 117 6.32 -18.08 10.83
C SER A 117 4.98 -17.86 11.53
N LEU A 118 3.93 -18.45 11.03
CA LEU A 118 2.59 -18.28 11.67
C LEU A 118 2.05 -19.64 12.10
N LYS A 119 1.68 -19.77 13.34
CA LYS A 119 1.14 -21.07 13.83
C LYS A 119 0.14 -20.83 14.96
N THR A 120 -1.10 -21.16 14.74
CA THR A 120 -2.13 -20.94 15.80
C THR A 120 -2.94 -22.22 15.99
N LYS A 121 -3.54 -22.38 17.14
CA LYS A 121 -4.35 -23.61 17.38
C LYS A 121 -5.38 -23.78 16.27
N GLY A 122 -5.74 -24.99 15.94
CA GLY A 122 -6.72 -25.22 14.85
C GLY A 122 -8.13 -24.94 15.38
N GLY A 123 -8.90 -25.97 15.62
CA GLY A 123 -10.28 -25.76 16.14
C GLY A 123 -11.02 -24.78 15.22
N ASN A 124 -11.99 -25.26 14.49
CA ASN A 124 -12.76 -24.35 13.59
C ASN A 124 -14.24 -24.38 13.96
N ALA A 125 -14.69 -23.41 14.71
CA ALA A 125 -16.12 -23.39 15.11
C ALA A 125 -16.70 -21.99 14.85
N GLY A 126 -17.87 -21.72 15.38
CA GLY A 126 -18.48 -20.37 15.16
C GLY A 126 -19.98 -20.44 15.48
N THR A 127 -20.37 -21.39 16.29
CA THR A 127 -21.82 -21.50 16.66
C THR A 127 -21.97 -22.42 17.87
N LYS A 128 -22.73 -22.01 18.84
CA LYS A 128 -22.92 -22.85 20.06
C LYS A 128 -21.55 -23.22 20.64
N ALA A 129 -20.84 -22.26 21.16
CA ALA A 129 -19.50 -22.55 21.74
C ALA A 129 -19.43 -21.99 23.16
N TYR A 130 -18.30 -22.11 23.80
CA TYR A 130 -18.17 -21.57 25.19
C TYR A 130 -19.22 -22.24 26.08
N ASN A 131 -19.77 -23.34 25.66
CA ASN A 131 -20.80 -24.03 26.48
C ASN A 131 -20.19 -25.29 27.11
N MET A 21 -13.18 -17.04 -7.31
CA MET A 21 -11.77 -17.10 -6.84
C MET A 21 -11.10 -15.74 -7.04
N SER A 22 -10.59 -15.17 -5.99
CA SER A 22 -9.92 -13.83 -6.11
C SER A 22 -8.80 -13.72 -5.08
N THR A 23 -7.60 -13.51 -5.52
CA THR A 23 -6.46 -13.40 -4.56
C THR A 23 -6.31 -11.93 -4.13
N VAL A 24 -7.03 -11.53 -3.12
CA VAL A 24 -6.93 -10.12 -2.65
C VAL A 24 -5.54 -9.88 -2.06
N THR A 25 -5.18 -8.64 -1.86
CA THR A 25 -3.84 -8.34 -1.28
C THR A 25 -3.84 -6.95 -0.66
N LYS A 26 -3.05 -6.73 0.35
CA LYS A 26 -3.01 -5.39 1.01
C LYS A 26 -1.65 -4.73 0.73
N TYR A 27 -1.66 -3.56 0.16
CA TYR A 27 -0.37 -2.87 -0.14
C TYR A 27 -0.03 -1.92 1.02
N PHE A 28 1.12 -2.08 1.60
CA PHE A 28 1.51 -1.19 2.73
C PHE A 28 2.28 0.01 2.19
N TYR A 29 2.04 1.18 2.74
CA TYR A 29 2.76 2.39 2.24
C TYR A 29 3.05 3.32 3.42
N LYS A 30 4.28 3.36 3.87
CA LYS A 30 4.63 4.25 5.02
C LYS A 30 4.85 5.67 4.52
N GLY A 31 4.14 6.62 5.06
CA GLY A 31 4.31 8.03 4.61
C GLY A 31 5.39 8.72 5.46
N GLU A 32 5.31 10.01 5.60
CA GLU A 32 6.33 10.74 6.40
C GLU A 32 6.42 10.09 7.80
N ASN A 33 5.42 10.26 8.61
CA ASN A 33 5.45 9.65 9.97
C ASN A 33 4.22 8.79 10.18
N THR A 34 3.18 9.02 9.42
CA THR A 34 1.94 8.21 9.58
C THR A 34 1.99 7.02 8.63
N ASP A 35 1.19 6.01 8.87
CA ASP A 35 1.19 4.83 7.98
C ASP A 35 -0.21 4.61 7.42
N LEU A 36 -0.31 4.15 6.20
CA LEU A 36 -1.66 3.93 5.60
C LEU A 36 -1.65 2.61 4.82
N ILE A 37 -2.77 1.93 4.76
CA ILE A 37 -2.83 0.65 4.02
C ILE A 37 -3.87 0.75 2.91
N VAL A 38 -3.71 -0.03 1.86
CA VAL A 38 -4.69 0.02 0.74
C VAL A 38 -5.02 -1.40 0.29
N PHE A 39 -5.96 -1.54 -0.60
CA PHE A 39 -6.32 -2.90 -1.09
C PHE A 39 -5.87 -3.06 -2.54
N ALA A 40 -5.62 -4.27 -2.97
CA ALA A 40 -5.17 -4.49 -4.38
C ALA A 40 -5.55 -5.89 -4.82
N ALA A 41 -6.20 -6.02 -5.95
CA ALA A 41 -6.61 -7.36 -6.43
C ALA A 41 -5.41 -8.32 -6.35
N SER A 42 -4.69 -8.47 -7.42
CA SER A 42 -3.51 -9.39 -7.39
C SER A 42 -2.24 -8.58 -7.66
N GLU A 43 -1.10 -9.17 -7.40
CA GLU A 43 0.18 -8.44 -7.64
C GLU A 43 0.45 -8.36 -9.14
N GLU A 44 -0.03 -9.32 -9.89
CA GLU A 44 0.21 -9.31 -11.36
C GLU A 44 -0.42 -8.06 -11.97
N LEU A 45 -1.69 -7.86 -11.76
CA LEU A 45 -2.37 -6.65 -12.32
C LEU A 45 -1.66 -5.40 -11.82
N VAL A 46 -1.47 -5.29 -10.54
CA VAL A 46 -0.79 -4.08 -9.97
C VAL A 46 0.47 -3.80 -10.80
N ASP A 47 1.25 -4.80 -11.08
CA ASP A 47 2.49 -4.58 -11.88
C ASP A 47 2.11 -4.06 -13.27
N GLU A 48 1.11 -4.65 -13.87
CA GLU A 48 0.69 -4.19 -15.23
C GLU A 48 0.26 -2.72 -15.16
N TYR A 49 -0.22 -2.29 -14.03
CA TYR A 49 -0.65 -0.87 -13.89
C TYR A 49 0.57 0.04 -13.91
N LEU A 50 1.66 -0.39 -13.34
CA LEU A 50 2.88 0.46 -13.32
C LEU A 50 3.36 0.67 -14.76
N LYS A 51 3.46 -0.38 -15.53
CA LYS A 51 3.92 -0.23 -16.93
C LYS A 51 2.78 0.32 -17.79
N ASN A 52 1.56 0.09 -17.38
CA ASN A 52 0.40 0.59 -18.17
C ASN A 52 -0.64 1.19 -17.22
N PRO A 53 -0.30 2.30 -16.62
CA PRO A 53 -1.21 3.00 -15.66
C PRO A 53 -2.37 3.71 -16.37
N SER A 54 -3.46 3.91 -15.69
CA SER A 54 -4.62 4.58 -16.33
C SER A 54 -5.77 4.67 -15.33
N ILE A 55 -6.83 5.36 -15.68
CA ILE A 55 -7.98 5.48 -14.74
C ILE A 55 -8.95 4.31 -14.96
N GLY A 56 -9.04 3.82 -16.16
CA GLY A 56 -9.95 2.68 -16.44
C GLY A 56 -9.35 1.39 -15.87
N LYS A 57 -8.09 1.42 -15.53
CA LYS A 57 -7.45 0.19 -14.97
C LYS A 57 -7.32 0.33 -13.45
N LEU A 58 -7.55 1.51 -12.93
CA LEU A 58 -7.45 1.72 -11.46
C LEU A 58 -8.62 1.02 -10.77
N SER A 59 -9.82 1.24 -11.24
CA SER A 59 -11.00 0.60 -10.62
C SER A 59 -10.74 -0.90 -10.46
N GLU A 60 -10.22 -1.53 -11.47
CA GLU A 60 -9.94 -2.99 -11.38
C GLU A 60 -8.91 -3.24 -10.26
N VAL A 61 -7.77 -2.62 -10.34
CA VAL A 61 -6.74 -2.83 -9.29
C VAL A 61 -7.37 -2.61 -7.91
N VAL A 62 -7.92 -1.46 -7.67
CA VAL A 62 -8.54 -1.20 -6.34
C VAL A 62 -9.93 -1.85 -6.30
N GLU A 63 -10.18 -2.65 -5.30
CA GLU A 63 -11.51 -3.31 -5.19
C GLU A 63 -12.42 -2.52 -4.25
N LEU A 64 -11.91 -1.45 -3.70
CA LEU A 64 -12.74 -0.63 -2.76
C LEU A 64 -12.09 0.74 -2.58
N PHE A 65 -12.80 1.79 -2.89
CA PHE A 65 -12.22 3.16 -2.73
C PHE A 65 -12.24 3.55 -1.26
N GLU A 66 -11.24 3.14 -0.51
CA GLU A 66 -11.20 3.49 0.93
C GLU A 66 -9.78 3.26 1.47
N VAL A 67 -9.42 3.95 2.51
CA VAL A 67 -8.05 3.77 3.08
C VAL A 67 -8.16 3.36 4.56
N PHE A 68 -7.43 2.37 4.96
CA PHE A 68 -7.49 1.92 6.39
C PHE A 68 -6.11 2.08 7.03
N THR A 69 -6.06 2.23 8.32
CA THR A 69 -4.75 2.39 9.01
C THR A 69 -4.81 1.73 10.39
N PRO A 70 -3.67 1.50 10.99
CA PRO A 70 -3.59 0.87 12.33
C PRO A 70 -4.02 1.83 13.45
N GLN A 71 -4.28 1.31 14.62
CA GLN A 71 -4.71 2.18 15.74
C GLN A 71 -3.62 2.20 16.81
N ASP A 72 -3.77 3.03 17.82
CA ASP A 72 -2.74 3.11 18.89
C ASP A 72 -1.35 2.93 18.28
N GLY A 73 -0.80 1.75 18.36
CA GLY A 73 0.56 1.51 17.79
C GLY A 73 0.65 0.06 17.31
N ARG A 74 1.66 -0.65 17.74
CA ARG A 74 1.82 -2.07 17.30
C ARG A 74 0.44 -2.72 17.20
N GLY A 75 -0.02 -2.96 15.99
CA GLY A 75 -1.36 -3.59 15.83
C GLY A 75 -1.64 -3.81 14.34
N ALA A 76 -2.15 -4.95 13.98
CA ALA A 76 -2.44 -5.22 12.54
C ALA A 76 -3.27 -6.51 12.43
N GLU A 77 -4.55 -6.43 12.67
CA GLU A 77 -5.41 -7.64 12.57
C GLU A 77 -6.78 -7.25 12.03
N GLY A 78 -7.83 -7.70 12.68
CA GLY A 78 -9.20 -7.36 12.21
C GLY A 78 -9.58 -5.97 12.72
N GLU A 79 -9.01 -5.55 13.81
CA GLU A 79 -9.34 -4.19 14.36
C GLU A 79 -8.45 -3.15 13.70
N LEU A 80 -8.99 -2.41 12.77
CA LEU A 80 -8.18 -1.36 12.08
C LEU A 80 -8.75 0.02 12.40
N GLY A 81 -8.29 1.03 11.72
CA GLY A 81 -8.81 2.40 11.99
C GLY A 81 -9.04 3.13 10.66
N ALA A 82 -9.87 4.14 10.66
CA ALA A 82 -10.14 4.88 9.40
C ALA A 82 -9.30 6.17 9.36
N ALA A 83 -9.04 6.68 8.20
CA ALA A 83 -8.22 7.93 8.10
C ALA A 83 -9.13 9.11 7.77
N SER A 84 -8.60 10.30 7.81
CA SER A 84 -9.44 11.49 7.49
C SER A 84 -8.81 12.26 6.32
N LYS A 85 -9.61 12.93 5.54
CA LYS A 85 -9.05 13.69 4.39
C LYS A 85 -7.78 14.42 4.82
N ALA A 86 -7.69 14.80 6.07
CA ALA A 86 -6.48 15.50 6.55
C ALA A 86 -5.32 14.51 6.67
N GLN A 87 -5.48 13.49 7.46
CA GLN A 87 -4.40 12.49 7.62
C GLN A 87 -3.70 12.26 6.26
N VAL A 88 -4.48 12.03 5.23
CA VAL A 88 -3.87 11.81 3.89
C VAL A 88 -3.25 13.12 3.38
N GLU A 89 -4.00 14.18 3.39
CA GLU A 89 -3.46 15.48 2.90
C GLU A 89 -2.11 15.75 3.57
N ASN A 90 -1.92 15.25 4.76
CA ASN A 90 -0.63 15.48 5.47
C ASN A 90 0.49 14.69 4.76
N GLU A 91 0.13 13.71 3.99
CA GLU A 91 1.16 12.90 3.27
C GLU A 91 1.28 13.40 1.83
N PHE A 92 0.24 13.96 1.29
CA PHE A 92 0.30 14.46 -0.11
C PHE A 92 0.18 15.98 -0.11
N GLY A 93 -0.16 16.56 1.01
CA GLY A 93 -0.29 18.05 1.07
C GLY A 93 -1.38 18.50 0.11
N LYS A 94 -2.00 17.57 -0.56
CA LYS A 94 -3.09 17.95 -1.52
C LYS A 94 -4.23 16.94 -1.40
N GLY A 95 -3.92 15.67 -1.44
CA GLY A 95 -5.00 14.65 -1.33
C GLY A 95 -5.71 14.50 -2.67
N LYS A 96 -6.32 15.55 -3.15
CA LYS A 96 -7.04 15.47 -4.45
C LYS A 96 -7.94 14.25 -4.47
N LYS A 97 -8.46 13.89 -5.61
CA LYS A 97 -9.36 12.70 -5.69
C LYS A 97 -8.62 11.48 -5.16
N ILE A 98 -9.25 10.71 -4.32
CA ILE A 98 -8.60 9.50 -3.76
C ILE A 98 -8.11 8.60 -4.90
N GLU A 99 -8.74 8.69 -6.04
CA GLU A 99 -8.32 7.85 -7.19
C GLU A 99 -6.85 8.10 -7.50
N GLU A 100 -6.43 9.34 -7.46
CA GLU A 100 -5.01 9.66 -7.75
C GLU A 100 -4.14 9.23 -6.57
N VAL A 101 -4.40 9.75 -5.40
CA VAL A 101 -3.58 9.36 -4.22
C VAL A 101 -3.35 7.84 -4.23
N ILE A 102 -4.32 7.09 -4.63
CA ILE A 102 -4.15 5.60 -4.67
C ILE A 102 -3.06 5.25 -5.67
N ASP A 103 -3.10 5.83 -6.85
CA ASP A 103 -2.06 5.53 -7.86
C ASP A 103 -0.68 5.90 -7.32
N LEU A 104 -0.52 7.11 -6.85
CA LEU A 104 0.80 7.53 -6.30
C LEU A 104 1.34 6.43 -5.39
N ILE A 105 0.51 5.83 -4.58
CA ILE A 105 0.99 4.76 -3.67
C ILE A 105 1.43 3.55 -4.50
N LEU A 106 0.70 3.23 -5.54
CA LEU A 106 1.08 2.07 -6.39
C LEU A 106 2.47 2.30 -6.98
N ARG A 107 2.74 3.50 -7.45
CA ARG A 107 4.08 3.78 -8.03
C ARG A 107 5.17 3.20 -7.13
N ASN A 108 4.86 2.94 -5.89
CA ASN A 108 5.88 2.37 -4.97
C ASN A 108 5.35 1.07 -4.36
N GLY A 109 4.54 1.17 -3.33
CA GLY A 109 4.00 -0.06 -2.70
C GLY A 109 5.10 -0.73 -1.86
N LYS A 110 4.84 -0.95 -0.60
CA LYS A 110 5.87 -1.60 0.26
C LYS A 110 7.25 -1.06 -0.11
N PRO A 111 7.42 0.23 0.00
CA PRO A 111 8.72 0.90 -0.33
C PRO A 111 9.83 0.54 0.67
N ASN A 112 9.54 0.64 1.94
CA ASN A 112 10.58 0.30 2.96
C ASN A 112 11.88 1.05 2.63
N SER A 113 11.80 2.03 1.76
CA SER A 113 13.03 2.79 1.39
C SER A 113 13.12 4.05 2.26
N THR A 114 12.45 4.07 3.37
CA THR A 114 12.49 5.26 4.25
C THR A 114 13.53 5.05 5.36
N THR A 115 14.07 6.11 5.89
CA THR A 115 15.09 5.96 6.96
C THR A 115 14.97 7.12 7.95
N SER A 116 15.91 7.26 8.85
CA SER A 116 15.84 8.37 9.84
C SER A 116 17.24 8.92 10.09
N SER A 117 18.20 8.50 9.31
CA SER A 117 19.59 9.00 9.50
C SER A 117 20.24 9.23 8.13
N LEU A 118 20.48 10.47 7.79
CA LEU A 118 21.12 10.77 6.48
C LEU A 118 22.09 11.95 6.63
N LYS A 119 23.36 11.68 6.72
CA LYS A 119 24.35 12.78 6.87
C LYS A 119 25.38 12.69 5.74
N THR A 120 25.34 13.61 4.81
CA THR A 120 26.32 13.57 3.70
C THR A 120 27.25 14.79 3.80
N LYS A 121 28.25 14.85 2.96
CA LYS A 121 29.19 16.00 3.02
C LYS A 121 28.58 17.20 2.28
N GLY A 122 27.64 17.87 2.89
CA GLY A 122 27.00 19.04 2.20
C GLY A 122 28.05 20.15 2.02
N GLY A 123 29.18 19.81 1.46
CA GLY A 123 30.23 20.84 1.24
C GLY A 123 30.34 21.17 -0.25
N ASN A 124 29.35 20.79 -1.02
CA ASN A 124 29.39 21.08 -2.47
C ASN A 124 28.27 22.04 -2.85
N ALA A 125 28.56 23.31 -2.94
CA ALA A 125 27.50 24.30 -3.29
C ALA A 125 27.61 24.65 -4.77
N GLY A 126 26.78 24.07 -5.60
CA GLY A 126 26.83 24.38 -7.05
C GLY A 126 25.57 25.13 -7.47
N THR A 127 25.62 25.84 -8.56
CA THR A 127 24.42 26.59 -9.02
C THR A 127 23.76 25.86 -10.19
N LYS A 128 22.76 25.06 -9.92
CA LYS A 128 22.09 24.32 -11.01
C LYS A 128 21.71 25.30 -12.14
N ALA A 129 21.03 26.36 -11.81
CA ALA A 129 20.64 27.35 -12.86
C ALA A 129 20.47 28.72 -12.22
N TYR A 130 20.61 29.77 -12.99
CA TYR A 130 20.47 31.14 -12.43
C TYR A 130 19.09 31.27 -11.78
N ASN A 131 18.07 30.73 -12.38
CA ASN A 131 16.71 30.82 -11.80
C ASN A 131 16.37 29.52 -11.07
N MET A 21 -9.42 -20.41 -3.19
CA MET A 21 -10.37 -19.70 -4.09
C MET A 21 -9.74 -18.39 -4.56
N SER A 22 -9.77 -17.37 -3.74
CA SER A 22 -9.17 -16.07 -4.15
C SER A 22 -9.02 -15.17 -2.91
N THR A 23 -8.51 -13.99 -3.09
CA THR A 23 -8.33 -13.06 -1.93
C THR A 23 -7.79 -11.72 -2.42
N VAL A 24 -7.41 -10.86 -1.52
CA VAL A 24 -6.88 -9.53 -1.92
C VAL A 24 -5.53 -9.30 -1.26
N THR A 25 -4.63 -8.61 -1.92
CA THR A 25 -3.30 -8.36 -1.32
C THR A 25 -3.32 -7.01 -0.58
N LYS A 26 -2.39 -6.79 0.31
CA LYS A 26 -2.35 -5.51 1.06
C LYS A 26 -1.12 -4.70 0.65
N TYR A 27 -1.31 -3.51 0.17
CA TYR A 27 -0.15 -2.67 -0.24
C TYR A 27 0.30 -1.80 0.93
N PHE A 28 1.38 -2.15 1.57
CA PHE A 28 1.86 -1.33 2.72
C PHE A 28 2.44 0.00 2.20
N TYR A 29 2.13 1.08 2.86
CA TYR A 29 2.67 2.40 2.41
C TYR A 29 3.07 3.23 3.63
N LYS A 30 4.34 3.36 3.87
CA LYS A 30 4.80 4.17 5.04
C LYS A 30 4.65 5.65 4.73
N GLY A 31 3.79 6.33 5.44
CA GLY A 31 3.60 7.79 5.18
C GLY A 31 4.78 8.57 5.77
N GLU A 32 4.87 9.83 5.48
CA GLU A 32 5.99 10.65 6.02
C GLU A 32 6.16 10.35 7.52
N ASN A 33 5.16 9.79 8.13
CA ASN A 33 5.26 9.47 9.59
C ASN A 33 4.09 8.58 10.00
N THR A 34 2.93 8.79 9.44
CA THR A 34 1.76 7.96 9.80
C THR A 34 1.69 6.75 8.87
N ASP A 35 1.78 5.56 9.42
CA ASP A 35 1.73 4.34 8.57
C ASP A 35 0.35 4.23 7.93
N LEU A 36 0.30 3.97 6.65
CA LEU A 36 -1.02 3.84 5.97
C LEU A 36 -1.06 2.54 5.17
N ILE A 37 -2.19 1.89 5.14
CA ILE A 37 -2.29 0.61 4.38
C ILE A 37 -3.50 0.67 3.44
N VAL A 38 -3.36 0.12 2.26
CA VAL A 38 -4.50 0.14 1.30
C VAL A 38 -4.86 -1.28 0.88
N PHE A 39 -5.90 -1.45 0.12
CA PHE A 39 -6.28 -2.81 -0.32
C PHE A 39 -5.92 -3.00 -1.79
N ALA A 40 -5.83 -4.23 -2.24
CA ALA A 40 -5.47 -4.48 -3.66
C ALA A 40 -5.88 -5.91 -4.05
N ALA A 41 -5.93 -6.20 -5.32
CA ALA A 41 -6.32 -7.56 -5.76
C ALA A 41 -5.10 -8.49 -5.70
N SER A 42 -4.21 -8.38 -6.65
CA SER A 42 -3.01 -9.25 -6.63
C SER A 42 -1.80 -8.47 -7.17
N GLU A 43 -0.62 -8.81 -6.75
CA GLU A 43 0.59 -8.08 -7.24
C GLU A 43 0.70 -8.24 -8.76
N GLU A 44 0.38 -9.41 -9.26
CA GLU A 44 0.47 -9.62 -10.73
C GLU A 44 -0.26 -8.50 -11.46
N LEU A 45 -1.54 -8.37 -11.23
CA LEU A 45 -2.32 -7.29 -11.92
C LEU A 45 -1.71 -5.94 -11.56
N VAL A 46 -1.75 -5.56 -10.31
CA VAL A 46 -1.18 -4.25 -9.91
C VAL A 46 0.06 -3.95 -10.76
N ASP A 47 0.81 -4.95 -11.11
CA ASP A 47 2.03 -4.72 -11.93
C ASP A 47 1.62 -4.50 -13.39
N GLU A 48 0.60 -5.18 -13.83
CA GLU A 48 0.15 -5.01 -15.25
C GLU A 48 -0.36 -3.58 -15.45
N TYR A 49 -0.85 -2.97 -14.41
CA TYR A 49 -1.36 -1.58 -14.55
C TYR A 49 -0.17 -0.61 -14.66
N LEU A 50 0.76 -0.71 -13.76
CA LEU A 50 1.95 0.20 -13.81
C LEU A 50 2.48 0.26 -15.24
N LYS A 51 2.21 -0.75 -16.03
CA LYS A 51 2.70 -0.74 -17.43
C LYS A 51 1.87 0.24 -18.27
N ASN A 52 0.57 0.21 -18.12
CA ASN A 52 -0.29 1.14 -18.89
C ASN A 52 -1.15 1.96 -17.93
N PRO A 53 -0.58 2.95 -17.31
CA PRO A 53 -1.29 3.83 -16.35
C PRO A 53 -2.65 4.30 -16.90
N SER A 54 -3.55 4.67 -16.02
CA SER A 54 -4.89 5.15 -16.49
C SER A 54 -5.87 5.09 -15.33
N ILE A 55 -6.81 6.00 -15.28
CA ILE A 55 -7.81 6.01 -14.18
C ILE A 55 -8.99 5.12 -14.56
N GLY A 56 -8.81 4.23 -15.50
CA GLY A 56 -9.93 3.34 -15.92
C GLY A 56 -9.65 1.91 -15.47
N LYS A 57 -8.45 1.44 -15.69
CA LYS A 57 -8.11 0.05 -15.29
C LYS A 57 -7.96 -0.02 -13.77
N LEU A 58 -7.91 1.11 -13.11
CA LEU A 58 -7.78 1.11 -11.64
C LEU A 58 -9.05 0.58 -11.00
N SER A 59 -10.17 0.74 -11.66
CA SER A 59 -11.46 0.23 -11.09
C SER A 59 -11.44 -1.30 -11.04
N GLU A 60 -10.56 -1.90 -11.80
CA GLU A 60 -10.49 -3.40 -11.80
C GLU A 60 -9.53 -3.86 -10.69
N VAL A 61 -8.41 -3.19 -10.54
CA VAL A 61 -7.44 -3.59 -9.49
C VAL A 61 -7.93 -3.11 -8.12
N VAL A 62 -7.98 -1.83 -7.91
CA VAL A 62 -8.45 -1.30 -6.60
C VAL A 62 -9.95 -1.55 -6.47
N GLU A 63 -10.33 -2.38 -5.54
CA GLU A 63 -11.78 -2.67 -5.34
C GLU A 63 -12.45 -1.49 -4.63
N LEU A 64 -12.01 -1.19 -3.44
CA LEU A 64 -12.62 -0.05 -2.69
C LEU A 64 -11.73 1.19 -2.85
N PHE A 65 -12.31 2.36 -2.79
CA PHE A 65 -11.49 3.60 -2.93
C PHE A 65 -11.31 4.25 -1.56
N GLU A 66 -10.85 3.49 -0.60
CA GLU A 66 -10.64 4.06 0.77
C GLU A 66 -9.30 3.57 1.33
N VAL A 67 -8.78 4.26 2.31
CA VAL A 67 -7.47 3.83 2.89
C VAL A 67 -7.68 3.42 4.36
N PHE A 68 -6.98 2.43 4.82
CA PHE A 68 -7.14 2.00 6.24
C PHE A 68 -5.81 2.17 6.97
N THR A 69 -5.86 2.33 8.27
CA THR A 69 -4.60 2.51 9.04
C THR A 69 -4.74 1.84 10.42
N PRO A 70 -3.65 1.48 11.02
CA PRO A 70 -3.65 0.82 12.36
C PRO A 70 -4.05 1.77 13.48
N GLN A 71 -4.89 1.34 14.37
CA GLN A 71 -5.32 2.23 15.49
C GLN A 71 -4.10 2.63 16.32
N ASP A 72 -3.08 1.82 16.32
CA ASP A 72 -1.86 2.15 17.11
C ASP A 72 -0.66 2.30 16.17
N GLY A 73 0.32 1.47 16.31
CA GLY A 73 1.52 1.55 15.42
C GLY A 73 2.06 0.15 15.14
N ARG A 74 1.80 -0.78 16.02
CA ARG A 74 2.31 -2.17 15.80
C ARG A 74 1.15 -3.16 15.98
N GLY A 75 0.55 -3.58 14.90
CA GLY A 75 -0.57 -4.56 15.00
C GLY A 75 -0.95 -5.05 13.61
N ALA A 76 -0.85 -6.33 13.37
CA ALA A 76 -1.20 -6.88 12.03
C ALA A 76 -2.39 -7.84 12.17
N GLU A 77 -2.89 -8.01 13.36
CA GLU A 77 -4.04 -8.93 13.56
C GLU A 77 -5.24 -8.15 14.08
N GLY A 78 -6.43 -8.54 13.70
CA GLY A 78 -7.64 -7.80 14.18
C GLY A 78 -8.20 -6.95 13.05
N GLU A 79 -8.95 -5.93 13.37
CA GLU A 79 -9.53 -5.05 12.31
C GLU A 79 -8.70 -3.78 12.19
N LEU A 80 -8.96 -2.98 11.20
CA LEU A 80 -8.18 -1.72 11.03
C LEU A 80 -9.12 -0.51 11.12
N GLY A 81 -8.58 0.66 11.14
CA GLY A 81 -9.44 1.88 11.23
C GLY A 81 -9.52 2.55 9.86
N ALA A 82 -10.08 3.74 9.80
CA ALA A 82 -10.19 4.44 8.50
C ALA A 82 -9.55 5.83 8.61
N ALA A 83 -8.50 6.06 7.89
CA ALA A 83 -7.83 7.39 7.96
C ALA A 83 -8.86 8.50 7.69
N SER A 84 -8.61 9.68 8.19
CA SER A 84 -9.57 10.79 7.96
C SER A 84 -9.10 11.65 6.79
N LYS A 85 -10.01 12.22 6.05
CA LYS A 85 -9.61 13.07 4.89
C LYS A 85 -8.45 13.99 5.31
N ALA A 86 -8.22 14.12 6.59
CA ALA A 86 -7.11 15.00 7.06
C ALA A 86 -5.79 14.21 7.02
N GLN A 87 -5.79 13.03 7.57
CA GLN A 87 -4.54 12.22 7.56
C GLN A 87 -4.01 12.08 6.13
N VAL A 88 -4.89 11.81 5.19
CA VAL A 88 -4.44 11.67 3.78
C VAL A 88 -4.00 13.04 3.24
N GLU A 89 -4.72 14.08 3.56
CA GLU A 89 -4.35 15.43 3.07
C GLU A 89 -2.99 15.83 3.66
N ASN A 90 -2.78 15.52 4.91
CA ASN A 90 -1.47 15.89 5.55
C ASN A 90 -0.33 15.25 4.77
N GLU A 91 -0.50 14.03 4.34
CA GLU A 91 0.58 13.34 3.57
C GLU A 91 0.66 13.94 2.17
N PHE A 92 -0.34 13.72 1.36
CA PHE A 92 -0.31 14.27 -0.02
C PHE A 92 -0.97 15.65 -0.03
N GLY A 93 -2.27 15.70 0.04
CA GLY A 93 -2.97 17.02 0.04
C GLY A 93 -4.26 16.92 -0.77
N LYS A 94 -5.12 17.90 -0.66
CA LYS A 94 -6.39 17.85 -1.43
C LYS A 94 -6.15 18.35 -2.86
N GLY A 95 -4.94 18.76 -3.15
CA GLY A 95 -4.64 19.26 -4.53
C GLY A 95 -4.81 18.12 -5.54
N LYS A 96 -5.05 16.92 -5.05
CA LYS A 96 -5.23 15.77 -5.98
C LYS A 96 -6.44 14.95 -5.55
N LYS A 97 -7.12 14.35 -6.50
CA LYS A 97 -8.32 13.54 -6.14
C LYS A 97 -7.89 12.31 -5.34
N ILE A 98 -8.77 11.35 -5.17
CA ILE A 98 -8.42 10.13 -4.40
C ILE A 98 -7.76 9.11 -5.34
N GLU A 99 -8.25 9.02 -6.56
CA GLU A 99 -7.67 8.05 -7.51
C GLU A 99 -6.20 8.39 -7.77
N GLU A 100 -5.84 9.63 -7.64
CA GLU A 100 -4.43 10.04 -7.88
C GLU A 100 -3.58 9.64 -6.67
N VAL A 101 -4.07 9.90 -5.48
CA VAL A 101 -3.28 9.53 -4.26
C VAL A 101 -2.89 8.06 -4.33
N ILE A 102 -3.82 7.21 -4.66
CA ILE A 102 -3.50 5.75 -4.73
C ILE A 102 -2.43 5.52 -5.78
N ASP A 103 -2.50 6.21 -6.90
CA ASP A 103 -1.48 6.02 -7.96
C ASP A 103 -0.08 6.09 -7.34
N LEU A 104 0.20 7.15 -6.62
CA LEU A 104 1.56 7.27 -5.99
C LEU A 104 1.81 6.08 -5.07
N ILE A 105 0.77 5.56 -4.46
CA ILE A 105 0.94 4.39 -3.55
C ILE A 105 1.35 3.16 -4.37
N LEU A 106 0.94 3.10 -5.60
CA LEU A 106 1.30 1.92 -6.44
C LEU A 106 2.71 2.13 -7.02
N ARG A 107 3.12 3.35 -7.17
CA ARG A 107 4.49 3.61 -7.73
C ARG A 107 5.49 3.76 -6.57
N ASN A 108 5.04 3.57 -5.37
CA ASN A 108 5.98 3.71 -4.20
C ASN A 108 5.36 3.00 -2.98
N GLY A 109 5.07 1.73 -3.10
CA GLY A 109 4.47 1.00 -1.95
C GLY A 109 5.58 0.28 -1.18
N LYS A 110 5.40 -0.98 -0.89
CA LYS A 110 6.43 -1.73 -0.14
C LYS A 110 6.32 -3.22 -0.48
N PRO A 111 6.53 -3.57 -1.72
CA PRO A 111 6.45 -4.97 -2.19
C PRO A 111 7.66 -5.81 -1.75
N ASN A 112 7.44 -6.78 -0.91
CA ASN A 112 8.57 -7.62 -0.43
C ASN A 112 8.83 -8.76 -1.43
N SER A 113 7.95 -9.72 -1.47
CA SER A 113 8.13 -10.84 -2.43
C SER A 113 9.45 -11.56 -2.13
N THR A 114 9.39 -12.81 -1.79
CA THR A 114 10.64 -13.57 -1.48
C THR A 114 10.82 -14.69 -2.50
N THR A 115 11.84 -14.62 -3.31
CA THR A 115 12.07 -15.69 -4.31
C THR A 115 13.50 -15.59 -4.85
N SER A 116 13.70 -14.83 -5.91
CA SER A 116 15.06 -14.69 -6.47
C SER A 116 15.71 -16.07 -6.62
N SER A 117 14.91 -17.09 -6.74
CA SER A 117 15.47 -18.47 -6.87
C SER A 117 15.59 -18.83 -8.36
N LEU A 118 15.57 -20.09 -8.69
CA LEU A 118 15.69 -20.50 -10.11
C LEU A 118 14.32 -20.36 -10.79
N LYS A 119 14.27 -20.51 -12.08
CA LYS A 119 12.97 -20.39 -12.80
C LYS A 119 12.03 -21.49 -12.33
N THR A 120 10.97 -21.13 -11.63
CA THR A 120 10.01 -22.16 -11.14
C THR A 120 8.61 -21.82 -11.64
N LYS A 121 8.37 -21.96 -12.91
CA LYS A 121 7.02 -21.65 -13.46
C LYS A 121 6.29 -22.95 -13.80
N GLY A 122 5.09 -22.85 -14.28
CA GLY A 122 4.32 -24.09 -14.63
C GLY A 122 2.84 -23.74 -14.77
N GLY A 123 2.42 -23.29 -15.92
CA GLY A 123 0.99 -22.95 -16.12
C GLY A 123 0.21 -24.20 -16.50
N ASN A 124 -0.81 -24.52 -15.74
CA ASN A 124 -1.63 -25.73 -16.06
C ASN A 124 -3.05 -25.32 -16.41
N ALA A 125 -3.29 -24.05 -16.60
CA ALA A 125 -4.66 -23.59 -16.94
C ALA A 125 -4.99 -23.97 -18.39
N GLY A 126 -4.79 -25.20 -18.75
CA GLY A 126 -5.09 -25.63 -20.14
C GLY A 126 -4.02 -25.08 -21.09
N THR A 127 -3.36 -25.93 -21.82
CA THR A 127 -2.31 -25.45 -22.76
C THR A 127 -2.90 -25.31 -24.16
N LYS A 128 -3.79 -26.19 -24.53
CA LYS A 128 -4.39 -26.11 -25.89
C LYS A 128 -5.92 -26.26 -25.77
N ALA A 129 -6.63 -25.17 -25.86
CA ALA A 129 -8.11 -25.25 -25.76
C ALA A 129 -8.68 -25.92 -27.00
N TYR A 130 -8.17 -27.07 -27.36
CA TYR A 130 -8.67 -27.77 -28.57
C TYR A 130 -8.40 -26.93 -29.81
N ASN A 131 -7.17 -26.54 -30.02
CA ASN A 131 -6.85 -25.71 -31.21
C ASN A 131 -6.62 -26.62 -32.42
N MET A 21 -12.84 -18.00 -4.26
CA MET A 21 -12.10 -18.36 -5.49
C MET A 21 -11.15 -17.23 -5.88
N SER A 22 -10.42 -16.71 -4.93
CA SER A 22 -9.49 -15.59 -5.25
C SER A 22 -8.77 -15.14 -3.96
N THR A 23 -7.57 -14.66 -4.08
CA THR A 23 -6.83 -14.21 -2.87
C THR A 23 -6.42 -12.75 -3.03
N VAL A 24 -7.01 -11.86 -2.28
CA VAL A 24 -6.66 -10.43 -2.39
C VAL A 24 -5.26 -10.19 -1.83
N THR A 25 -4.85 -8.96 -1.73
CA THR A 25 -3.49 -8.66 -1.18
C THR A 25 -3.50 -7.31 -0.48
N LYS A 26 -2.91 -7.22 0.67
CA LYS A 26 -2.88 -5.92 1.41
C LYS A 26 -1.54 -5.23 1.17
N TYR A 27 -1.56 -3.99 0.77
CA TYR A 27 -0.28 -3.26 0.54
C TYR A 27 -0.02 -2.29 1.70
N PHE A 28 1.21 -1.88 1.86
CA PHE A 28 1.53 -0.93 2.97
C PHE A 28 2.28 0.28 2.41
N TYR A 29 2.25 1.38 3.10
CA TYR A 29 2.96 2.58 2.61
C TYR A 29 3.58 3.34 3.80
N LYS A 30 4.84 3.67 3.72
CA LYS A 30 5.48 4.40 4.84
C LYS A 30 5.67 5.87 4.45
N GLY A 31 4.88 6.75 4.99
CA GLY A 31 5.01 8.19 4.65
C GLY A 31 5.99 8.87 5.63
N GLU A 32 5.80 10.13 5.88
CA GLU A 32 6.71 10.84 6.83
C GLU A 32 6.85 10.03 8.11
N ASN A 33 5.74 9.65 8.70
CA ASN A 33 5.80 8.86 9.97
C ASN A 33 4.62 7.91 10.03
N THR A 34 3.43 8.39 9.74
CA THR A 34 2.23 7.52 9.80
C THR A 34 2.25 6.55 8.61
N ASP A 35 1.81 5.34 8.81
CA ASP A 35 1.81 4.36 7.68
C ASP A 35 0.37 4.14 7.20
N LEU A 36 0.17 4.08 5.92
CA LEU A 36 -1.21 3.87 5.39
C LEU A 36 -1.29 2.50 4.71
N ILE A 37 -2.48 1.96 4.60
CA ILE A 37 -2.63 0.62 3.96
C ILE A 37 -3.74 0.70 2.91
N VAL A 38 -3.68 -0.16 1.92
CA VAL A 38 -4.73 -0.14 0.87
C VAL A 38 -5.14 -1.57 0.52
N PHE A 39 -6.06 -1.74 -0.39
CA PHE A 39 -6.49 -3.11 -0.78
C PHE A 39 -6.21 -3.34 -2.26
N ALA A 40 -6.03 -4.57 -2.66
CA ALA A 40 -5.75 -4.85 -4.10
C ALA A 40 -6.11 -6.31 -4.41
N ALA A 41 -5.99 -6.71 -5.65
CA ALA A 41 -6.32 -8.11 -6.01
C ALA A 41 -5.04 -8.95 -6.05
N SER A 42 -4.01 -8.45 -6.68
CA SER A 42 -2.73 -9.22 -6.75
C SER A 42 -1.63 -8.33 -7.33
N GLU A 43 -0.46 -8.38 -6.77
CA GLU A 43 0.65 -7.53 -7.29
C GLU A 43 0.75 -7.70 -8.81
N GLU A 44 0.42 -8.87 -9.30
CA GLU A 44 0.49 -9.10 -10.77
C GLU A 44 -0.29 -8.02 -11.51
N LEU A 45 -1.59 -8.01 -11.35
CA LEU A 45 -2.42 -6.98 -12.04
C LEU A 45 -1.83 -5.59 -11.79
N VAL A 46 -1.52 -5.28 -10.56
CA VAL A 46 -0.93 -3.95 -10.25
C VAL A 46 0.26 -3.69 -11.18
N ASP A 47 1.31 -4.45 -11.04
CA ASP A 47 2.50 -4.24 -11.91
C ASP A 47 2.03 -3.84 -13.32
N GLU A 48 1.03 -4.50 -13.83
CA GLU A 48 0.52 -4.16 -15.18
C GLU A 48 0.00 -2.72 -15.19
N TYR A 49 -0.85 -2.38 -14.26
CA TYR A 49 -1.40 -1.00 -14.21
C TYR A 49 -0.24 0.00 -14.25
N LEU A 50 0.74 -0.18 -13.43
CA LEU A 50 1.90 0.78 -13.42
C LEU A 50 2.27 1.12 -14.87
N LYS A 51 2.56 0.13 -15.66
CA LYS A 51 2.93 0.40 -17.08
C LYS A 51 1.68 0.80 -17.87
N ASN A 52 0.54 0.77 -17.24
CA ASN A 52 -0.71 1.14 -17.96
C ASN A 52 -1.56 2.05 -17.06
N PRO A 53 -1.10 3.25 -16.84
CA PRO A 53 -1.81 4.24 -15.98
C PRO A 53 -3.05 4.82 -16.68
N SER A 54 -4.16 4.85 -16.00
CA SER A 54 -5.41 5.40 -16.62
C SER A 54 -6.58 5.25 -15.66
N ILE A 55 -7.57 6.08 -15.78
CA ILE A 55 -8.75 5.98 -14.87
C ILE A 55 -9.74 4.95 -15.41
N GLY A 56 -9.36 3.71 -15.44
CA GLY A 56 -10.28 2.66 -15.96
C GLY A 56 -9.81 1.28 -15.49
N LYS A 57 -8.57 0.97 -15.70
CA LYS A 57 -8.04 -0.36 -15.26
C LYS A 57 -7.85 -0.36 -13.74
N LEU A 58 -7.64 0.79 -13.16
CA LEU A 58 -7.44 0.86 -11.68
C LEU A 58 -8.67 0.25 -10.99
N SER A 59 -9.83 0.42 -11.55
CA SER A 59 -11.06 -0.13 -10.92
C SER A 59 -10.93 -1.64 -10.78
N GLU A 60 -10.31 -2.29 -11.74
CA GLU A 60 -10.15 -3.76 -11.66
C GLU A 60 -9.10 -4.11 -10.60
N VAL A 61 -8.05 -3.33 -10.52
CA VAL A 61 -6.99 -3.61 -9.51
C VAL A 61 -7.52 -3.29 -8.11
N VAL A 62 -7.72 -2.03 -7.82
CA VAL A 62 -8.23 -1.66 -6.48
C VAL A 62 -9.72 -2.01 -6.38
N GLU A 63 -10.07 -2.90 -5.49
CA GLU A 63 -11.50 -3.29 -5.36
C GLU A 63 -12.23 -2.26 -4.49
N LEU A 64 -11.61 -1.79 -3.44
CA LEU A 64 -12.26 -0.78 -2.57
C LEU A 64 -11.53 0.56 -2.70
N PHE A 65 -12.24 1.61 -2.96
CA PHE A 65 -11.58 2.94 -3.09
C PHE A 65 -11.60 3.66 -1.73
N GLU A 66 -10.73 3.29 -0.85
CA GLU A 66 -10.69 3.94 0.49
C GLU A 66 -9.36 3.64 1.18
N VAL A 67 -8.99 4.42 2.15
CA VAL A 67 -7.70 4.17 2.86
C VAL A 67 -7.98 3.77 4.30
N PHE A 68 -7.20 2.87 4.83
CA PHE A 68 -7.43 2.42 6.23
C PHE A 68 -6.12 2.53 7.02
N THR A 69 -6.21 2.67 8.32
CA THR A 69 -4.97 2.78 9.14
C THR A 69 -4.92 1.62 10.14
N PRO A 70 -3.73 1.19 10.49
CA PRO A 70 -3.53 0.06 11.45
C PRO A 70 -3.87 0.47 12.88
N GLN A 71 -5.09 0.25 13.30
CA GLN A 71 -5.48 0.62 14.68
C GLN A 71 -5.30 -0.59 15.60
N ASP A 72 -5.95 -0.59 16.73
CA ASP A 72 -5.81 -1.74 17.67
C ASP A 72 -6.16 -3.05 16.95
N GLY A 73 -5.27 -4.00 16.95
CA GLY A 73 -5.55 -5.29 16.27
C GLY A 73 -4.23 -6.02 15.99
N ARG A 74 -4.27 -7.33 15.94
CA ARG A 74 -3.03 -8.10 15.68
C ARG A 74 -3.30 -9.17 14.63
N GLY A 75 -2.81 -8.97 13.44
CA GLY A 75 -3.05 -9.98 12.36
C GLY A 75 -3.49 -9.27 11.08
N ALA A 76 -3.03 -8.07 10.86
CA ALA A 76 -3.43 -7.33 9.64
C ALA A 76 -4.96 -7.34 9.51
N GLU A 77 -5.65 -7.42 10.61
CA GLU A 77 -7.14 -7.43 10.55
C GLU A 77 -7.70 -7.42 11.98
N GLY A 78 -8.16 -6.27 12.43
CA GLY A 78 -8.71 -6.18 13.81
C GLY A 78 -9.23 -4.77 14.07
N GLU A 79 -10.48 -4.53 13.77
CA GLU A 79 -11.05 -3.16 13.99
C GLU A 79 -10.15 -2.12 13.32
N LEU A 80 -10.29 -1.96 12.04
CA LEU A 80 -9.45 -0.96 11.31
C LEU A 80 -10.01 0.44 11.56
N GLY A 81 -9.28 1.46 11.18
CA GLY A 81 -9.77 2.86 11.39
C GLY A 81 -9.64 3.65 10.08
N ALA A 82 -10.75 3.94 9.45
CA ALA A 82 -10.69 4.70 8.17
C ALA A 82 -9.87 5.98 8.38
N ALA A 83 -9.10 6.36 7.40
CA ALA A 83 -8.27 7.59 7.53
C ALA A 83 -9.09 8.80 7.12
N SER A 84 -8.93 9.91 7.80
CA SER A 84 -9.71 11.12 7.43
C SER A 84 -8.94 11.93 6.38
N LYS A 85 -9.64 12.60 5.50
CA LYS A 85 -8.95 13.39 4.45
C LYS A 85 -7.75 14.11 5.06
N ALA A 86 -7.72 14.25 6.36
CA ALA A 86 -6.58 14.95 7.01
C ALA A 86 -5.31 14.10 6.87
N GLN A 87 -5.33 12.92 7.42
CA GLN A 87 -4.13 12.03 7.33
C GLN A 87 -3.72 11.89 5.86
N VAL A 88 -4.68 11.87 4.96
CA VAL A 88 -4.33 11.73 3.52
C VAL A 88 -3.72 13.04 3.02
N GLU A 89 -4.11 14.15 3.58
CA GLU A 89 -3.54 15.45 3.12
C GLU A 89 -2.07 15.53 3.54
N ASN A 90 -1.81 15.54 4.82
CA ASN A 90 -0.40 15.62 5.29
C ASN A 90 0.50 14.76 4.39
N GLU A 91 -0.08 13.81 3.70
CA GLU A 91 0.73 12.95 2.80
C GLU A 91 0.87 13.62 1.43
N PHE A 92 -0.21 13.73 0.70
CA PHE A 92 -0.13 14.39 -0.63
C PHE A 92 -0.95 15.68 -0.62
N GLY A 93 -1.12 16.27 0.52
CA GLY A 93 -1.91 17.54 0.60
C GLY A 93 -3.27 17.33 -0.06
N LYS A 94 -3.95 18.39 -0.40
CA LYS A 94 -5.28 18.25 -1.06
C LYS A 94 -5.18 18.69 -2.52
N GLY A 95 -6.23 19.21 -3.07
CA GLY A 95 -6.19 19.66 -4.50
C GLY A 95 -6.20 18.42 -5.41
N LYS A 96 -5.73 17.31 -4.92
CA LYS A 96 -5.71 16.08 -5.76
C LYS A 96 -7.00 15.29 -5.54
N LYS A 97 -7.08 14.11 -6.08
CA LYS A 97 -8.31 13.28 -5.90
C LYS A 97 -7.94 11.94 -5.27
N ILE A 98 -8.87 11.30 -4.63
CA ILE A 98 -8.58 9.99 -3.99
C ILE A 98 -7.92 9.06 -5.02
N GLU A 99 -8.24 9.21 -6.27
CA GLU A 99 -7.64 8.35 -7.31
C GLU A 99 -6.14 8.63 -7.40
N GLU A 100 -5.77 9.87 -7.51
CA GLU A 100 -4.31 10.22 -7.59
C GLU A 100 -3.59 9.68 -6.37
N VAL A 101 -4.07 10.00 -5.20
CA VAL A 101 -3.40 9.50 -3.96
C VAL A 101 -3.14 8.00 -4.09
N ILE A 102 -4.17 7.23 -4.28
CA ILE A 102 -3.97 5.76 -4.41
C ILE A 102 -2.97 5.47 -5.52
N ASP A 103 -3.07 6.17 -6.62
CA ASP A 103 -2.13 5.93 -7.74
C ASP A 103 -0.68 6.02 -7.23
N LEU A 104 -0.36 7.08 -6.53
CA LEU A 104 1.02 7.22 -6.00
C LEU A 104 1.33 6.06 -5.07
N ILE A 105 0.41 5.69 -4.22
CA ILE A 105 0.66 4.55 -3.29
C ILE A 105 1.23 3.37 -4.06
N LEU A 106 0.49 2.83 -4.99
CA LEU A 106 0.99 1.68 -5.78
C LEU A 106 2.32 2.05 -6.43
N ARG A 107 2.57 3.31 -6.62
CA ARG A 107 3.85 3.73 -7.25
C ARG A 107 5.01 3.41 -6.32
N ASN A 108 4.81 3.55 -5.04
CA ASN A 108 5.90 3.24 -4.07
C ASN A 108 5.78 1.80 -3.60
N GLY A 109 4.88 1.53 -2.69
CA GLY A 109 4.70 0.14 -2.20
C GLY A 109 5.76 -0.15 -1.12
N LYS A 110 5.34 -0.66 0.01
CA LYS A 110 6.32 -0.97 1.09
C LYS A 110 6.21 -2.44 1.47
N PRO A 111 6.61 -3.32 0.58
CA PRO A 111 6.56 -4.79 0.82
C PRO A 111 7.67 -5.26 1.76
N ASN A 112 8.44 -4.35 2.29
CA ASN A 112 9.53 -4.75 3.23
C ASN A 112 9.52 -3.82 4.45
N SER A 113 9.57 -4.38 5.63
CA SER A 113 9.56 -3.54 6.86
C SER A 113 10.93 -3.65 7.55
N THR A 114 11.23 -2.71 8.41
CA THR A 114 12.54 -2.77 9.12
C THR A 114 12.35 -2.36 10.58
N THR A 115 13.07 -2.97 11.49
CA THR A 115 12.92 -2.62 12.92
C THR A 115 11.44 -2.51 13.27
N SER A 116 11.12 -1.93 14.40
CA SER A 116 9.70 -1.81 14.80
C SER A 116 8.99 -3.14 14.61
N SER A 117 8.90 -3.93 15.65
CA SER A 117 8.21 -5.24 15.52
C SER A 117 7.57 -5.62 16.86
N LEU A 118 7.06 -6.81 16.98
CA LEU A 118 6.41 -7.23 18.26
C LEU A 118 7.40 -7.03 19.41
N LYS A 119 7.03 -6.25 20.39
CA LYS A 119 7.94 -6.01 21.54
C LYS A 119 7.68 -7.06 22.62
N THR A 120 8.63 -7.93 22.86
CA THR A 120 8.43 -8.97 23.90
C THR A 120 9.78 -9.63 24.24
N LYS A 121 10.85 -9.00 23.84
CA LYS A 121 12.20 -9.58 24.14
C LYS A 121 13.15 -8.48 24.58
N GLY A 122 14.02 -8.77 25.50
CA GLY A 122 14.98 -7.72 25.98
C GLY A 122 14.23 -6.67 26.78
N GLY A 123 14.75 -6.28 27.91
CA GLY A 123 14.06 -5.25 28.74
C GLY A 123 14.01 -5.72 30.19
N ASN A 124 14.04 -7.00 30.42
CA ASN A 124 14.00 -7.51 31.82
C ASN A 124 15.29 -7.12 32.54
N ALA A 125 15.54 -5.85 32.68
CA ALA A 125 16.78 -5.41 33.38
C ALA A 125 16.56 -5.46 34.89
N GLY A 126 15.61 -4.71 35.38
CA GLY A 126 15.35 -4.72 36.85
C GLY A 126 14.31 -3.64 37.18
N THR A 127 14.71 -2.61 37.87
CA THR A 127 13.75 -1.53 38.22
C THR A 127 13.56 -0.60 37.03
N LYS A 128 13.99 -1.00 35.87
CA LYS A 128 13.84 -0.14 34.67
C LYS A 128 13.11 -0.90 33.57
N ALA A 129 11.81 -0.99 33.66
CA ALA A 129 11.04 -1.73 32.62
C ALA A 129 9.69 -1.04 32.40
N TYR A 130 8.61 -1.78 32.49
CA TYR A 130 7.27 -1.16 32.28
C TYR A 130 6.22 -1.96 33.06
N ASN A 131 5.19 -1.30 33.53
CA ASN A 131 4.14 -2.01 34.30
C ASN A 131 2.77 -1.65 33.74
N MET A 21 -9.73 -17.22 2.24
CA MET A 21 -9.06 -16.18 3.08
C MET A 21 -8.05 -15.41 2.23
N SER A 22 -7.23 -16.11 1.48
CA SER A 22 -6.23 -15.41 0.64
C SER A 22 -6.93 -14.72 -0.54
N THR A 23 -8.14 -14.26 -0.33
CA THR A 23 -8.87 -13.59 -1.44
C THR A 23 -7.99 -12.49 -2.05
N VAL A 24 -8.09 -11.30 -1.54
CA VAL A 24 -7.26 -10.18 -2.09
C VAL A 24 -6.13 -9.87 -1.11
N THR A 25 -5.11 -9.19 -1.57
CA THR A 25 -3.97 -8.86 -0.68
C THR A 25 -4.08 -7.40 -0.23
N LYS A 26 -3.10 -6.90 0.46
CA LYS A 26 -3.14 -5.49 0.93
C LYS A 26 -1.79 -4.82 0.69
N TYR A 27 -1.79 -3.63 0.14
CA TYR A 27 -0.50 -2.93 -0.13
C TYR A 27 -0.23 -1.92 1.00
N PHE A 28 0.85 -2.09 1.71
CA PHE A 28 1.17 -1.13 2.81
C PHE A 28 1.85 0.11 2.23
N TYR A 29 1.95 1.16 3.00
CA TYR A 29 2.60 2.40 2.49
C TYR A 29 2.92 3.32 3.66
N LYS A 30 4.17 3.48 3.99
CA LYS A 30 4.54 4.37 5.12
C LYS A 30 4.77 5.80 4.60
N GLY A 31 3.83 6.67 4.81
CA GLY A 31 3.99 8.06 4.33
C GLY A 31 5.10 8.76 5.11
N GLU A 32 5.09 10.06 5.17
CA GLU A 32 6.15 10.79 5.91
C GLU A 32 6.32 10.16 7.31
N ASN A 33 5.34 10.30 8.15
CA ASN A 33 5.44 9.71 9.52
C ASN A 33 4.20 8.86 9.80
N THR A 34 3.10 9.17 9.17
CA THR A 34 1.86 8.38 9.41
C THR A 34 1.89 7.11 8.56
N ASP A 35 1.18 6.09 8.96
CA ASP A 35 1.18 4.82 8.18
C ASP A 35 -0.22 4.59 7.60
N LEU A 36 -0.30 4.19 6.35
CA LEU A 36 -1.63 3.95 5.74
C LEU A 36 -1.63 2.60 5.01
N ILE A 37 -2.76 1.98 4.87
CA ILE A 37 -2.82 0.67 4.18
C ILE A 37 -3.99 0.67 3.19
N VAL A 38 -3.83 0.00 2.07
CA VAL A 38 -4.93 -0.04 1.07
C VAL A 38 -5.13 -1.48 0.59
N PHE A 39 -6.15 -1.72 -0.18
CA PHE A 39 -6.40 -3.10 -0.68
C PHE A 39 -6.07 -3.17 -2.18
N ALA A 40 -5.61 -4.31 -2.64
CA ALA A 40 -5.28 -4.44 -4.09
C ALA A 40 -5.85 -5.75 -4.62
N ALA A 41 -5.67 -6.01 -5.89
CA ALA A 41 -6.21 -7.27 -6.47
C ALA A 41 -5.14 -8.36 -6.42
N SER A 42 -3.99 -8.10 -6.98
CA SER A 42 -2.90 -9.11 -6.97
C SER A 42 -1.61 -8.49 -7.52
N GLU A 43 -0.50 -9.15 -7.33
CA GLU A 43 0.79 -8.59 -7.83
C GLU A 43 0.83 -8.69 -9.36
N GLU A 44 0.05 -9.58 -9.92
CA GLU A 44 0.04 -9.73 -11.41
C GLU A 44 -0.62 -8.50 -12.04
N LEU A 45 -1.89 -8.33 -11.82
CA LEU A 45 -2.60 -7.15 -12.41
C LEU A 45 -1.86 -5.87 -12.03
N VAL A 46 -1.56 -5.70 -10.77
CA VAL A 46 -0.84 -4.46 -10.34
C VAL A 46 0.39 -4.25 -11.24
N ASP A 47 1.19 -5.26 -11.42
CA ASP A 47 2.39 -5.10 -12.29
C ASP A 47 1.95 -4.67 -13.69
N GLU A 48 0.79 -5.05 -14.10
CA GLU A 48 0.31 -4.66 -15.46
C GLU A 48 -0.07 -3.18 -15.46
N TYR A 49 -0.59 -2.69 -14.37
CA TYR A 49 -0.99 -1.26 -14.30
C TYR A 49 0.25 -0.38 -14.48
N LEU A 50 1.31 -0.67 -13.76
CA LEU A 50 2.55 0.14 -13.89
C LEU A 50 2.82 0.41 -15.37
N LYS A 51 2.99 -0.61 -16.15
CA LYS A 51 3.26 -0.40 -17.61
C LYS A 51 2.03 0.22 -18.27
N ASN A 52 0.89 0.11 -17.64
CA ASN A 52 -0.35 0.69 -18.24
C ASN A 52 -0.96 1.70 -17.26
N PRO A 53 -0.52 2.93 -17.33
CA PRO A 53 -1.02 4.01 -16.44
C PRO A 53 -2.38 4.57 -16.90
N SER A 54 -3.35 3.71 -17.06
CA SER A 54 -4.68 4.18 -17.52
C SER A 54 -5.66 4.14 -16.33
N ILE A 55 -5.98 5.27 -15.78
CA ILE A 55 -6.92 5.29 -14.62
C ILE A 55 -8.09 4.33 -14.89
N GLY A 56 -8.46 4.18 -16.13
CA GLY A 56 -9.59 3.26 -16.46
C GLY A 56 -9.29 1.87 -15.90
N LYS A 57 -8.06 1.42 -16.02
CA LYS A 57 -7.72 0.07 -15.49
C LYS A 57 -7.67 0.11 -13.97
N LEU A 58 -7.38 1.25 -13.40
CA LEU A 58 -7.32 1.35 -11.91
C LEU A 58 -8.61 0.80 -11.32
N SER A 59 -9.72 1.07 -11.92
CA SER A 59 -11.02 0.56 -11.38
C SER A 59 -10.97 -0.97 -11.31
N GLU A 60 -10.10 -1.58 -12.06
CA GLU A 60 -10.00 -3.06 -12.02
C GLU A 60 -9.05 -3.50 -10.90
N VAL A 61 -8.02 -2.73 -10.66
CA VAL A 61 -7.06 -3.09 -9.59
C VAL A 61 -7.68 -2.78 -8.22
N VAL A 62 -7.78 -1.53 -7.88
CA VAL A 62 -8.37 -1.16 -6.57
C VAL A 62 -9.78 -1.73 -6.46
N GLU A 63 -10.02 -2.59 -5.52
CA GLU A 63 -11.38 -3.18 -5.36
C GLU A 63 -12.25 -2.26 -4.50
N LEU A 64 -11.64 -1.59 -3.56
CA LEU A 64 -12.43 -0.67 -2.67
C LEU A 64 -11.65 0.63 -2.47
N PHE A 65 -12.16 1.72 -2.96
CA PHE A 65 -11.46 3.02 -2.79
C PHE A 65 -11.54 3.47 -1.33
N GLU A 66 -10.56 3.15 -0.54
CA GLU A 66 -10.58 3.56 0.88
C GLU A 66 -9.19 3.35 1.50
N VAL A 67 -8.90 4.03 2.57
CA VAL A 67 -7.56 3.86 3.22
C VAL A 67 -7.74 3.58 4.71
N PHE A 68 -6.95 2.70 5.25
CA PHE A 68 -7.08 2.37 6.70
C PHE A 68 -5.76 2.70 7.41
N THR A 69 -5.63 2.30 8.65
CA THR A 69 -4.37 2.59 9.39
C THR A 69 -4.44 1.95 10.78
N PRO A 70 -3.30 1.56 11.31
CA PRO A 70 -3.21 0.92 12.64
C PRO A 70 -3.49 1.92 13.78
N GLN A 71 -4.71 2.02 14.22
CA GLN A 71 -5.03 2.96 15.32
C GLN A 71 -4.15 2.66 16.53
N ASP A 72 -4.01 1.41 16.88
CA ASP A 72 -3.16 1.06 18.05
C ASP A 72 -3.10 -0.47 18.19
N GLY A 73 -2.16 -0.97 18.95
CA GLY A 73 -2.05 -2.44 19.13
C GLY A 73 -0.61 -2.88 18.89
N ARG A 74 0.15 -2.10 18.17
CA ARG A 74 1.56 -2.47 17.90
C ARG A 74 1.61 -3.80 17.16
N GLY A 75 1.81 -3.77 15.87
CA GLY A 75 1.86 -5.05 15.09
C GLY A 75 1.08 -4.87 13.78
N ALA A 76 1.15 -5.83 12.90
CA ALA A 76 0.43 -5.72 11.61
C ALA A 76 -0.86 -6.55 11.68
N GLU A 77 -1.93 -6.03 11.15
CA GLU A 77 -3.22 -6.78 11.18
C GLU A 77 -3.62 -7.04 12.64
N GLY A 78 -4.36 -6.14 13.22
CA GLY A 78 -4.79 -6.34 14.63
C GLY A 78 -5.32 -5.02 15.20
N GLU A 79 -6.60 -4.78 15.03
CA GLU A 79 -7.18 -3.51 15.55
C GLU A 79 -6.78 -2.34 14.64
N LEU A 80 -7.44 -2.19 13.54
CA LEU A 80 -7.09 -1.07 12.61
C LEU A 80 -8.19 0.01 12.67
N GLY A 81 -8.02 1.07 11.93
CA GLY A 81 -9.06 2.14 11.95
C GLY A 81 -9.19 2.74 10.54
N ALA A 82 -9.87 3.85 10.42
CA ALA A 82 -10.05 4.47 9.07
C ALA A 82 -9.41 5.87 9.08
N ALA A 83 -8.32 6.03 8.37
CA ALA A 83 -7.65 7.36 8.33
C ALA A 83 -8.69 8.43 7.98
N SER A 84 -8.43 9.66 8.36
CA SER A 84 -9.40 10.75 8.05
C SER A 84 -8.99 11.43 6.75
N LYS A 85 -9.93 12.05 6.08
CA LYS A 85 -9.59 12.73 4.79
C LYS A 85 -8.53 13.80 5.04
N ALA A 86 -8.32 14.17 6.28
CA ALA A 86 -7.30 15.21 6.59
C ALA A 86 -5.96 14.53 6.84
N GLN A 87 -5.95 13.41 7.50
CA GLN A 87 -4.66 12.70 7.77
C GLN A 87 -4.00 12.34 6.44
N VAL A 88 -4.74 11.80 5.52
CA VAL A 88 -4.15 11.43 4.21
C VAL A 88 -3.84 12.70 3.40
N GLU A 89 -4.74 13.65 3.41
CA GLU A 89 -4.50 14.89 2.65
C GLU A 89 -3.27 15.62 3.22
N ASN A 90 -2.95 15.35 4.46
CA ASN A 90 -1.76 16.01 5.07
C ASN A 90 -0.49 15.34 4.59
N GLU A 91 -0.56 14.10 4.21
CA GLU A 91 0.65 13.38 3.72
C GLU A 91 0.95 13.81 2.28
N PHE A 92 -0.08 14.10 1.52
CA PHE A 92 0.14 14.52 0.10
C PHE A 92 -0.07 16.04 -0.02
N GLY A 93 -1.25 16.51 0.28
CA GLY A 93 -1.51 17.97 0.18
C GLY A 93 -2.98 18.20 -0.17
N LYS A 94 -3.62 19.15 0.46
CA LYS A 94 -5.05 19.42 0.16
C LYS A 94 -5.17 19.92 -1.29
N GLY A 95 -5.52 19.05 -2.19
CA GLY A 95 -5.67 19.48 -3.62
C GLY A 95 -5.58 18.25 -4.53
N LYS A 96 -5.28 17.11 -3.98
CA LYS A 96 -5.18 15.88 -4.81
C LYS A 96 -6.45 15.05 -4.64
N LYS A 97 -7.07 14.64 -5.71
CA LYS A 97 -8.31 13.83 -5.61
C LYS A 97 -8.00 12.53 -4.85
N ILE A 98 -8.90 11.58 -4.91
CA ILE A 98 -8.66 10.30 -4.18
C ILE A 98 -7.97 9.31 -5.12
N GLU A 99 -8.30 9.34 -6.39
CA GLU A 99 -7.67 8.41 -7.35
C GLU A 99 -6.19 8.79 -7.55
N GLU A 100 -5.90 10.07 -7.52
CA GLU A 100 -4.48 10.51 -7.72
C GLU A 100 -3.65 10.05 -6.52
N VAL A 101 -4.17 10.21 -5.33
CA VAL A 101 -3.40 9.79 -4.11
C VAL A 101 -3.22 8.27 -4.13
N ILE A 102 -4.31 7.54 -4.10
CA ILE A 102 -4.21 6.05 -4.12
C ILE A 102 -3.20 5.61 -5.18
N ASP A 103 -3.11 6.35 -6.26
CA ASP A 103 -2.14 5.97 -7.33
C ASP A 103 -0.71 6.15 -6.82
N LEU A 104 -0.31 7.36 -6.52
CA LEU A 104 1.06 7.58 -6.01
C LEU A 104 1.45 6.44 -5.07
N ILE A 105 0.50 5.87 -4.39
CA ILE A 105 0.82 4.75 -3.45
C ILE A 105 1.05 3.47 -4.25
N LEU A 106 0.15 3.13 -5.12
CA LEU A 106 0.33 1.89 -5.94
C LEU A 106 1.63 1.98 -6.72
N ARG A 107 2.21 3.14 -6.80
CA ARG A 107 3.49 3.29 -7.57
C ARG A 107 4.66 2.87 -6.67
N ASN A 108 4.60 3.19 -5.41
CA ASN A 108 5.71 2.81 -4.49
C ASN A 108 5.48 1.38 -3.98
N GLY A 109 4.48 1.18 -3.18
CA GLY A 109 4.22 -0.19 -2.65
C GLY A 109 5.42 -0.67 -1.86
N LYS A 110 5.25 -0.97 -0.60
CA LYS A 110 6.40 -1.45 0.22
C LYS A 110 5.94 -2.62 1.10
N PRO A 111 5.66 -3.74 0.49
CA PRO A 111 5.21 -4.96 1.20
C PRO A 111 6.12 -5.32 2.38
N ASN A 112 5.92 -4.68 3.51
CA ASN A 112 6.77 -4.99 4.69
C ASN A 112 6.04 -5.93 5.63
N SER A 113 6.30 -7.22 5.53
CA SER A 113 5.61 -8.19 6.42
C SER A 113 6.64 -9.16 7.02
N THR A 114 7.72 -8.63 7.54
CA THR A 114 8.76 -9.51 8.14
C THR A 114 8.18 -10.23 9.36
N THR A 115 7.04 -9.79 9.83
CA THR A 115 6.42 -10.44 11.02
C THR A 115 5.66 -11.69 10.58
N SER A 116 5.71 -12.00 9.31
CA SER A 116 4.98 -13.20 8.82
C SER A 116 5.46 -14.44 9.58
N SER A 117 4.57 -15.16 10.19
CA SER A 117 4.97 -16.37 10.96
C SER A 117 6.04 -15.98 11.99
N LEU A 118 6.70 -16.95 12.57
CA LEU A 118 7.75 -16.65 13.57
C LEU A 118 8.79 -17.77 13.59
N LYS A 119 9.80 -17.64 14.41
CA LYS A 119 10.84 -18.70 14.47
C LYS A 119 11.82 -18.38 15.60
N THR A 120 11.90 -17.14 16.01
CA THR A 120 12.84 -16.77 17.10
C THR A 120 12.67 -15.29 17.44
N LYS A 121 12.30 -14.97 18.65
CA LYS A 121 12.12 -13.55 19.03
C LYS A 121 12.66 -13.33 20.44
N GLY A 122 13.33 -14.30 20.99
CA GLY A 122 13.88 -14.15 22.37
C GLY A 122 15.39 -14.45 22.35
N GLY A 123 15.85 -15.28 23.24
CA GLY A 123 17.30 -15.62 23.28
C GLY A 123 17.47 -17.13 23.42
N ASN A 124 18.42 -17.55 24.21
CA ASN A 124 18.64 -19.02 24.39
C ASN A 124 18.63 -19.35 25.88
N ALA A 125 17.47 -19.41 26.47
CA ALA A 125 17.39 -19.75 27.93
C ALA A 125 17.20 -21.25 28.10
N GLY A 126 17.04 -21.96 27.02
CA GLY A 126 16.84 -23.43 27.12
C GLY A 126 15.96 -23.92 25.97
N THR A 127 14.68 -24.02 26.20
CA THR A 127 13.77 -24.48 25.12
C THR A 127 14.32 -25.75 24.48
N LYS A 128 14.32 -25.84 23.18
CA LYS A 128 14.85 -27.06 22.51
C LYS A 128 16.38 -27.08 22.64
N ALA A 129 16.89 -27.85 23.57
CA ALA A 129 18.37 -27.92 23.74
C ALA A 129 18.79 -29.37 23.98
N TYR A 130 18.06 -30.30 23.43
CA TYR A 130 18.41 -31.74 23.63
C TYR A 130 19.28 -32.21 22.46
N ASN A 131 20.21 -33.09 22.72
CA ASN A 131 21.10 -33.59 21.62
C ASN A 131 21.54 -35.02 21.95
N MET A 21 -9.63 -16.99 -11.11
CA MET A 21 -9.78 -16.52 -9.70
C MET A 21 -8.68 -15.49 -9.41
N SER A 22 -9.04 -14.42 -8.75
CA SER A 22 -8.03 -13.37 -8.43
C SER A 22 -8.03 -13.10 -6.92
N THR A 23 -7.24 -13.82 -6.18
CA THR A 23 -7.20 -13.60 -4.70
C THR A 23 -6.99 -12.11 -4.41
N VAL A 24 -7.02 -11.74 -3.16
CA VAL A 24 -6.82 -10.30 -2.82
C VAL A 24 -5.39 -10.09 -2.31
N THR A 25 -4.99 -8.87 -2.13
CA THR A 25 -3.62 -8.60 -1.64
C THR A 25 -3.61 -7.32 -0.79
N LYS A 26 -2.86 -7.29 0.28
CA LYS A 26 -2.81 -6.08 1.14
C LYS A 26 -1.46 -5.37 0.94
N TYR A 27 -1.49 -4.10 0.65
CA TYR A 27 -0.21 -3.35 0.45
C TYR A 27 0.09 -2.54 1.72
N PHE A 28 1.35 -2.42 2.06
CA PHE A 28 1.72 -1.64 3.28
C PHE A 28 2.48 -0.39 2.87
N TYR A 29 1.99 0.76 3.22
CA TYR A 29 2.67 2.03 2.85
C TYR A 29 2.89 2.88 4.11
N LYS A 30 4.03 3.52 4.21
CA LYS A 30 4.30 4.36 5.41
C LYS A 30 4.07 5.83 5.06
N GLY A 31 3.51 6.58 5.96
CA GLY A 31 3.26 8.03 5.67
C GLY A 31 4.32 8.88 6.39
N GLU A 32 4.10 10.16 6.46
CA GLU A 32 5.11 11.04 7.13
C GLU A 32 4.70 11.24 8.59
N ASN A 33 3.43 11.28 8.87
CA ASN A 33 2.97 11.48 10.27
C ASN A 33 2.34 10.19 10.79
N THR A 34 1.76 9.41 9.92
CA THR A 34 1.13 8.13 10.37
C THR A 34 1.30 7.07 9.28
N ASP A 35 0.82 5.88 9.51
CA ASP A 35 0.96 4.80 8.49
C ASP A 35 -0.34 4.70 7.69
N LEU A 36 -0.29 4.07 6.54
CA LEU A 36 -1.52 3.94 5.71
C LEU A 36 -1.55 2.55 5.08
N ILE A 37 -2.71 1.95 5.03
CA ILE A 37 -2.81 0.58 4.42
C ILE A 37 -3.75 0.63 3.21
N VAL A 38 -3.38 -0.01 2.14
CA VAL A 38 -4.26 0.00 0.93
C VAL A 38 -4.66 -1.43 0.57
N PHE A 39 -5.56 -1.60 -0.36
CA PHE A 39 -5.97 -2.97 -0.75
C PHE A 39 -5.77 -3.16 -2.26
N ALA A 40 -5.77 -4.37 -2.72
CA ALA A 40 -5.59 -4.61 -4.18
C ALA A 40 -6.15 -5.99 -4.54
N ALA A 41 -6.01 -6.39 -5.78
CA ALA A 41 -6.55 -7.72 -6.20
C ALA A 41 -5.38 -8.69 -6.40
N SER A 42 -4.62 -8.51 -7.44
CA SER A 42 -3.47 -9.43 -7.69
C SER A 42 -2.26 -8.61 -8.18
N GLU A 43 -1.09 -8.96 -7.73
CA GLU A 43 0.12 -8.19 -8.15
C GLU A 43 0.14 -8.10 -9.69
N GLU A 44 0.09 -9.22 -10.36
CA GLU A 44 0.11 -9.18 -11.85
C GLU A 44 -0.71 -7.98 -12.35
N LEU A 45 -1.86 -7.77 -11.78
CA LEU A 45 -2.70 -6.62 -12.22
C LEU A 45 -2.05 -5.31 -11.76
N VAL A 46 -1.30 -5.35 -10.70
CA VAL A 46 -0.63 -4.10 -10.21
C VAL A 46 0.52 -3.74 -11.14
N ASP A 47 1.43 -4.66 -11.37
CA ASP A 47 2.58 -4.36 -12.27
C ASP A 47 2.05 -3.98 -13.66
N GLU A 48 0.86 -4.41 -14.00
CA GLU A 48 0.30 -4.06 -15.34
C GLU A 48 -0.16 -2.61 -15.33
N TYR A 49 -0.74 -2.16 -14.25
CA TYR A 49 -1.21 -0.75 -14.18
C TYR A 49 -0.02 0.20 -14.40
N LEU A 50 1.05 -0.01 -13.68
CA LEU A 50 2.23 0.88 -13.84
C LEU A 50 2.51 1.09 -15.34
N LYS A 51 2.24 0.11 -16.14
CA LYS A 51 2.49 0.25 -17.60
C LYS A 51 1.24 0.80 -18.29
N ASN A 52 0.17 0.99 -17.54
CA ASN A 52 -1.08 1.52 -18.15
C ASN A 52 -1.76 2.47 -17.16
N PRO A 53 -1.09 3.53 -16.81
CA PRO A 53 -1.63 4.53 -15.86
C PRO A 53 -2.70 5.43 -16.50
N SER A 54 -3.95 5.06 -16.37
CA SER A 54 -5.03 5.89 -16.96
C SER A 54 -6.37 5.51 -16.32
N ILE A 55 -7.13 6.50 -15.93
CA ILE A 55 -8.45 6.20 -15.28
C ILE A 55 -9.19 5.15 -16.12
N GLY A 56 -9.46 4.01 -15.55
CA GLY A 56 -10.17 2.94 -16.31
C GLY A 56 -9.77 1.57 -15.77
N LYS A 57 -8.51 1.22 -15.90
CA LYS A 57 -8.05 -0.10 -15.40
C LYS A 57 -7.85 -0.03 -13.89
N LEU A 58 -7.51 1.12 -13.38
CA LEU A 58 -7.30 1.27 -11.91
C LEU A 58 -8.39 0.50 -11.16
N SER A 59 -9.61 0.58 -11.63
CA SER A 59 -10.72 -0.15 -10.94
C SER A 59 -10.52 -1.66 -11.10
N GLU A 60 -10.04 -2.09 -12.24
CA GLU A 60 -9.83 -3.54 -12.47
C GLU A 60 -8.78 -4.05 -11.47
N VAL A 61 -8.01 -3.17 -10.90
CA VAL A 61 -6.97 -3.61 -9.92
C VAL A 61 -7.47 -3.37 -8.50
N VAL A 62 -7.49 -2.13 -8.06
CA VAL A 62 -7.97 -1.83 -6.68
C VAL A 62 -9.40 -2.34 -6.52
N GLU A 63 -9.82 -2.58 -5.31
CA GLU A 63 -11.21 -3.08 -5.09
C GLU A 63 -11.99 -2.06 -4.26
N LEU A 64 -11.64 -1.91 -3.02
CA LEU A 64 -12.36 -0.93 -2.16
C LEU A 64 -11.61 0.40 -2.14
N PHE A 65 -12.18 1.42 -2.74
CA PHE A 65 -11.49 2.75 -2.77
C PHE A 65 -11.48 3.34 -1.36
N GLU A 66 -10.66 2.83 -0.49
CA GLU A 66 -10.60 3.36 0.90
C GLU A 66 -9.24 3.06 1.52
N VAL A 67 -8.85 3.80 2.51
CA VAL A 67 -7.52 3.56 3.15
C VAL A 67 -7.72 3.43 4.67
N PHE A 68 -7.21 2.38 5.25
CA PHE A 68 -7.36 2.19 6.73
C PHE A 68 -5.99 2.29 7.39
N THR A 69 -5.94 2.62 8.66
CA THR A 69 -4.64 2.73 9.36
C THR A 69 -4.83 2.42 10.85
N PRO A 70 -3.79 2.02 11.51
CA PRO A 70 -3.82 1.68 12.97
C PRO A 70 -4.02 2.93 13.84
N GLN A 71 -4.10 2.75 15.13
CA GLN A 71 -4.28 3.92 16.02
C GLN A 71 -2.92 4.52 16.38
N ASP A 72 -2.52 4.42 17.62
CA ASP A 72 -1.21 4.98 18.03
C ASP A 72 -0.35 3.89 18.67
N GLY A 73 -0.60 2.65 18.31
CA GLY A 73 0.20 1.53 18.90
C GLY A 73 1.53 1.42 18.16
N ARG A 74 1.83 0.25 17.66
CA ARG A 74 3.12 0.06 16.92
C ARG A 74 2.83 -0.44 15.50
N GLY A 75 1.67 -0.99 15.28
CA GLY A 75 1.33 -1.50 13.93
C GLY A 75 0.57 -2.83 14.06
N ALA A 76 -0.47 -3.00 13.31
CA ALA A 76 -1.25 -4.26 13.39
C ALA A 76 -1.37 -4.70 14.85
N GLU A 77 -2.12 -3.99 15.63
CA GLU A 77 -2.27 -4.35 17.07
C GLU A 77 -3.76 -4.58 17.38
N GLY A 78 -4.55 -3.55 17.30
CA GLY A 78 -6.00 -3.70 17.58
C GLY A 78 -6.81 -3.43 16.32
N GLU A 79 -8.07 -3.09 16.47
CA GLU A 79 -8.91 -2.81 15.28
C GLU A 79 -8.22 -1.75 14.40
N LEU A 80 -8.89 -1.28 13.39
CA LEU A 80 -8.27 -0.25 12.50
C LEU A 80 -9.03 1.07 12.64
N GLY A 81 -8.46 2.14 12.16
CA GLY A 81 -9.16 3.46 12.26
C GLY A 81 -9.21 4.12 10.88
N ALA A 82 -10.33 4.68 10.51
CA ALA A 82 -10.44 5.34 9.18
C ALA A 82 -9.44 6.49 9.11
N ALA A 83 -8.71 6.59 8.02
CA ALA A 83 -7.72 7.69 7.89
C ALA A 83 -8.45 9.00 7.61
N SER A 84 -8.14 10.03 8.35
CA SER A 84 -8.82 11.34 8.13
C SER A 84 -8.16 12.06 6.95
N LYS A 85 -8.95 12.55 6.03
CA LYS A 85 -8.37 13.26 4.85
C LYS A 85 -7.21 14.16 5.32
N ALA A 86 -7.37 14.80 6.45
CA ALA A 86 -6.28 15.69 6.95
C ALA A 86 -5.00 14.86 7.13
N GLN A 87 -5.13 13.60 7.46
CA GLN A 87 -3.91 12.76 7.65
C GLN A 87 -3.35 12.38 6.28
N VAL A 88 -4.18 11.87 5.40
CA VAL A 88 -3.68 11.48 4.05
C VAL A 88 -3.04 12.69 3.38
N GLU A 89 -3.65 13.83 3.49
CA GLU A 89 -3.08 15.05 2.86
C GLU A 89 -1.63 15.26 3.34
N ASN A 90 -1.38 15.05 4.59
CA ASN A 90 0.00 15.22 5.13
C ASN A 90 1.00 14.66 4.12
N GLU A 91 0.56 13.82 3.22
CA GLU A 91 1.48 13.23 2.21
C GLU A 91 1.09 13.72 0.82
N PHE A 92 -0.09 13.41 0.39
CA PHE A 92 -0.53 13.87 -0.96
C PHE A 92 -2.05 13.71 -1.09
N GLY A 93 -2.80 14.56 -0.43
CA GLY A 93 -4.28 14.46 -0.51
C GLY A 93 -4.86 15.84 -0.85
N LYS A 94 -4.01 16.80 -1.02
CA LYS A 94 -4.50 18.17 -1.35
C LYS A 94 -4.69 18.29 -2.86
N GLY A 95 -5.91 18.30 -3.33
CA GLY A 95 -6.15 18.42 -4.79
C GLY A 95 -5.76 17.10 -5.48
N LYS A 96 -5.93 16.00 -4.80
CA LYS A 96 -5.56 14.69 -5.42
C LYS A 96 -6.73 13.70 -5.25
N LYS A 97 -7.52 13.52 -6.27
CA LYS A 97 -8.67 12.59 -6.17
C LYS A 97 -8.20 11.27 -5.52
N ILE A 98 -9.09 10.55 -4.90
CA ILE A 98 -8.70 9.28 -4.25
C ILE A 98 -8.08 8.34 -5.29
N GLU A 99 -8.37 8.56 -6.54
CA GLU A 99 -7.81 7.69 -7.61
C GLU A 99 -6.30 7.92 -7.72
N GLU A 100 -5.90 9.15 -7.87
CA GLU A 100 -4.44 9.45 -7.98
C GLU A 100 -3.75 9.13 -6.65
N VAL A 101 -4.35 9.50 -5.56
CA VAL A 101 -3.72 9.21 -4.24
C VAL A 101 -3.28 7.75 -4.19
N ILE A 102 -4.15 6.84 -4.50
CA ILE A 102 -3.77 5.40 -4.47
C ILE A 102 -2.64 5.14 -5.45
N ASP A 103 -2.65 5.83 -6.57
CA ASP A 103 -1.57 5.62 -7.58
C ASP A 103 -0.21 5.96 -6.95
N LEU A 104 0.00 7.21 -6.63
CA LEU A 104 1.30 7.61 -6.01
C LEU A 104 1.74 6.53 -5.01
N ILE A 105 0.80 5.90 -4.35
CA ILE A 105 1.16 4.86 -3.36
C ILE A 105 1.48 3.54 -4.09
N LEU A 106 0.83 3.30 -5.20
CA LEU A 106 1.09 2.05 -5.96
C LEU A 106 2.40 2.18 -6.73
N ARG A 107 3.06 3.30 -6.62
CA ARG A 107 4.34 3.49 -7.35
C ARG A 107 5.45 2.71 -6.64
N ASN A 108 5.47 2.75 -5.34
CA ASN A 108 6.52 2.01 -4.58
C ASN A 108 5.98 0.65 -4.15
N GLY A 109 5.11 0.62 -3.18
CA GLY A 109 4.56 -0.68 -2.71
C GLY A 109 5.63 -1.46 -1.95
N LYS A 110 5.40 -1.71 -0.69
CA LYS A 110 6.41 -2.46 0.11
C LYS A 110 7.77 -1.77 -0.01
N PRO A 111 7.84 -0.54 0.42
CA PRO A 111 9.10 0.27 0.36
C PRO A 111 10.12 -0.19 1.41
N ASN A 112 10.98 -1.09 1.05
CA ASN A 112 12.01 -1.58 2.03
C ASN A 112 13.25 -2.04 1.27
N SER A 113 13.15 -3.10 0.53
CA SER A 113 14.32 -3.61 -0.23
C SER A 113 14.66 -2.63 -1.36
N THR A 114 14.16 -1.43 -1.29
CA THR A 114 14.44 -0.43 -2.36
C THR A 114 15.92 -0.08 -2.34
N THR A 115 16.75 -0.94 -1.81
CA THR A 115 18.20 -0.64 -1.75
C THR A 115 19.00 -1.87 -2.21
N SER A 116 19.12 -2.06 -3.49
CA SER A 116 19.87 -3.24 -4.00
C SER A 116 21.37 -2.97 -3.91
N SER A 117 21.98 -3.27 -2.79
CA SER A 117 23.44 -3.03 -2.64
C SER A 117 24.17 -4.36 -2.55
N LEU A 118 25.46 -4.33 -2.38
CA LEU A 118 26.23 -5.60 -2.27
C LEU A 118 25.61 -6.50 -1.21
N LYS A 119 26.04 -7.73 -1.12
CA LYS A 119 25.46 -8.65 -0.09
C LYS A 119 26.21 -8.47 1.23
N THR A 120 25.50 -8.48 2.33
CA THR A 120 26.18 -8.32 3.64
C THR A 120 25.65 -9.37 4.63
N LYS A 121 24.95 -10.34 4.13
CA LYS A 121 24.41 -11.41 5.03
C LYS A 121 23.98 -10.78 6.36
N GLY A 122 24.55 -11.23 7.45
CA GLY A 122 24.17 -10.65 8.77
C GLY A 122 24.98 -11.35 9.88
N GLY A 123 24.60 -11.16 11.11
CA GLY A 123 25.34 -11.80 12.23
C GLY A 123 24.86 -11.24 13.56
N ASN A 124 24.31 -10.05 13.55
CA ASN A 124 23.81 -9.45 14.82
C ASN A 124 22.78 -10.37 15.45
N ALA A 125 22.46 -11.45 14.80
CA ALA A 125 21.45 -12.39 15.37
C ALA A 125 22.13 -13.32 16.38
N GLY A 126 21.39 -13.82 17.33
CA GLY A 126 22.00 -14.73 18.34
C GLY A 126 21.00 -14.97 19.48
N THR A 127 19.76 -15.26 19.16
CA THR A 127 18.75 -15.49 20.21
C THR A 127 19.18 -16.67 21.08
N LYS A 128 20.33 -17.24 20.80
CA LYS A 128 20.81 -18.39 21.61
C LYS A 128 22.30 -18.21 21.92
N ALA A 129 22.65 -17.17 22.62
CA ALA A 129 24.08 -16.95 22.96
C ALA A 129 24.18 -16.14 24.26
N TYR A 130 23.98 -14.85 24.18
CA TYR A 130 24.05 -14.02 25.42
C TYR A 130 23.45 -14.77 26.59
N ASN A 131 22.18 -15.06 26.53
CA ASN A 131 21.52 -15.80 27.65
C ASN A 131 20.49 -16.78 27.08
N MET A 21 -12.14 -15.51 2.19
CA MET A 21 -11.14 -16.24 3.03
C MET A 21 -9.76 -15.59 2.84
N SER A 22 -9.68 -14.30 2.98
CA SER A 22 -8.37 -13.61 2.81
C SER A 22 -7.65 -14.18 1.58
N THR A 23 -7.71 -13.49 0.48
CA THR A 23 -7.03 -13.98 -0.75
C THR A 23 -6.45 -12.80 -1.52
N VAL A 24 -6.85 -11.60 -1.19
CA VAL A 24 -6.31 -10.41 -1.91
C VAL A 24 -5.02 -9.95 -1.23
N THR A 25 -4.28 -9.09 -1.87
CA THR A 25 -3.01 -8.61 -1.26
C THR A 25 -3.21 -7.18 -0.73
N LYS A 26 -2.37 -6.76 0.18
CA LYS A 26 -2.52 -5.38 0.74
C LYS A 26 -1.23 -4.59 0.49
N TYR A 27 -1.36 -3.38 0.00
CA TYR A 27 -0.13 -2.56 -0.27
C TYR A 27 0.13 -1.64 0.93
N PHE A 28 1.24 -1.80 1.59
CA PHE A 28 1.55 -0.94 2.75
C PHE A 28 2.13 0.39 2.26
N TYR A 29 1.72 1.49 2.85
CA TYR A 29 2.24 2.81 2.41
C TYR A 29 2.67 3.62 3.64
N LYS A 30 3.91 3.47 4.04
CA LYS A 30 4.39 4.24 5.23
C LYS A 30 4.17 5.73 5.02
N GLY A 31 3.09 6.27 5.53
CA GLY A 31 2.82 7.71 5.35
C GLY A 31 3.79 8.53 6.21
N GLU A 32 3.48 9.77 6.46
CA GLU A 32 4.39 10.61 7.29
C GLU A 32 4.75 9.86 8.57
N ASN A 33 4.08 10.16 9.65
CA ASN A 33 4.37 9.46 10.93
C ASN A 33 3.34 8.36 11.17
N THR A 34 2.40 8.22 10.27
CA THR A 34 1.36 7.16 10.45
C THR A 34 1.52 6.10 9.37
N ASP A 35 0.76 5.05 9.43
CA ASP A 35 0.88 3.98 8.40
C ASP A 35 -0.45 3.86 7.63
N LEU A 36 -0.40 4.01 6.33
CA LEU A 36 -1.66 3.91 5.53
C LEU A 36 -1.66 2.59 4.76
N ILE A 37 -2.74 1.87 4.82
CA ILE A 37 -2.82 0.57 4.09
C ILE A 37 -3.93 0.62 3.04
N VAL A 38 -3.74 -0.03 1.93
CA VAL A 38 -4.78 -0.02 0.87
C VAL A 38 -5.06 -1.45 0.41
N PHE A 39 -6.09 -1.64 -0.37
CA PHE A 39 -6.41 -3.02 -0.86
C PHE A 39 -5.97 -3.16 -2.31
N ALA A 40 -5.71 -4.36 -2.75
CA ALA A 40 -5.27 -4.56 -4.16
C ALA A 40 -5.86 -5.87 -4.70
N ALA A 41 -5.44 -6.30 -5.85
CA ALA A 41 -5.98 -7.56 -6.42
C ALA A 41 -4.85 -8.58 -6.53
N SER A 42 -3.77 -8.22 -7.15
CA SER A 42 -2.63 -9.18 -7.30
C SER A 42 -1.40 -8.43 -7.80
N GLU A 43 -0.26 -8.69 -7.23
CA GLU A 43 0.99 -8.00 -7.67
C GLU A 43 1.06 -8.01 -9.20
N GLU A 44 0.41 -8.97 -9.82
CA GLU A 44 0.43 -9.03 -11.31
C GLU A 44 -0.41 -7.89 -11.89
N LEU A 45 -1.70 -7.92 -11.66
CA LEU A 45 -2.56 -6.84 -12.20
C LEU A 45 -2.07 -5.48 -11.69
N VAL A 46 -1.32 -5.48 -10.63
CA VAL A 46 -0.80 -4.18 -10.09
C VAL A 46 0.40 -3.73 -10.92
N ASP A 47 1.37 -4.58 -11.09
CA ASP A 47 2.57 -4.19 -11.90
C ASP A 47 2.13 -3.85 -13.33
N GLU A 48 1.28 -4.66 -13.90
CA GLU A 48 0.82 -4.38 -15.29
C GLU A 48 0.21 -2.98 -15.36
N TYR A 49 -0.76 -2.70 -14.52
CA TYR A 49 -1.39 -1.36 -14.54
C TYR A 49 -0.31 -0.29 -14.56
N LEU A 50 0.71 -0.44 -13.76
CA LEU A 50 1.81 0.57 -13.75
C LEU A 50 2.43 0.66 -15.14
N LYS A 51 2.27 -0.36 -15.95
CA LYS A 51 2.85 -0.33 -17.31
C LYS A 51 1.82 0.22 -18.30
N ASN A 52 0.57 0.15 -17.96
CA ASN A 52 -0.49 0.67 -18.88
C ASN A 52 -1.62 1.30 -18.06
N PRO A 53 -1.32 2.38 -17.39
CA PRO A 53 -2.31 3.11 -16.54
C PRO A 53 -3.36 3.84 -17.38
N SER A 54 -4.40 4.33 -16.76
CA SER A 54 -5.45 5.07 -17.52
C SER A 54 -6.68 5.26 -16.63
N ILE A 55 -6.50 5.23 -15.34
CA ILE A 55 -7.66 5.41 -14.43
C ILE A 55 -8.82 4.53 -14.90
N GLY A 56 -8.56 3.60 -15.78
CA GLY A 56 -9.65 2.71 -16.27
C GLY A 56 -9.49 1.31 -15.67
N LYS A 57 -8.33 0.73 -15.83
CA LYS A 57 -8.10 -0.64 -15.29
C LYS A 57 -7.99 -0.56 -13.75
N LEU A 58 -7.61 0.58 -13.24
CA LEU A 58 -7.49 0.71 -11.76
C LEU A 58 -8.76 0.19 -11.09
N SER A 59 -9.85 0.16 -11.82
CA SER A 59 -11.12 -0.34 -11.22
C SER A 59 -11.04 -1.85 -11.03
N GLU A 60 -10.12 -2.50 -11.70
CA GLU A 60 -9.98 -3.97 -11.56
C GLU A 60 -8.86 -4.29 -10.57
N VAL A 61 -7.97 -3.36 -10.35
CA VAL A 61 -6.85 -3.61 -9.40
C VAL A 61 -7.28 -3.22 -7.99
N VAL A 62 -7.97 -2.12 -7.85
CA VAL A 62 -8.42 -1.69 -6.50
C VAL A 62 -9.82 -2.25 -6.23
N GLU A 63 -10.07 -2.67 -5.02
CA GLU A 63 -11.42 -3.22 -4.70
C GLU A 63 -12.24 -2.17 -3.95
N LEU A 64 -11.64 -1.50 -2.99
CA LEU A 64 -12.39 -0.47 -2.23
C LEU A 64 -11.68 0.88 -2.38
N PHE A 65 -12.23 1.77 -3.15
CA PHE A 65 -11.59 3.10 -3.32
C PHE A 65 -11.63 3.87 -2.00
N GLU A 66 -10.83 3.47 -1.04
CA GLU A 66 -10.83 4.17 0.27
C GLU A 66 -9.47 4.01 0.93
N VAL A 67 -9.28 4.60 2.08
CA VAL A 67 -7.97 4.48 2.78
C VAL A 67 -8.18 3.90 4.18
N PHE A 68 -7.42 2.92 4.55
CA PHE A 68 -7.57 2.31 5.90
C PHE A 68 -6.28 2.50 6.69
N THR A 69 -6.27 2.07 7.93
CA THR A 69 -5.04 2.22 8.76
C THR A 69 -5.34 1.79 10.19
N PRO A 70 -4.34 1.32 10.89
CA PRO A 70 -4.48 0.86 12.30
C PRO A 70 -4.67 2.04 13.27
N GLN A 71 -4.78 1.76 14.54
CA GLN A 71 -4.97 2.85 15.53
C GLN A 71 -4.59 2.35 16.92
N ASP A 72 -3.87 1.25 17.00
CA ASP A 72 -3.47 0.72 18.33
C ASP A 72 -2.26 -0.21 18.15
N GLY A 73 -1.80 -0.37 16.95
CA GLY A 73 -0.63 -1.27 16.72
C GLY A 73 -0.32 -1.33 15.21
N ARG A 74 0.73 -2.02 14.84
CA ARG A 74 1.09 -2.12 13.40
C ARG A 74 0.43 -3.36 12.80
N GLY A 75 -0.77 -3.67 13.21
CA GLY A 75 -1.45 -4.87 12.66
C GLY A 75 -2.51 -4.44 11.65
N ALA A 76 -3.17 -5.38 11.01
CA ALA A 76 -4.22 -5.02 10.01
C ALA A 76 -5.11 -6.23 9.75
N GLU A 77 -5.25 -7.10 10.72
CA GLU A 77 -6.10 -8.30 10.52
C GLU A 77 -7.18 -8.36 11.61
N GLY A 78 -7.47 -7.23 12.21
CA GLY A 78 -8.51 -7.21 13.28
C GLY A 78 -9.11 -5.81 13.40
N GLU A 79 -8.99 -5.20 14.54
CA GLU A 79 -9.55 -3.84 14.72
C GLU A 79 -8.87 -2.87 13.75
N LEU A 80 -9.60 -2.34 12.81
CA LEU A 80 -8.99 -1.39 11.83
C LEU A 80 -9.66 -0.04 11.95
N GLY A 81 -9.26 0.92 11.15
CA GLY A 81 -9.88 2.27 11.23
C GLY A 81 -9.49 3.08 9.99
N ALA A 82 -9.92 4.31 9.91
CA ALA A 82 -9.58 5.15 8.73
C ALA A 82 -8.82 6.39 9.20
N ALA A 83 -7.76 6.75 8.51
CA ALA A 83 -6.98 7.95 8.91
C ALA A 83 -7.86 9.19 8.78
N SER A 84 -7.33 10.34 9.05
CA SER A 84 -8.12 11.60 8.94
C SER A 84 -7.74 12.34 7.66
N LYS A 85 -8.71 12.82 6.93
CA LYS A 85 -8.40 13.56 5.67
C LYS A 85 -7.22 14.50 5.91
N ALA A 86 -7.04 14.96 7.12
CA ALA A 86 -5.91 15.87 7.41
C ALA A 86 -4.61 15.07 7.53
N GLN A 87 -4.71 13.79 7.78
CA GLN A 87 -3.48 12.96 7.91
C GLN A 87 -2.98 12.58 6.51
N VAL A 88 -3.87 12.28 5.61
CA VAL A 88 -3.44 11.90 4.23
C VAL A 88 -3.11 13.16 3.44
N GLU A 89 -3.81 14.23 3.71
CA GLU A 89 -3.54 15.50 2.96
C GLU A 89 -2.10 15.95 3.24
N ASN A 90 -1.54 15.51 4.33
CA ASN A 90 -0.14 15.92 4.66
C ASN A 90 0.85 15.05 3.88
N GLU A 91 0.51 13.81 3.66
CA GLU A 91 1.43 12.91 2.91
C GLU A 91 1.27 13.15 1.41
N PHE A 92 0.15 13.65 1.00
CA PHE A 92 -0.07 13.91 -0.46
C PHE A 92 -0.26 15.41 -0.68
N GLY A 93 -0.80 16.11 0.28
CA GLY A 93 -1.01 17.57 0.12
C GLY A 93 -2.51 17.88 0.14
N LYS A 94 -2.98 18.63 -0.81
CA LYS A 94 -4.43 18.96 -0.85
C LYS A 94 -5.24 17.69 -1.12
N GLY A 95 -4.70 16.55 -0.80
CA GLY A 95 -5.44 15.28 -1.05
C GLY A 95 -6.16 15.35 -2.39
N LYS A 96 -5.42 15.41 -3.47
CA LYS A 96 -6.06 15.47 -4.81
C LYS A 96 -7.11 14.37 -4.94
N LYS A 97 -7.77 14.29 -6.06
CA LYS A 97 -8.79 13.22 -6.24
C LYS A 97 -8.27 11.90 -5.66
N ILE A 98 -9.06 11.24 -4.87
CA ILE A 98 -8.60 9.96 -4.27
C ILE A 98 -7.87 9.13 -5.34
N GLU A 99 -8.34 9.18 -6.55
CA GLU A 99 -7.66 8.39 -7.63
C GLU A 99 -6.18 8.73 -7.66
N GLU A 100 -5.83 9.98 -7.81
CA GLU A 100 -4.40 10.37 -7.83
C GLU A 100 -3.69 9.82 -6.59
N VAL A 101 -4.33 9.88 -5.46
CA VAL A 101 -3.70 9.36 -4.21
C VAL A 101 -3.38 7.87 -4.39
N ILE A 102 -4.39 7.04 -4.47
CA ILE A 102 -4.14 5.59 -4.65
C ILE A 102 -3.03 5.38 -5.68
N ASP A 103 -3.03 6.16 -6.73
CA ASP A 103 -1.97 6.00 -7.77
C ASP A 103 -0.60 6.27 -7.15
N LEU A 104 -0.36 7.46 -6.69
CA LEU A 104 0.95 7.78 -6.07
C LEU A 104 1.37 6.64 -5.14
N ILE A 105 0.42 6.02 -4.48
CA ILE A 105 0.77 4.90 -3.57
C ILE A 105 1.33 3.74 -4.38
N LEU A 106 0.52 3.12 -5.20
CA LEU A 106 1.01 1.98 -6.02
C LEU A 106 2.31 2.38 -6.72
N ARG A 107 2.50 3.63 -6.97
CA ARG A 107 3.75 4.09 -7.64
C ARG A 107 4.95 3.34 -7.07
N ASN A 108 4.99 3.20 -5.77
CA ASN A 108 6.14 2.47 -5.14
C ASN A 108 5.63 1.18 -4.51
N GLY A 109 5.01 1.28 -3.36
CA GLY A 109 4.50 0.05 -2.68
C GLY A 109 5.60 -0.56 -1.82
N LYS A 110 5.28 -0.91 -0.60
CA LYS A 110 6.31 -1.51 0.30
C LYS A 110 7.59 -0.68 0.22
N PRO A 111 7.47 0.61 0.42
CA PRO A 111 8.64 1.54 0.38
C PRO A 111 9.54 1.39 1.62
N ASN A 112 10.55 0.58 1.52
CA ASN A 112 11.47 0.39 2.68
C ASN A 112 12.70 1.27 2.51
N SER A 113 12.89 2.22 3.37
CA SER A 113 14.07 3.12 3.26
C SER A 113 15.18 2.63 4.19
N THR A 114 15.18 3.10 5.41
CA THR A 114 16.23 2.66 6.38
C THR A 114 15.69 2.79 7.81
N THR A 115 15.81 1.75 8.59
CA THR A 115 15.30 1.82 9.98
C THR A 115 16.44 1.48 10.95
N SER A 116 17.64 1.37 10.45
CA SER A 116 18.79 1.05 11.35
C SER A 116 18.51 -0.27 12.08
N SER A 117 18.89 -1.38 11.49
CA SER A 117 18.64 -2.68 12.16
C SER A 117 19.96 -3.48 12.22
N LEU A 118 21.04 -2.87 11.81
CA LEU A 118 22.35 -3.59 11.84
C LEU A 118 23.13 -3.16 13.08
N LYS A 119 22.92 -3.81 14.20
CA LYS A 119 23.65 -3.42 15.43
C LYS A 119 23.52 -4.54 16.47
N THR A 120 22.34 -4.76 16.98
CA THR A 120 22.15 -5.84 17.99
C THR A 120 22.23 -7.20 17.31
N LYS A 121 23.23 -7.40 16.49
CA LYS A 121 23.37 -8.72 15.80
C LYS A 121 22.02 -9.10 15.18
N GLY A 122 21.21 -8.14 14.85
CA GLY A 122 19.88 -8.46 14.25
C GLY A 122 18.87 -8.76 15.37
N GLY A 123 18.86 -7.97 16.41
CA GLY A 123 17.90 -8.21 17.52
C GLY A 123 18.24 -9.54 18.21
N ASN A 124 17.78 -9.73 19.41
CA ASN A 124 18.08 -11.00 20.13
C ASN A 124 16.77 -11.62 20.63
N ALA A 125 16.86 -12.62 21.47
CA ALA A 125 15.63 -13.26 21.99
C ALA A 125 15.01 -12.38 23.07
N GLY A 126 15.51 -12.46 24.27
CA GLY A 126 14.95 -11.62 25.38
C GLY A 126 14.46 -12.53 26.50
N THR A 127 13.18 -12.84 26.52
CA THR A 127 12.64 -13.71 27.60
C THR A 127 11.46 -14.51 27.05
N LYS A 128 11.28 -14.53 25.76
CA LYS A 128 10.15 -15.29 25.17
C LYS A 128 10.55 -16.75 24.99
N ALA A 129 11.36 -17.27 25.88
CA ALA A 129 11.79 -18.68 25.75
C ALA A 129 10.66 -19.61 26.23
N TYR A 130 9.81 -20.02 25.33
CA TYR A 130 8.69 -20.92 25.73
C TYR A 130 8.13 -20.46 27.08
N ASN A 131 7.19 -19.56 27.07
CA ASN A 131 6.60 -19.07 28.35
C ASN A 131 5.15 -19.53 28.45
N MET A 21 -8.79 -17.21 2.26
CA MET A 21 -7.34 -17.33 2.54
C MET A 21 -6.57 -16.33 1.67
N SER A 22 -6.25 -15.19 2.21
CA SER A 22 -5.50 -14.17 1.42
C SER A 22 -6.07 -14.12 0.00
N THR A 23 -7.35 -14.34 -0.15
CA THR A 23 -7.96 -14.29 -1.51
C THR A 23 -7.48 -13.04 -2.25
N VAL A 24 -7.12 -12.02 -1.52
CA VAL A 24 -6.65 -10.77 -2.18
C VAL A 24 -5.23 -10.45 -1.71
N THR A 25 -4.74 -9.29 -2.03
CA THR A 25 -3.36 -8.91 -1.60
C THR A 25 -3.40 -7.61 -0.80
N LYS A 26 -2.41 -7.36 0.01
CA LYS A 26 -2.41 -6.11 0.82
C LYS A 26 -1.19 -5.26 0.44
N TYR A 27 -1.36 -3.97 0.33
CA TYR A 27 -0.22 -3.09 -0.04
C TYR A 27 0.11 -2.17 1.14
N PHE A 28 1.30 -2.28 1.68
CA PHE A 28 1.67 -1.41 2.83
C PHE A 28 2.52 -0.25 2.32
N TYR A 29 2.14 0.97 2.64
CA TYR A 29 2.92 2.14 2.17
C TYR A 29 3.41 2.94 3.38
N LYS A 30 4.68 2.86 3.69
CA LYS A 30 5.20 3.63 4.86
C LYS A 30 5.41 5.09 4.47
N GLY A 31 4.44 5.93 4.73
CA GLY A 31 4.59 7.37 4.37
C GLY A 31 5.79 7.97 5.12
N GLU A 32 5.90 9.26 5.13
CA GLU A 32 7.05 9.91 5.84
C GLU A 32 6.96 9.59 7.33
N ASN A 33 5.85 9.87 7.95
CA ASN A 33 5.70 9.58 9.40
C ASN A 33 4.36 8.89 9.66
N THR A 34 3.58 8.69 8.63
CA THR A 34 2.27 8.02 8.81
C THR A 34 2.23 6.74 7.96
N ASP A 35 1.71 5.67 8.51
CA ASP A 35 1.65 4.40 7.74
C ASP A 35 0.20 4.11 7.36
N LEU A 36 -0.08 3.98 6.09
CA LEU A 36 -1.48 3.70 5.66
C LEU A 36 -1.52 2.37 4.91
N ILE A 37 -2.60 1.64 5.02
CA ILE A 37 -2.70 0.34 4.31
C ILE A 37 -3.83 0.39 3.29
N VAL A 38 -3.69 -0.30 2.20
CA VAL A 38 -4.77 -0.28 1.16
C VAL A 38 -5.06 -1.71 0.72
N PHE A 39 -6.19 -1.93 0.10
CA PHE A 39 -6.54 -3.30 -0.36
C PHE A 39 -6.14 -3.48 -1.82
N ALA A 40 -5.79 -4.68 -2.21
CA ALA A 40 -5.38 -4.91 -3.62
C ALA A 40 -5.86 -6.30 -4.07
N ALA A 41 -6.24 -6.44 -5.30
CA ALA A 41 -6.72 -7.77 -5.79
C ALA A 41 -5.52 -8.72 -5.90
N SER A 42 -4.66 -8.48 -6.84
CA SER A 42 -3.47 -9.37 -7.01
C SER A 42 -2.22 -8.52 -7.26
N GLU A 43 -1.08 -8.99 -6.85
CA GLU A 43 0.17 -8.20 -7.08
C GLU A 43 0.42 -8.08 -8.59
N GLU A 44 0.10 -9.10 -9.34
CA GLU A 44 0.31 -9.03 -10.81
C GLU A 44 -0.39 -7.80 -11.37
N LEU A 45 -1.68 -7.69 -11.19
CA LEU A 45 -2.41 -6.51 -11.72
C LEU A 45 -1.69 -5.23 -11.30
N VAL A 46 -1.55 -5.01 -10.02
CA VAL A 46 -0.86 -3.78 -9.56
C VAL A 46 0.34 -3.49 -10.46
N ASP A 47 1.27 -4.40 -10.54
CA ASP A 47 2.46 -4.18 -11.41
C ASP A 47 2.00 -3.70 -12.79
N GLU A 48 0.97 -4.30 -13.32
CA GLU A 48 0.48 -3.87 -14.66
C GLU A 48 0.07 -2.39 -14.61
N TYR A 49 -0.67 -2.01 -13.61
CA TYR A 49 -1.11 -0.59 -13.50
C TYR A 49 0.11 0.33 -13.68
N LEU A 50 1.13 0.13 -12.89
CA LEU A 50 2.33 1.00 -13.02
C LEU A 50 2.81 0.99 -14.47
N LYS A 51 2.46 -0.02 -15.22
CA LYS A 51 2.89 -0.08 -16.65
C LYS A 51 1.86 0.65 -17.52
N ASN A 52 0.64 0.71 -17.08
CA ASN A 52 -0.41 1.41 -17.88
C ASN A 52 -1.19 2.37 -16.98
N PRO A 53 -0.49 3.30 -16.39
CA PRO A 53 -1.11 4.31 -15.48
C PRO A 53 -1.92 5.36 -16.25
N SER A 54 -3.20 5.15 -16.39
CA SER A 54 -4.04 6.13 -17.12
C SER A 54 -5.49 6.01 -16.66
N ILE A 55 -5.71 5.58 -15.44
CA ILE A 55 -7.09 5.44 -14.93
C ILE A 55 -7.87 4.48 -15.81
N GLY A 56 -9.04 4.08 -15.39
CA GLY A 56 -9.85 3.13 -16.21
C GLY A 56 -9.56 1.69 -15.77
N LYS A 57 -8.32 1.40 -15.45
CA LYS A 57 -7.98 0.01 -15.01
C LYS A 57 -7.75 0.01 -13.49
N LEU A 58 -7.75 1.16 -12.88
CA LEU A 58 -7.52 1.22 -11.41
C LEU A 58 -8.71 0.56 -10.69
N SER A 59 -9.84 0.50 -11.33
CA SER A 59 -11.03 -0.13 -10.67
C SER A 59 -10.88 -1.66 -10.70
N GLU A 60 -10.27 -2.18 -11.74
CA GLU A 60 -10.09 -3.66 -11.82
C GLU A 60 -9.01 -4.10 -10.83
N VAL A 61 -8.10 -3.23 -10.51
CA VAL A 61 -7.01 -3.61 -9.55
C VAL A 61 -7.49 -3.33 -8.13
N VAL A 62 -7.72 -2.09 -7.79
CA VAL A 62 -8.20 -1.78 -6.41
C VAL A 62 -9.61 -2.30 -6.22
N GLU A 63 -9.95 -2.72 -5.03
CA GLU A 63 -11.32 -3.25 -4.78
C GLU A 63 -12.19 -2.14 -4.16
N LEU A 64 -11.75 -1.58 -3.07
CA LEU A 64 -12.55 -0.50 -2.42
C LEU A 64 -11.89 0.85 -2.69
N PHE A 65 -12.64 1.91 -2.66
CA PHE A 65 -12.06 3.26 -2.91
C PHE A 65 -11.95 4.02 -1.59
N GLU A 66 -11.12 3.55 -0.69
CA GLU A 66 -10.96 4.25 0.61
C GLU A 66 -9.59 3.90 1.21
N VAL A 67 -9.10 4.74 2.09
CA VAL A 67 -7.77 4.46 2.71
C VAL A 67 -7.97 3.94 4.14
N PHE A 68 -7.18 2.99 4.54
CA PHE A 68 -7.34 2.45 5.93
C PHE A 68 -6.07 2.76 6.74
N THR A 69 -6.11 2.53 8.02
CA THR A 69 -4.91 2.81 8.85
C THR A 69 -4.71 1.68 9.87
N PRO A 70 -3.50 1.46 10.29
CA PRO A 70 -3.17 0.39 11.27
C PRO A 70 -3.64 0.75 12.69
N GLN A 71 -4.39 -0.13 13.31
CA GLN A 71 -4.87 0.15 14.68
C GLN A 71 -3.88 -0.42 15.70
N ASP A 72 -2.77 -0.91 15.25
CA ASP A 72 -1.77 -1.48 16.19
C ASP A 72 -0.47 -1.79 15.43
N GLY A 73 -0.51 -2.75 14.55
CA GLY A 73 0.71 -3.11 13.78
C GLY A 73 0.81 -4.63 13.64
N ARG A 74 -0.07 -5.35 14.28
CA ARG A 74 -0.04 -6.84 14.19
C ARG A 74 -1.43 -7.37 13.86
N GLY A 75 -2.45 -6.65 14.23
CA GLY A 75 -3.84 -7.11 13.94
C GLY A 75 -4.09 -7.04 12.43
N ALA A 76 -3.44 -7.86 11.67
CA ALA A 76 -3.64 -7.85 10.19
C ALA A 76 -5.02 -8.41 9.87
N GLU A 77 -5.82 -8.67 10.87
CA GLU A 77 -7.18 -9.23 10.60
C GLU A 77 -8.20 -8.46 11.46
N GLY A 78 -9.44 -8.90 11.45
CA GLY A 78 -10.47 -8.20 12.26
C GLY A 78 -10.86 -6.89 11.57
N GLU A 79 -10.89 -5.81 12.30
CA GLU A 79 -11.26 -4.51 11.69
C GLU A 79 -10.32 -3.41 12.21
N LEU A 80 -10.02 -2.44 11.40
CA LEU A 80 -9.11 -1.34 11.86
C LEU A 80 -9.85 0.00 11.80
N GLY A 81 -9.14 1.08 11.86
CA GLY A 81 -9.80 2.41 11.82
C GLY A 81 -9.65 3.01 10.41
N ALA A 82 -10.08 4.23 10.23
CA ALA A 82 -9.97 4.87 8.89
C ALA A 82 -9.26 6.21 9.02
N ALA A 83 -8.56 6.63 8.00
CA ALA A 83 -7.84 7.94 8.07
C ALA A 83 -8.77 9.05 7.58
N SER A 84 -8.90 10.10 8.35
CA SER A 84 -9.79 11.22 7.93
C SER A 84 -9.16 11.94 6.73
N LYS A 85 -9.96 12.51 5.87
CA LYS A 85 -9.42 13.22 4.70
C LYS A 85 -8.34 14.22 5.16
N ALA A 86 -8.41 14.66 6.38
CA ALA A 86 -7.39 15.61 6.88
C ALA A 86 -6.04 14.92 6.99
N GLN A 87 -6.02 13.71 7.48
CA GLN A 87 -4.72 12.98 7.61
C GLN A 87 -4.12 12.76 6.21
N VAL A 88 -4.82 12.06 5.36
CA VAL A 88 -4.28 11.81 4.00
C VAL A 88 -3.67 13.11 3.45
N GLU A 89 -4.39 14.19 3.54
CA GLU A 89 -3.85 15.49 3.03
C GLU A 89 -2.42 15.68 3.52
N ASN A 90 -2.08 15.08 4.63
CA ASN A 90 -0.71 15.23 5.17
C ASN A 90 0.26 14.36 4.36
N GLU A 91 -0.25 13.38 3.67
CA GLU A 91 0.64 12.50 2.87
C GLU A 91 0.75 13.04 1.44
N PHE A 92 -0.33 13.02 0.71
CA PHE A 92 -0.30 13.54 -0.69
C PHE A 92 -1.71 13.95 -1.11
N GLY A 93 -2.25 14.97 -0.50
CA GLY A 93 -3.62 15.42 -0.88
C GLY A 93 -3.78 16.90 -0.54
N LYS A 94 -4.26 17.68 -1.47
CA LYS A 94 -4.44 19.13 -1.21
C LYS A 94 -5.34 19.73 -2.28
N GLY A 95 -5.39 19.13 -3.44
CA GLY A 95 -6.26 19.68 -4.52
C GLY A 95 -6.63 18.56 -5.49
N LYS A 96 -5.86 17.50 -5.52
CA LYS A 96 -6.17 16.37 -6.44
C LYS A 96 -7.39 15.61 -5.91
N LYS A 97 -7.64 14.44 -6.42
CA LYS A 97 -8.81 13.65 -5.94
C LYS A 97 -8.33 12.44 -5.14
N ILE A 98 -9.16 11.46 -4.94
CA ILE A 98 -8.75 10.27 -4.17
C ILE A 98 -8.16 9.22 -5.11
N GLU A 99 -8.76 9.01 -6.25
CA GLU A 99 -8.24 8.01 -7.21
C GLU A 99 -6.74 8.26 -7.43
N GLU A 100 -6.38 9.45 -7.83
CA GLU A 100 -4.94 9.75 -8.06
C GLU A 100 -4.14 9.44 -6.79
N VAL A 101 -4.59 9.92 -5.67
CA VAL A 101 -3.85 9.66 -4.40
C VAL A 101 -3.45 8.19 -4.33
N ILE A 102 -4.38 7.29 -4.48
CA ILE A 102 -4.05 5.85 -4.44
C ILE A 102 -3.02 5.53 -5.52
N ASP A 103 -3.12 6.16 -6.65
CA ASP A 103 -2.14 5.90 -7.74
C ASP A 103 -0.71 6.06 -7.21
N LEU A 104 -0.44 7.15 -6.55
CA LEU A 104 0.93 7.37 -6.01
C LEU A 104 1.31 6.20 -5.09
N ILE A 105 0.49 5.93 -4.10
CA ILE A 105 0.82 4.81 -3.18
C ILE A 105 1.31 3.60 -3.98
N LEU A 106 0.65 3.28 -5.06
CA LEU A 106 1.09 2.12 -5.88
C LEU A 106 2.43 2.45 -6.56
N ARG A 107 2.68 3.70 -6.81
CA ARG A 107 3.96 4.08 -7.47
C ARG A 107 5.14 3.45 -6.73
N ASN A 108 4.98 3.22 -5.45
CA ASN A 108 6.09 2.61 -4.66
C ASN A 108 5.66 1.24 -4.15
N GLY A 109 4.95 1.20 -3.05
CA GLY A 109 4.50 -0.11 -2.49
C GLY A 109 5.70 -0.89 -1.97
N LYS A 110 5.65 -1.35 -0.76
CA LYS A 110 6.80 -2.11 -0.19
C LYS A 110 8.11 -1.43 -0.59
N PRO A 111 8.25 -0.18 -0.25
CA PRO A 111 9.47 0.62 -0.58
C PRO A 111 10.68 0.19 0.27
N ASN A 112 10.62 -0.96 0.87
CA ASN A 112 11.76 -1.42 1.71
C ASN A 112 13.07 -1.21 0.95
N SER A 113 14.14 -0.99 1.66
CA SER A 113 15.46 -0.78 0.98
C SER A 113 16.51 -1.70 1.59
N THR A 114 17.58 -1.95 0.89
CA THR A 114 18.65 -2.84 1.44
C THR A 114 19.85 -2.00 1.84
N THR A 115 19.73 -1.22 2.88
CA THR A 115 20.88 -0.37 3.32
C THR A 115 21.78 -1.18 4.25
N SER A 116 22.77 -1.85 3.70
CA SER A 116 23.68 -2.65 4.56
C SER A 116 24.44 -1.73 5.51
N SER A 117 25.18 -2.29 6.43
CA SER A 117 25.94 -1.44 7.39
C SER A 117 27.35 -1.20 6.86
N LEU A 118 28.00 -0.15 7.28
CA LEU A 118 29.37 0.13 6.80
C LEU A 118 30.38 -0.57 7.70
N LYS A 119 30.02 -0.85 8.92
CA LYS A 119 30.96 -1.54 9.85
C LYS A 119 31.31 -2.92 9.28
N THR A 120 31.72 -3.82 10.14
CA THR A 120 32.07 -5.19 9.66
C THR A 120 30.86 -6.11 9.81
N LYS A 121 30.92 -7.28 9.24
CA LYS A 121 29.77 -8.23 9.36
C LYS A 121 29.53 -8.56 10.83
N GLY A 122 28.72 -9.55 11.10
CA GLY A 122 28.44 -9.92 12.51
C GLY A 122 27.29 -9.07 13.06
N GLY A 123 26.08 -9.51 12.88
CA GLY A 123 24.92 -8.73 13.37
C GLY A 123 23.89 -9.67 13.99
N ASN A 124 23.69 -10.82 13.40
CA ASN A 124 22.70 -11.79 13.95
C ASN A 124 23.24 -13.21 13.81
N ALA A 125 24.43 -13.35 13.27
CA ALA A 125 25.00 -14.72 13.11
C ALA A 125 25.33 -15.30 14.48
N GLY A 126 26.08 -14.59 15.27
CA GLY A 126 26.44 -15.11 16.64
C GLY A 126 27.89 -14.75 16.96
N THR A 127 28.11 -14.08 18.06
CA THR A 127 29.50 -13.69 18.43
C THR A 127 30.13 -14.83 19.24
N LYS A 128 29.55 -16.00 19.21
CA LYS A 128 30.12 -17.13 19.99
C LYS A 128 30.24 -16.75 21.45
N ALA A 129 31.36 -16.19 21.84
CA ALA A 129 31.53 -15.80 23.27
C ALA A 129 32.86 -15.06 23.43
N TYR A 130 33.36 -14.98 24.64
CA TYR A 130 34.66 -14.28 24.87
C TYR A 130 35.46 -15.02 25.94
N ASN A 131 35.77 -16.27 25.71
CA ASN A 131 36.55 -17.05 26.71
C ASN A 131 37.26 -18.20 26.00
N MET A 21 -7.30 -20.28 -6.26
CA MET A 21 -6.59 -19.41 -5.29
C MET A 21 -6.39 -18.02 -5.90
N SER A 22 -6.85 -16.99 -5.23
CA SER A 22 -6.68 -15.61 -5.78
C SER A 22 -7.10 -14.59 -4.72
N THR A 23 -6.88 -14.90 -3.46
CA THR A 23 -7.26 -13.94 -2.39
C THR A 23 -6.84 -12.53 -2.79
N VAL A 24 -7.21 -11.54 -2.01
CA VAL A 24 -6.84 -10.14 -2.35
C VAL A 24 -5.43 -9.84 -1.82
N THR A 25 -5.00 -8.61 -1.90
CA THR A 25 -3.65 -8.26 -1.40
C THR A 25 -3.67 -6.85 -0.82
N LYS A 26 -2.90 -6.60 0.20
CA LYS A 26 -2.88 -5.24 0.81
C LYS A 26 -1.49 -4.61 0.61
N TYR A 27 -1.44 -3.39 0.17
CA TYR A 27 -0.13 -2.73 -0.04
C TYR A 27 0.21 -1.86 1.18
N PHE A 28 1.41 -1.97 1.69
CA PHE A 28 1.79 -1.16 2.87
C PHE A 28 2.37 0.18 2.40
N TYR A 29 2.17 1.22 3.14
CA TYR A 29 2.72 2.55 2.74
C TYR A 29 3.23 3.29 3.98
N LYS A 30 4.52 3.41 4.13
CA LYS A 30 5.08 4.12 5.31
C LYS A 30 5.24 5.60 4.98
N GLY A 31 4.26 6.39 5.28
CA GLY A 31 4.35 7.85 4.99
C GLY A 31 5.59 8.43 5.67
N GLU A 32 5.93 9.66 5.37
CA GLU A 32 7.12 10.28 5.99
C GLU A 32 6.96 10.29 7.52
N ASN A 33 5.82 9.89 8.01
CA ASN A 33 5.60 9.88 9.48
C ASN A 33 4.42 8.96 9.81
N THR A 34 3.29 9.20 9.20
CA THR A 34 2.10 8.34 9.50
C THR A 34 2.15 7.10 8.60
N ASP A 35 1.56 6.02 9.05
CA ASP A 35 1.57 4.78 8.22
C ASP A 35 0.14 4.42 7.81
N LEU A 36 -0.09 4.16 6.55
CA LEU A 36 -1.46 3.81 6.10
C LEU A 36 -1.40 2.57 5.20
N ILE A 37 -2.49 1.86 5.09
CA ILE A 37 -2.49 0.64 4.22
C ILE A 37 -3.57 0.78 3.15
N VAL A 38 -3.39 0.15 2.03
CA VAL A 38 -4.40 0.25 0.94
C VAL A 38 -4.89 -1.15 0.56
N PHE A 39 -5.96 -1.24 -0.18
CA PHE A 39 -6.48 -2.58 -0.59
C PHE A 39 -6.18 -2.81 -2.06
N ALA A 40 -6.06 -4.05 -2.46
CA ALA A 40 -5.77 -4.36 -3.90
C ALA A 40 -6.21 -5.78 -4.21
N ALA A 41 -6.38 -6.10 -5.47
CA ALA A 41 -6.80 -7.47 -5.85
C ALA A 41 -5.57 -8.39 -5.88
N SER A 42 -4.78 -8.29 -6.90
CA SER A 42 -3.57 -9.16 -6.99
C SER A 42 -2.37 -8.33 -7.44
N GLU A 43 -1.18 -8.75 -7.11
CA GLU A 43 0.03 -7.97 -7.52
C GLU A 43 0.17 -8.03 -9.04
N GLU A 44 -0.23 -9.10 -9.64
CA GLU A 44 -0.12 -9.23 -11.13
C GLU A 44 -0.70 -7.97 -11.78
N LEU A 45 -1.97 -7.71 -11.58
CA LEU A 45 -2.59 -6.52 -12.19
C LEU A 45 -1.81 -5.27 -11.78
N VAL A 46 -1.59 -5.08 -10.50
CA VAL A 46 -0.83 -3.88 -10.05
C VAL A 46 0.41 -3.70 -10.92
N ASP A 47 1.19 -4.73 -11.09
CA ASP A 47 2.41 -4.61 -11.93
C ASP A 47 2.01 -4.27 -13.37
N GLU A 48 0.82 -4.59 -13.75
CA GLU A 48 0.38 -4.28 -15.14
C GLU A 48 -0.04 -2.81 -15.23
N TYR A 49 -0.66 -2.30 -14.20
CA TYR A 49 -1.09 -0.87 -14.22
C TYR A 49 0.14 0.03 -14.38
N LEU A 50 1.19 -0.25 -13.66
CA LEU A 50 2.42 0.58 -13.78
C LEU A 50 2.99 0.47 -15.20
N LYS A 51 2.88 -0.67 -15.79
CA LYS A 51 3.40 -0.84 -17.18
C LYS A 51 2.44 -0.19 -18.18
N ASN A 52 1.16 -0.31 -17.93
CA ASN A 52 0.17 0.31 -18.87
C ASN A 52 -0.81 1.17 -18.07
N PRO A 53 -0.35 2.29 -17.58
CA PRO A 53 -1.18 3.23 -16.79
C PRO A 53 -2.54 3.50 -17.45
N SER A 54 -3.60 3.51 -16.68
CA SER A 54 -4.94 3.76 -17.26
C SER A 54 -5.98 3.83 -16.13
N ILE A 55 -6.79 4.86 -16.13
CA ILE A 55 -7.82 4.99 -15.06
C ILE A 55 -8.88 3.89 -15.24
N GLY A 56 -9.33 3.68 -16.44
CA GLY A 56 -10.37 2.64 -16.69
C GLY A 56 -9.86 1.29 -16.17
N LYS A 57 -8.59 1.21 -15.84
CA LYS A 57 -8.05 -0.08 -15.34
C LYS A 57 -8.07 -0.09 -13.80
N LEU A 58 -7.58 0.96 -13.20
CA LEU A 58 -7.57 1.01 -11.71
C LEU A 58 -8.94 0.60 -11.18
N SER A 59 -9.96 0.71 -11.99
CA SER A 59 -11.32 0.33 -11.53
C SER A 59 -11.36 -1.16 -11.21
N GLU A 60 -10.58 -1.94 -11.91
CA GLU A 60 -10.57 -3.41 -11.65
C GLU A 60 -9.58 -3.72 -10.53
N VAL A 61 -8.41 -3.15 -10.59
CA VAL A 61 -7.40 -3.42 -9.53
C VAL A 61 -7.94 -2.98 -8.18
N VAL A 62 -8.37 -1.75 -8.07
CA VAL A 62 -8.93 -1.26 -6.77
C VAL A 62 -10.29 -1.90 -6.53
N GLU A 63 -10.53 -2.39 -5.34
CA GLU A 63 -11.84 -3.02 -5.04
C GLU A 63 -12.38 -2.48 -3.71
N LEU A 64 -12.13 -1.22 -3.43
CA LEU A 64 -12.63 -0.63 -2.16
C LEU A 64 -12.52 0.89 -2.22
N PHE A 65 -11.45 1.39 -2.77
CA PHE A 65 -11.28 2.87 -2.85
C PHE A 65 -11.39 3.48 -1.46
N GLU A 66 -10.50 3.12 -0.57
CA GLU A 66 -10.56 3.68 0.81
C GLU A 66 -9.19 3.56 1.46
N VAL A 67 -8.95 4.32 2.50
CA VAL A 67 -7.62 4.25 3.18
C VAL A 67 -7.81 3.75 4.62
N PHE A 68 -7.15 2.68 4.98
CA PHE A 68 -7.29 2.15 6.36
C PHE A 68 -5.99 2.36 7.13
N THR A 69 -6.00 2.12 8.41
CA THR A 69 -4.77 2.31 9.22
C THR A 69 -4.75 1.31 10.39
N PRO A 70 -3.60 1.06 10.93
CA PRO A 70 -3.43 0.11 12.07
C PRO A 70 -4.02 0.67 13.38
N GLN A 71 -4.13 -0.15 14.38
CA GLN A 71 -4.68 0.33 15.68
C GLN A 71 -3.70 0.03 16.80
N ASP A 72 -3.92 0.58 17.96
CA ASP A 72 -2.99 0.33 19.10
C ASP A 72 -3.04 -1.15 19.48
N GLY A 73 -1.94 -1.85 19.34
CA GLY A 73 -1.92 -3.29 19.70
C GLY A 73 -0.68 -3.95 19.10
N ARG A 74 -0.42 -3.69 17.84
CA ARG A 74 0.77 -4.30 17.19
C ARG A 74 0.83 -3.88 15.72
N GLY A 75 -0.29 -3.49 15.17
CA GLY A 75 -0.31 -3.07 13.74
C GLY A 75 -1.60 -3.54 13.09
N ALA A 76 -1.71 -4.81 12.78
CA ALA A 76 -2.95 -5.32 12.14
C ALA A 76 -3.97 -5.68 13.22
N GLU A 77 -3.67 -6.68 14.02
CA GLU A 77 -4.63 -7.07 15.09
C GLU A 77 -6.07 -6.96 14.57
N GLY A 78 -6.26 -7.23 13.30
CA GLY A 78 -7.64 -7.12 12.73
C GLY A 78 -8.30 -5.83 13.21
N GLU A 79 -9.60 -5.75 13.09
CA GLU A 79 -10.30 -4.51 13.54
C GLU A 79 -9.56 -3.28 13.02
N LEU A 80 -9.61 -3.05 11.74
CA LEU A 80 -8.90 -1.87 11.17
C LEU A 80 -9.81 -0.64 11.25
N GLY A 81 -9.26 0.53 11.07
CA GLY A 81 -10.10 1.76 11.13
C GLY A 81 -9.74 2.68 9.96
N ALA A 82 -10.68 3.49 9.52
CA ALA A 82 -10.40 4.40 8.38
C ALA A 82 -9.77 5.69 8.91
N ALA A 83 -8.89 6.29 8.16
CA ALA A 83 -8.25 7.56 8.63
C ALA A 83 -9.12 8.75 8.24
N SER A 84 -8.63 9.94 8.40
CA SER A 84 -9.44 11.14 8.04
C SER A 84 -8.80 11.86 6.85
N LYS A 85 -9.59 12.45 6.01
CA LYS A 85 -9.02 13.18 4.84
C LYS A 85 -7.89 14.09 5.29
N ALA A 86 -7.99 14.63 6.48
CA ALA A 86 -6.92 15.53 6.98
C ALA A 86 -5.62 14.73 7.14
N GLN A 87 -5.69 13.54 7.67
CA GLN A 87 -4.47 12.71 7.85
C GLN A 87 -3.83 12.45 6.49
N VAL A 88 -4.63 12.21 5.48
CA VAL A 88 -4.07 11.93 4.13
C VAL A 88 -3.38 13.19 3.61
N GLU A 89 -4.08 14.29 3.55
CA GLU A 89 -3.46 15.55 3.05
C GLU A 89 -2.06 15.71 3.67
N ASN A 90 -1.90 15.31 4.90
CA ASN A 90 -0.57 15.44 5.55
C ASN A 90 0.44 14.52 4.85
N GLU A 91 -0.04 13.56 4.11
CA GLU A 91 0.89 12.63 3.41
C GLU A 91 0.84 12.91 1.91
N PHE A 92 -0.05 13.77 1.48
CA PHE A 92 -0.12 14.08 0.02
C PHE A 92 -0.53 15.55 -0.15
N GLY A 93 -0.41 16.34 0.88
CA GLY A 93 -0.79 17.78 0.77
C GLY A 93 -2.17 17.90 0.11
N LYS A 94 -2.32 18.78 -0.83
CA LYS A 94 -3.64 18.93 -1.51
C LYS A 94 -4.24 17.55 -1.78
N GLY A 95 -5.27 17.19 -1.06
CA GLY A 95 -5.90 15.86 -1.28
C GLY A 95 -6.43 15.77 -2.72
N LYS A 96 -5.60 15.36 -3.64
CA LYS A 96 -6.05 15.25 -5.06
C LYS A 96 -7.11 14.16 -5.17
N LYS A 97 -7.60 13.92 -6.36
CA LYS A 97 -8.64 12.86 -6.53
C LYS A 97 -8.20 11.58 -5.82
N ILE A 98 -9.10 10.92 -5.14
CA ILE A 98 -8.73 9.67 -4.43
C ILE A 98 -8.03 8.71 -5.40
N GLU A 99 -8.26 8.88 -6.68
CA GLU A 99 -7.62 7.98 -7.67
C GLU A 99 -6.12 8.32 -7.78
N GLU A 100 -5.78 9.54 -7.54
CA GLU A 100 -4.34 9.95 -7.62
C GLU A 100 -3.62 9.54 -6.35
N VAL A 101 -4.18 9.83 -5.20
CA VAL A 101 -3.53 9.46 -3.92
C VAL A 101 -3.16 7.98 -3.95
N ILE A 102 -4.08 7.14 -4.33
CA ILE A 102 -3.78 5.67 -4.38
C ILE A 102 -2.70 5.41 -5.43
N ASP A 103 -2.73 6.13 -6.52
CA ASP A 103 -1.70 5.92 -7.57
C ASP A 103 -0.31 6.14 -6.99
N LEU A 104 -0.02 7.34 -6.56
CA LEU A 104 1.32 7.62 -5.98
C LEU A 104 1.73 6.47 -5.07
N ILE A 105 0.84 6.03 -4.22
CA ILE A 105 1.18 4.90 -3.30
C ILE A 105 1.60 3.69 -4.12
N LEU A 106 0.75 3.21 -4.98
CA LEU A 106 1.11 2.03 -5.82
C LEU A 106 2.40 2.31 -6.58
N ARG A 107 2.88 3.52 -6.52
CA ARG A 107 4.14 3.85 -7.25
C ARG A 107 5.26 4.13 -6.24
N ASN A 108 4.91 4.45 -5.03
CA ASN A 108 5.94 4.73 -4.00
C ASN A 108 5.51 4.14 -2.66
N GLY A 109 5.44 2.84 -2.56
CA GLY A 109 5.03 2.20 -1.28
C GLY A 109 5.74 0.86 -1.13
N LYS A 110 5.04 -0.13 -0.66
CA LYS A 110 5.67 -1.47 -0.48
C LYS A 110 6.68 -1.71 -1.60
N PRO A 111 7.94 -1.50 -1.33
CA PRO A 111 9.03 -1.70 -2.34
C PRO A 111 9.01 -3.11 -2.93
N ASN A 112 8.31 -3.30 -4.01
CA ASN A 112 8.25 -4.65 -4.64
C ASN A 112 9.61 -4.97 -5.28
N SER A 113 9.93 -6.23 -5.40
CA SER A 113 11.23 -6.61 -6.02
C SER A 113 12.34 -5.70 -5.49
N THR A 114 12.85 -5.98 -4.32
CA THR A 114 13.92 -5.12 -3.76
C THR A 114 15.25 -5.45 -4.44
N THR A 115 15.32 -5.26 -5.73
CA THR A 115 16.59 -5.57 -6.46
C THR A 115 16.83 -4.50 -7.53
N SER A 116 18.00 -3.93 -7.55
CA SER A 116 18.30 -2.89 -8.57
C SER A 116 19.42 -3.38 -9.50
N SER A 117 20.22 -4.30 -9.04
CA SER A 117 21.31 -4.83 -9.90
C SER A 117 20.74 -5.80 -10.94
N LEU A 118 20.83 -5.46 -12.19
CA LEU A 118 20.29 -6.36 -13.24
C LEU A 118 21.45 -7.00 -14.01
N LYS A 119 21.28 -7.21 -15.30
CA LYS A 119 22.37 -7.82 -16.10
C LYS A 119 22.84 -9.11 -15.42
N THR A 120 22.08 -9.61 -14.48
CA THR A 120 22.48 -10.86 -13.78
C THR A 120 21.36 -11.89 -13.88
N LYS A 121 20.15 -11.49 -13.57
CA LYS A 121 19.01 -12.45 -13.65
C LYS A 121 18.54 -12.57 -15.09
N GLY A 122 19.23 -13.33 -15.89
CA GLY A 122 18.82 -13.48 -17.31
C GLY A 122 19.30 -14.84 -17.84
N GLY A 123 18.82 -15.23 -18.99
CA GLY A 123 19.24 -16.55 -19.56
C GLY A 123 18.21 -17.61 -19.20
N ASN A 124 17.05 -17.56 -19.78
CA ASN A 124 16.01 -18.57 -19.47
C ASN A 124 15.08 -18.76 -20.68
N ALA A 125 14.21 -17.81 -20.92
CA ALA A 125 13.29 -17.92 -22.08
C ALA A 125 14.08 -17.74 -23.38
N GLY A 126 15.11 -16.95 -23.35
CA GLY A 126 15.92 -16.74 -24.58
C GLY A 126 15.79 -15.28 -25.03
N THR A 127 16.88 -14.55 -25.04
CA THR A 127 16.81 -13.13 -25.46
C THR A 127 16.81 -13.05 -27.00
N LYS A 128 17.31 -14.05 -27.65
CA LYS A 128 17.33 -14.04 -29.14
C LYS A 128 17.95 -12.73 -29.63
N ALA A 129 18.90 -12.21 -28.91
CA ALA A 129 19.56 -10.93 -29.33
C ALA A 129 20.49 -11.21 -30.51
N TYR A 130 20.19 -12.20 -31.30
CA TYR A 130 21.05 -12.52 -32.47
C TYR A 130 20.23 -12.42 -33.76
N ASN A 131 20.89 -12.27 -34.88
CA ASN A 131 20.15 -12.17 -36.16
C ASN A 131 19.79 -13.57 -36.66
N MET A 21 -13.33 -18.37 0.29
CA MET A 21 -13.39 -18.22 -1.20
C MET A 21 -13.15 -16.76 -1.57
N SER A 22 -12.27 -16.09 -0.88
CA SER A 22 -11.99 -14.66 -1.20
C SER A 22 -10.60 -14.28 -0.68
N THR A 23 -9.62 -14.28 -1.53
CA THR A 23 -8.25 -13.91 -1.08
C THR A 23 -7.77 -12.68 -1.85
N VAL A 24 -6.97 -11.86 -1.23
CA VAL A 24 -6.47 -10.64 -1.92
C VAL A 24 -5.09 -10.26 -1.37
N THR A 25 -4.60 -9.11 -1.72
CA THR A 25 -3.26 -8.69 -1.21
C THR A 25 -3.37 -7.28 -0.61
N LYS A 26 -2.65 -7.03 0.46
CA LYS A 26 -2.71 -5.69 1.10
C LYS A 26 -1.46 -4.90 0.73
N TYR A 27 -1.63 -3.68 0.30
CA TYR A 27 -0.44 -2.85 -0.08
C TYR A 27 -0.10 -1.90 1.06
N PHE A 28 1.06 -2.05 1.64
CA PHE A 28 1.46 -1.15 2.76
C PHE A 28 2.21 0.06 2.21
N TYR A 29 2.00 1.21 2.79
CA TYR A 29 2.70 2.42 2.29
C TYR A 29 3.30 3.19 3.48
N LYS A 30 4.57 3.07 3.69
CA LYS A 30 5.21 3.79 4.83
C LYS A 30 5.49 5.24 4.42
N GLY A 31 4.58 6.13 4.72
CA GLY A 31 4.79 7.56 4.35
C GLY A 31 5.74 8.21 5.35
N GLU A 32 5.68 9.51 5.49
CA GLU A 32 6.59 10.20 6.44
C GLU A 32 6.58 9.46 7.79
N ASN A 33 5.63 9.74 8.62
CA ASN A 33 5.56 9.06 9.94
C ASN A 33 4.25 8.28 10.05
N THR A 34 3.31 8.55 9.18
CA THR A 34 2.01 7.83 9.24
C THR A 34 2.09 6.57 8.37
N ASP A 35 1.39 5.54 8.75
CA ASP A 35 1.42 4.28 7.94
C ASP A 35 0.02 3.97 7.41
N LEU A 36 -0.15 4.00 6.12
CA LEU A 36 -1.49 3.71 5.54
C LEU A 36 -1.48 2.36 4.85
N ILE A 37 -2.60 1.70 4.78
CA ILE A 37 -2.65 0.37 4.11
C ILE A 37 -3.90 0.28 3.23
N VAL A 38 -3.73 0.18 1.95
CA VAL A 38 -4.91 0.09 1.04
C VAL A 38 -5.17 -1.38 0.70
N PHE A 39 -6.08 -1.63 -0.21
CA PHE A 39 -6.38 -3.04 -0.59
C PHE A 39 -5.76 -3.33 -1.96
N ALA A 40 -5.75 -4.58 -2.36
CA ALA A 40 -5.16 -4.93 -3.69
C ALA A 40 -5.52 -6.37 -4.04
N ALA A 41 -5.65 -6.67 -5.30
CA ALA A 41 -6.00 -8.06 -5.71
C ALA A 41 -4.75 -8.92 -5.73
N SER A 42 -3.78 -8.56 -6.53
CA SER A 42 -2.52 -9.36 -6.59
C SER A 42 -1.38 -8.47 -7.08
N GLU A 43 -0.19 -8.66 -6.55
CA GLU A 43 0.96 -7.83 -6.99
C GLU A 43 1.09 -7.89 -8.51
N GLU A 44 0.78 -9.02 -9.09
CA GLU A 44 0.89 -9.14 -10.57
C GLU A 44 0.09 -8.03 -11.24
N LEU A 45 -1.20 -8.02 -11.06
CA LEU A 45 -2.03 -6.96 -11.69
C LEU A 45 -1.36 -5.59 -11.49
N VAL A 46 -1.12 -5.21 -10.27
CA VAL A 46 -0.47 -3.90 -10.01
C VAL A 46 0.64 -3.67 -11.04
N ASP A 47 1.46 -4.67 -11.27
CA ASP A 47 2.56 -4.50 -12.27
C ASP A 47 1.97 -4.18 -13.64
N GLU A 48 0.84 -4.76 -13.97
CA GLU A 48 0.22 -4.48 -15.29
C GLU A 48 -0.25 -3.03 -15.34
N TYR A 49 -0.49 -2.42 -14.21
CA TYR A 49 -0.94 -1.02 -14.19
C TYR A 49 0.27 -0.08 -14.27
N LEU A 50 1.39 -0.51 -13.77
CA LEU A 50 2.61 0.34 -13.81
C LEU A 50 2.99 0.64 -15.26
N LYS A 51 2.88 -0.35 -16.12
CA LYS A 51 3.23 -0.12 -17.55
C LYS A 51 2.12 0.70 -18.23
N ASN A 52 0.89 0.52 -17.81
CA ASN A 52 -0.21 1.29 -18.43
C ASN A 52 -0.98 2.04 -17.35
N PRO A 53 -0.40 3.09 -16.83
CA PRO A 53 -1.03 3.92 -15.76
C PRO A 53 -2.14 4.83 -16.31
N SER A 54 -3.35 4.61 -15.92
CA SER A 54 -4.47 5.45 -16.42
C SER A 54 -5.51 5.66 -15.31
N ILE A 55 -6.68 5.11 -15.48
CA ILE A 55 -7.72 5.26 -14.43
C ILE A 55 -8.82 4.21 -14.63
N GLY A 56 -8.83 3.58 -15.78
CA GLY A 56 -9.87 2.54 -16.03
C GLY A 56 -9.45 1.22 -15.38
N LYS A 57 -8.26 0.76 -15.66
CA LYS A 57 -7.79 -0.52 -15.05
C LYS A 57 -7.67 -0.35 -13.54
N LEU A 58 -7.80 0.86 -13.05
CA LEU A 58 -7.70 1.09 -11.57
C LEU A 58 -8.85 0.37 -10.86
N SER A 59 -10.06 0.65 -11.26
CA SER A 59 -11.21 -0.01 -10.60
C SER A 59 -10.98 -1.52 -10.53
N GLU A 60 -10.09 -2.03 -11.34
CA GLU A 60 -9.81 -3.50 -11.32
C GLU A 60 -8.79 -3.79 -10.21
N VAL A 61 -7.75 -3.00 -10.11
CA VAL A 61 -6.72 -3.24 -9.07
C VAL A 61 -7.34 -3.02 -7.68
N VAL A 62 -7.62 -1.79 -7.34
CA VAL A 62 -8.22 -1.50 -6.01
C VAL A 62 -9.64 -2.06 -5.97
N GLU A 63 -9.96 -2.80 -4.94
CA GLU A 63 -11.33 -3.38 -4.84
C GLU A 63 -12.24 -2.41 -4.09
N LEU A 64 -11.72 -1.73 -3.11
CA LEU A 64 -12.56 -0.76 -2.34
C LEU A 64 -11.90 0.63 -2.38
N PHE A 65 -12.52 1.57 -3.04
CA PHE A 65 -11.94 2.93 -3.12
C PHE A 65 -11.92 3.56 -1.72
N GLU A 66 -10.96 3.20 -0.92
CA GLU A 66 -10.88 3.78 0.45
C GLU A 66 -9.50 3.51 1.04
N VAL A 67 -9.10 4.30 2.01
CA VAL A 67 -7.75 4.08 2.63
C VAL A 67 -7.92 3.63 4.07
N PHE A 68 -7.28 2.55 4.46
CA PHE A 68 -7.40 2.07 5.85
C PHE A 68 -6.08 2.26 6.59
N THR A 69 -6.10 2.27 7.89
CA THR A 69 -4.83 2.44 8.66
C THR A 69 -4.79 1.46 9.83
N PRO A 70 -3.66 1.33 10.46
CA PRO A 70 -3.48 0.40 11.61
C PRO A 70 -4.60 0.54 12.64
N GLN A 71 -4.77 -0.44 13.49
CA GLN A 71 -5.85 -0.37 14.51
C GLN A 71 -5.27 0.18 15.82
N ASP A 72 -4.59 -0.64 16.57
CA ASP A 72 -4.01 -0.16 17.85
C ASP A 72 -2.92 -1.13 18.32
N GLY A 73 -1.72 -0.96 17.84
CA GLY A 73 -0.62 -1.87 18.25
C GLY A 73 -0.69 -3.16 17.44
N ARG A 74 -0.71 -4.29 18.10
CA ARG A 74 -0.79 -5.58 17.37
C ARG A 74 -2.13 -5.68 16.65
N GLY A 75 -2.13 -5.74 15.34
CA GLY A 75 -3.41 -5.83 14.58
C GLY A 75 -3.12 -5.94 13.10
N ALA A 76 -4.06 -6.45 12.33
CA ALA A 76 -3.83 -6.59 10.87
C ALA A 76 -5.14 -6.99 10.19
N GLU A 77 -6.20 -7.07 10.94
CA GLU A 77 -7.51 -7.45 10.34
C GLU A 77 -8.64 -7.18 11.33
N GLY A 78 -9.83 -7.58 11.01
CA GLY A 78 -10.97 -7.34 11.95
C GLY A 78 -11.55 -5.94 11.71
N GLU A 79 -11.87 -5.24 12.76
CA GLU A 79 -12.44 -3.88 12.59
C GLU A 79 -11.31 -2.85 12.51
N LEU A 80 -10.70 -2.72 11.37
CA LEU A 80 -9.58 -1.74 11.22
C LEU A 80 -10.13 -0.31 11.36
N GLY A 81 -9.33 0.67 11.05
CA GLY A 81 -9.81 2.07 11.16
C GLY A 81 -9.77 2.74 9.78
N ALA A 82 -10.18 3.98 9.70
CA ALA A 82 -10.16 4.67 8.38
C ALA A 82 -9.35 5.97 8.49
N ALA A 83 -8.72 6.38 7.44
CA ALA A 83 -7.91 7.63 7.49
C ALA A 83 -8.80 8.82 7.09
N SER A 84 -8.51 9.98 7.60
CA SER A 84 -9.33 11.17 7.24
C SER A 84 -8.61 11.98 6.16
N LYS A 85 -9.25 13.00 5.65
CA LYS A 85 -8.61 13.83 4.59
C LYS A 85 -7.45 14.64 5.19
N ALA A 86 -7.58 15.01 6.43
CA ALA A 86 -6.49 15.80 7.08
C ALA A 86 -5.23 14.94 7.21
N GLN A 87 -5.39 13.70 7.61
CA GLN A 87 -4.21 12.81 7.75
C GLN A 87 -3.54 12.62 6.38
N VAL A 88 -4.30 12.23 5.39
CA VAL A 88 -3.72 12.03 4.04
C VAL A 88 -3.11 13.33 3.55
N GLU A 89 -3.79 14.43 3.76
CA GLU A 89 -3.25 15.74 3.29
C GLU A 89 -1.77 15.85 3.65
N ASN A 90 -1.41 15.42 4.84
CA ASN A 90 0.02 15.50 5.25
C ASN A 90 0.83 14.48 4.45
N GLU A 91 0.21 13.43 4.00
CA GLU A 91 0.95 12.40 3.21
C GLU A 91 1.08 12.86 1.76
N PHE A 92 0.18 13.69 1.31
CA PHE A 92 0.26 14.18 -0.10
C PHE A 92 -0.05 15.68 -0.14
N GLY A 93 -1.28 16.05 0.08
CA GLY A 93 -1.64 17.49 0.05
C GLY A 93 -3.15 17.65 -0.18
N LYS A 94 -3.60 18.84 -0.39
CA LYS A 94 -5.06 19.05 -0.63
C LYS A 94 -5.28 19.58 -2.05
N GLY A 95 -6.47 19.43 -2.57
CA GLY A 95 -6.74 19.93 -3.95
C GLY A 95 -6.72 18.74 -4.93
N LYS A 96 -6.07 17.68 -4.57
CA LYS A 96 -6.01 16.50 -5.47
C LYS A 96 -7.32 15.72 -5.38
N LYS A 97 -7.36 14.53 -5.94
CA LYS A 97 -8.61 13.72 -5.88
C LYS A 97 -8.31 12.36 -5.26
N ILE A 98 -9.17 11.89 -4.40
CA ILE A 98 -8.93 10.56 -3.76
C ILE A 98 -8.35 9.60 -4.80
N GLU A 99 -8.92 9.57 -5.98
CA GLU A 99 -8.41 8.64 -7.03
C GLU A 99 -6.98 9.05 -7.41
N GLU A 100 -6.74 10.32 -7.58
CA GLU A 100 -5.37 10.77 -7.95
C GLU A 100 -4.37 10.33 -6.88
N VAL A 101 -4.78 10.34 -5.64
CA VAL A 101 -3.85 9.92 -4.55
C VAL A 101 -3.62 8.41 -4.64
N ILE A 102 -4.66 7.63 -4.50
CA ILE A 102 -4.50 6.15 -4.58
C ILE A 102 -3.49 5.80 -5.67
N ASP A 103 -3.55 6.45 -6.79
CA ASP A 103 -2.59 6.14 -7.89
C ASP A 103 -1.17 6.33 -7.38
N LEU A 104 -0.84 7.50 -6.88
CA LEU A 104 0.53 7.73 -6.37
C LEU A 104 0.88 6.68 -5.32
N ILE A 105 -0.10 6.19 -4.60
CA ILE A 105 0.17 5.16 -3.57
C ILE A 105 0.59 3.85 -4.25
N LEU A 106 -0.30 3.26 -4.99
CA LEU A 106 0.04 1.98 -5.69
C LEU A 106 1.42 2.10 -6.33
N ARG A 107 1.70 3.22 -6.97
CA ARG A 107 3.02 3.39 -7.62
C ARG A 107 4.13 2.96 -6.65
N ASN A 108 4.13 3.49 -5.46
CA ASN A 108 5.18 3.11 -4.47
C ASN A 108 4.95 1.66 -4.03
N GLY A 109 4.08 1.46 -3.09
CA GLY A 109 3.80 0.07 -2.60
C GLY A 109 5.05 -0.47 -1.90
N LYS A 110 4.93 -0.81 -0.64
CA LYS A 110 6.10 -1.36 0.10
C LYS A 110 5.72 -2.67 0.78
N PRO A 111 5.66 -3.73 0.03
CA PRO A 111 5.30 -5.08 0.55
C PRO A 111 6.06 -5.42 1.84
N ASN A 112 7.30 -5.03 1.92
CA ASN A 112 8.09 -5.34 3.15
C ASN A 112 7.36 -4.79 4.38
N SER A 113 7.85 -5.08 5.55
CA SER A 113 7.19 -4.58 6.79
C SER A 113 5.73 -5.02 6.79
N THR A 114 5.47 -6.31 6.68
CA THR A 114 4.07 -6.79 6.67
C THR A 114 3.72 -7.32 8.06
N THR A 115 2.53 -7.86 8.22
CA THR A 115 2.13 -8.41 9.54
C THR A 115 0.87 -9.25 9.39
N SER A 116 1.01 -10.54 9.25
CA SER A 116 -0.19 -11.40 9.09
C SER A 116 -0.23 -12.44 10.22
N SER A 117 -1.37 -13.01 10.47
CA SER A 117 -1.47 -14.02 11.56
C SER A 117 -0.18 -14.86 11.59
N LEU A 118 0.17 -15.46 10.50
CA LEU A 118 1.41 -16.29 10.46
C LEU A 118 2.60 -15.45 10.97
N LYS A 119 2.92 -15.54 12.22
CA LYS A 119 4.05 -14.75 12.77
C LYS A 119 4.41 -15.26 14.16
N THR A 120 3.47 -15.87 14.84
CA THR A 120 3.75 -16.40 16.21
C THR A 120 4.56 -17.69 16.11
N LYS A 121 4.46 -18.37 15.00
CA LYS A 121 5.22 -19.65 14.84
C LYS A 121 5.13 -20.45 16.14
N GLY A 122 6.25 -20.93 16.63
CA GLY A 122 6.24 -21.71 17.89
C GLY A 122 5.70 -23.12 17.61
N GLY A 123 6.13 -23.73 16.54
CA GLY A 123 5.65 -25.10 16.21
C GLY A 123 6.41 -26.12 17.05
N ASN A 124 6.39 -25.97 18.35
CA ASN A 124 7.11 -26.94 19.23
C ASN A 124 6.09 -27.78 20.00
N ALA A 125 6.31 -29.07 20.08
CA ALA A 125 5.35 -29.94 20.82
C ALA A 125 5.93 -31.35 20.92
N GLY A 126 6.86 -31.56 21.82
CA GLY A 126 7.47 -32.91 21.96
C GLY A 126 8.67 -33.05 21.03
N THR A 127 8.64 -32.35 19.92
CA THR A 127 9.78 -32.45 18.97
C THR A 127 9.95 -33.90 18.52
N LYS A 128 9.69 -34.19 17.28
CA LYS A 128 9.85 -35.58 16.78
C LYS A 128 11.30 -35.81 16.36
N ALA A 129 12.06 -34.76 16.22
CA ALA A 129 13.48 -34.92 15.80
C ALA A 129 14.31 -35.43 16.99
N TYR A 130 15.36 -34.73 17.33
CA TYR A 130 16.20 -35.19 18.47
C TYR A 130 16.47 -33.99 19.40
N ASN A 131 15.46 -33.24 19.72
CA ASN A 131 15.66 -32.07 20.62
C ASN A 131 16.56 -31.04 19.93
N MET A 21 -1.95 -15.62 -2.57
CA MET A 21 -2.76 -16.14 -3.69
C MET A 21 -4.15 -16.52 -3.20
N SER A 22 -4.26 -16.88 -1.94
CA SER A 22 -5.60 -17.25 -1.39
C SER A 22 -6.44 -16.00 -1.21
N THR A 23 -5.96 -15.05 -0.47
CA THR A 23 -6.74 -13.79 -0.25
C THR A 23 -6.28 -12.73 -1.24
N VAL A 24 -6.69 -11.50 -1.04
CA VAL A 24 -6.28 -10.42 -1.97
C VAL A 24 -4.86 -9.96 -1.63
N THR A 25 -4.34 -9.02 -2.35
CA THR A 25 -2.96 -8.53 -2.07
C THR A 25 -3.02 -7.32 -1.11
N LYS A 26 -2.14 -7.25 -0.17
CA LYS A 26 -2.15 -6.11 0.78
C LYS A 26 -1.02 -5.14 0.43
N TYR A 27 -1.35 -3.94 0.04
CA TYR A 27 -0.29 -2.95 -0.32
C TYR A 27 0.01 -2.07 0.89
N PHE A 28 1.26 -1.79 1.14
CA PHE A 28 1.61 -0.93 2.30
C PHE A 28 2.26 0.36 1.80
N TYR A 29 2.10 1.43 2.53
CA TYR A 29 2.70 2.73 2.11
C TYR A 29 3.27 3.45 3.32
N LYS A 30 4.53 3.78 3.28
CA LYS A 30 5.15 4.50 4.44
C LYS A 30 5.26 5.99 4.12
N GLY A 31 4.35 6.78 4.62
CA GLY A 31 4.39 8.24 4.35
C GLY A 31 5.63 8.85 5.02
N GLU A 32 5.54 10.07 5.45
CA GLU A 32 6.71 10.72 6.12
C GLU A 32 6.56 10.60 7.63
N ASN A 33 5.39 10.84 8.15
CA ASN A 33 5.18 10.74 9.62
C ASN A 33 3.93 9.90 9.92
N THR A 34 3.24 9.48 8.88
CA THR A 34 2.02 8.65 9.10
C THR A 34 2.07 7.42 8.20
N ASP A 35 1.33 6.40 8.54
CA ASP A 35 1.34 5.17 7.69
C ASP A 35 -0.07 4.90 7.17
N LEU A 36 -0.20 4.40 5.98
CA LEU A 36 -1.55 4.12 5.43
C LEU A 36 -1.55 2.74 4.76
N ILE A 37 -2.71 2.17 4.56
CA ILE A 37 -2.78 0.82 3.91
C ILE A 37 -3.97 0.78 2.96
N VAL A 38 -3.80 0.17 1.82
CA VAL A 38 -4.93 0.08 0.85
C VAL A 38 -5.12 -1.37 0.41
N PHE A 39 -6.29 -1.71 -0.05
CA PHE A 39 -6.54 -3.11 -0.50
C PHE A 39 -6.28 -3.22 -2.01
N ALA A 40 -5.94 -4.38 -2.47
CA ALA A 40 -5.68 -4.55 -3.93
C ALA A 40 -6.34 -5.84 -4.43
N ALA A 41 -6.40 -6.03 -5.73
CA ALA A 41 -7.03 -7.26 -6.26
C ALA A 41 -5.97 -8.36 -6.42
N SER A 42 -4.95 -8.09 -7.18
CA SER A 42 -3.88 -9.11 -7.37
C SER A 42 -2.57 -8.43 -7.77
N GLU A 43 -1.45 -8.98 -7.39
CA GLU A 43 -0.15 -8.35 -7.75
C GLU A 43 0.02 -8.36 -9.27
N GLU A 44 -0.60 -9.29 -9.94
CA GLU A 44 -0.48 -9.35 -11.43
C GLU A 44 -1.22 -8.17 -12.05
N LEU A 45 -2.37 -7.85 -11.53
CA LEU A 45 -3.14 -6.70 -12.10
C LEU A 45 -2.43 -5.39 -11.76
N VAL A 46 -1.67 -5.37 -10.70
CA VAL A 46 -0.95 -4.13 -10.32
C VAL A 46 0.27 -3.95 -11.23
N ASP A 47 1.19 -4.89 -11.19
CA ASP A 47 2.40 -4.77 -12.05
C ASP A 47 1.99 -4.31 -13.45
N GLU A 48 0.93 -4.88 -13.98
CA GLU A 48 0.48 -4.48 -15.34
C GLU A 48 0.11 -2.99 -15.33
N TYR A 49 -0.62 -2.55 -14.35
CA TYR A 49 -1.02 -1.12 -14.29
C TYR A 49 0.23 -0.25 -14.23
N LEU A 50 1.27 -0.73 -13.60
CA LEU A 50 2.53 0.06 -13.51
C LEU A 50 3.17 0.16 -14.90
N LYS A 51 3.15 -0.91 -15.64
CA LYS A 51 3.76 -0.89 -17.00
C LYS A 51 3.06 0.17 -17.85
N ASN A 52 1.84 0.50 -17.52
CA ASN A 52 1.11 1.52 -18.31
C ASN A 52 0.06 2.20 -17.41
N PRO A 53 0.49 3.16 -16.63
CA PRO A 53 -0.42 3.90 -15.70
C PRO A 53 -1.71 4.35 -16.39
N SER A 54 -2.81 4.35 -15.68
CA SER A 54 -4.09 4.79 -16.29
C SER A 54 -5.03 5.30 -15.20
N ILE A 55 -6.27 5.52 -15.52
CA ILE A 55 -7.24 6.02 -14.50
C ILE A 55 -8.46 5.10 -14.46
N GLY A 56 -8.68 4.35 -15.50
CA GLY A 56 -9.86 3.44 -15.52
C GLY A 56 -9.46 2.09 -14.91
N LYS A 57 -8.47 1.44 -15.45
CA LYS A 57 -8.05 0.12 -14.91
C LYS A 57 -7.87 0.23 -13.39
N LEU A 58 -7.59 1.41 -12.91
CA LEU A 58 -7.41 1.58 -11.44
C LEU A 58 -8.54 0.88 -10.69
N SER A 59 -9.66 0.71 -11.33
CA SER A 59 -10.80 0.03 -10.66
C SER A 59 -10.48 -1.45 -10.47
N GLU A 60 -10.30 -2.17 -11.55
CA GLU A 60 -9.97 -3.62 -11.44
C GLU A 60 -8.82 -3.81 -10.45
N VAL A 61 -7.86 -2.94 -10.47
CA VAL A 61 -6.70 -3.08 -9.53
C VAL A 61 -7.22 -3.03 -8.10
N VAL A 62 -8.04 -2.07 -7.78
CA VAL A 62 -8.58 -1.97 -6.40
C VAL A 62 -10.04 -2.43 -6.37
N GLU A 63 -10.38 -3.32 -5.50
CA GLU A 63 -11.78 -3.81 -5.43
C GLU A 63 -12.58 -2.95 -4.43
N LEU A 64 -11.94 -2.01 -3.81
CA LEU A 64 -12.65 -1.14 -2.83
C LEU A 64 -11.89 0.18 -2.68
N PHE A 65 -12.55 1.28 -2.91
CA PHE A 65 -11.87 2.60 -2.77
C PHE A 65 -11.93 3.05 -1.31
N GLU A 66 -10.91 2.77 -0.54
CA GLU A 66 -10.91 3.19 0.89
C GLU A 66 -9.52 2.99 1.48
N VAL A 67 -9.16 3.76 2.47
CA VAL A 67 -7.81 3.62 3.09
C VAL A 67 -7.96 3.27 4.57
N PHE A 68 -7.46 2.14 4.98
CA PHE A 68 -7.58 1.75 6.41
C PHE A 68 -6.22 1.93 7.09
N THR A 69 -6.22 2.18 8.37
CA THR A 69 -4.93 2.37 9.10
C THR A 69 -4.77 1.27 10.16
N PRO A 70 -3.56 0.90 10.45
CA PRO A 70 -3.25 -0.15 11.46
C PRO A 70 -3.51 0.32 12.89
N GLN A 71 -3.72 -0.59 13.80
CA GLN A 71 -3.98 -0.18 15.21
C GLN A 71 -2.77 0.60 15.74
N ASP A 72 -2.29 0.26 16.90
CA ASP A 72 -1.12 0.99 17.47
C ASP A 72 0.11 0.08 17.44
N GLY A 73 0.63 -0.18 16.27
CA GLY A 73 1.83 -1.06 16.17
C GLY A 73 1.46 -2.49 16.59
N ARG A 74 0.69 -2.61 17.64
CA ARG A 74 0.30 -3.98 18.12
C ARG A 74 -1.03 -4.38 17.45
N GLY A 75 -1.00 -5.38 16.61
CA GLY A 75 -2.25 -5.82 15.93
C GLY A 75 -2.18 -5.48 14.44
N ALA A 76 -2.55 -6.40 13.60
CA ALA A 76 -2.50 -6.13 12.13
C ALA A 76 -3.74 -6.73 11.46
N GLU A 77 -4.64 -7.27 12.23
CA GLU A 77 -5.87 -7.86 11.64
C GLU A 77 -6.95 -7.98 12.70
N GLY A 78 -7.72 -6.94 12.89
CA GLY A 78 -8.80 -6.99 13.92
C GLY A 78 -9.50 -5.63 14.01
N GLU A 79 -10.55 -5.45 13.26
CA GLU A 79 -11.27 -4.14 13.30
C GLU A 79 -10.27 -3.00 13.11
N LEU A 80 -9.92 -2.71 11.90
CA LEU A 80 -8.95 -1.60 11.64
C LEU A 80 -9.68 -0.26 11.72
N GLY A 81 -8.96 0.80 11.99
CA GLY A 81 -9.61 2.14 12.07
C GLY A 81 -9.46 2.86 10.73
N ALA A 82 -9.96 4.06 10.64
CA ALA A 82 -9.85 4.82 9.36
C ALA A 82 -9.23 6.18 9.63
N ALA A 83 -8.52 6.73 8.67
CA ALA A 83 -7.89 8.06 8.87
C ALA A 83 -8.85 9.16 8.42
N SER A 84 -8.53 10.40 8.71
CA SER A 84 -9.43 11.51 8.30
C SER A 84 -8.88 12.17 7.03
N LYS A 85 -9.69 12.90 6.32
CA LYS A 85 -9.21 13.57 5.08
C LYS A 85 -8.03 14.47 5.42
N ALA A 86 -8.14 15.26 6.46
CA ALA A 86 -7.02 16.16 6.83
C ALA A 86 -5.74 15.35 7.00
N GLN A 87 -5.86 14.07 7.24
CA GLN A 87 -4.65 13.23 7.41
C GLN A 87 -4.12 12.81 6.04
N VAL A 88 -4.93 12.13 5.27
CA VAL A 88 -4.48 11.69 3.92
C VAL A 88 -3.92 12.90 3.15
N GLU A 89 -4.41 14.07 3.43
CA GLU A 89 -3.91 15.27 2.72
C GLU A 89 -2.49 15.60 3.19
N ASN A 90 -2.34 15.95 4.44
CA ASN A 90 -0.98 16.28 4.96
C ASN A 90 0.05 15.32 4.35
N GLU A 91 -0.38 14.15 3.94
CA GLU A 91 0.57 13.18 3.34
C GLU A 91 0.91 13.61 1.91
N PHE A 92 -0.07 13.65 1.04
CA PHE A 92 0.20 14.07 -0.36
C PHE A 92 -0.06 15.56 -0.51
N GLY A 93 -1.31 15.95 -0.50
CA GLY A 93 -1.63 17.40 -0.65
C GLY A 93 -3.15 17.57 -0.83
N LYS A 94 -3.61 18.79 -0.91
CA LYS A 94 -5.08 19.01 -1.09
C LYS A 94 -5.39 19.22 -2.57
N GLY A 95 -6.63 19.25 -2.93
CA GLY A 95 -7.00 19.45 -4.37
C GLY A 95 -6.97 18.11 -5.09
N LYS A 96 -6.15 17.20 -4.65
CA LYS A 96 -6.08 15.87 -5.32
C LYS A 96 -7.28 15.02 -4.89
N LYS A 97 -7.65 14.05 -5.69
CA LYS A 97 -8.81 13.19 -5.32
C LYS A 97 -8.30 11.90 -4.67
N ILE A 98 -9.19 11.00 -4.35
CA ILE A 98 -8.76 9.72 -3.71
C ILE A 98 -8.09 8.83 -4.76
N GLU A 99 -8.58 8.85 -5.97
CA GLU A 99 -7.96 8.00 -7.03
C GLU A 99 -6.52 8.44 -7.27
N GLU A 100 -6.29 9.72 -7.44
CA GLU A 100 -4.90 10.20 -7.67
C GLU A 100 -4.00 9.74 -6.53
N VAL A 101 -4.30 10.15 -5.32
CA VAL A 101 -3.46 9.73 -4.16
C VAL A 101 -3.09 8.25 -4.30
N ILE A 102 -4.07 7.39 -4.29
CA ILE A 102 -3.78 5.93 -4.42
C ILE A 102 -2.76 5.71 -5.55
N ASP A 103 -3.02 6.26 -6.70
CA ASP A 103 -2.06 6.07 -7.84
C ASP A 103 -0.63 6.11 -7.31
N LEU A 104 -0.27 7.16 -6.61
CA LEU A 104 1.12 7.26 -6.07
C LEU A 104 1.41 6.03 -5.22
N ILE A 105 0.64 5.82 -4.18
CA ILE A 105 0.87 4.64 -3.30
C ILE A 105 1.28 3.44 -4.15
N LEU A 106 0.63 3.24 -5.26
CA LEU A 106 0.99 2.09 -6.14
C LEU A 106 2.42 2.25 -6.66
N ARG A 107 2.83 3.46 -6.89
CA ARG A 107 4.22 3.69 -7.39
C ARG A 107 5.23 3.20 -6.35
N ASN A 108 4.78 2.95 -5.15
CA ASN A 108 5.71 2.48 -4.09
C ASN A 108 5.49 0.98 -3.84
N GLY A 109 4.60 0.66 -2.95
CA GLY A 109 4.32 -0.78 -2.66
C GLY A 109 5.48 -1.37 -1.85
N LYS A 110 5.20 -1.99 -0.75
CA LYS A 110 6.28 -2.58 0.08
C LYS A 110 5.83 -3.96 0.61
N PRO A 111 5.53 -4.87 -0.28
CA PRO A 111 5.08 -6.23 0.09
C PRO A 111 5.98 -6.87 1.14
N ASN A 112 5.40 -7.45 2.16
CA ASN A 112 6.23 -8.10 3.23
C ASN A 112 7.16 -9.12 2.59
N SER A 113 8.44 -9.01 2.84
CA SER A 113 9.40 -9.99 2.25
C SER A 113 8.80 -11.39 2.32
N THR A 114 8.26 -11.87 1.24
CA THR A 114 7.66 -13.24 1.25
C THR A 114 8.76 -14.28 1.05
N THR A 115 8.60 -15.45 1.60
CA THR A 115 9.64 -16.50 1.45
C THR A 115 9.02 -17.75 0.81
N SER A 116 8.39 -17.59 -0.33
CA SER A 116 7.77 -18.77 -1.00
C SER A 116 7.48 -18.42 -2.47
N SER A 117 8.18 -19.03 -3.38
CA SER A 117 7.94 -18.73 -4.82
C SER A 117 8.47 -19.89 -5.67
N LEU A 118 7.63 -20.46 -6.49
CA LEU A 118 8.08 -21.60 -7.35
C LEU A 118 7.32 -21.57 -8.67
N LYS A 119 6.02 -21.48 -8.61
CA LYS A 119 5.21 -21.45 -9.87
C LYS A 119 4.54 -20.08 -10.02
N THR A 120 5.30 -19.03 -9.84
CA THR A 120 4.71 -17.66 -9.98
C THR A 120 5.38 -16.93 -11.14
N LYS A 121 6.66 -16.69 -11.04
CA LYS A 121 7.38 -15.97 -12.12
C LYS A 121 7.73 -16.96 -13.23
N GLY A 122 7.69 -16.53 -14.46
CA GLY A 122 8.02 -17.45 -15.59
C GLY A 122 7.68 -16.78 -16.92
N GLY A 123 8.62 -16.09 -17.51
CA GLY A 123 8.34 -15.41 -18.81
C GLY A 123 8.93 -14.01 -18.79
N ASN A 124 8.44 -13.15 -17.94
CA ASN A 124 8.99 -11.77 -17.87
C ASN A 124 9.04 -11.31 -16.42
N ALA A 125 9.90 -10.37 -16.11
CA ALA A 125 10.01 -9.88 -14.72
C ALA A 125 10.14 -8.35 -14.71
N GLY A 126 10.56 -7.78 -13.61
CA GLY A 126 10.71 -6.30 -13.55
C GLY A 126 12.10 -5.90 -14.05
N THR A 127 12.52 -4.70 -13.79
CA THR A 127 13.87 -4.26 -14.23
C THR A 127 14.61 -3.61 -13.07
N LYS A 128 15.86 -3.95 -12.89
CA LYS A 128 16.64 -3.35 -11.76
C LYS A 128 18.13 -3.38 -12.12
N ALA A 129 18.87 -4.25 -11.50
CA ALA A 129 20.34 -4.33 -11.80
C ALA A 129 20.73 -5.80 -12.02
N TYR A 130 20.11 -6.45 -12.96
CA TYR A 130 20.47 -7.87 -13.23
C TYR A 130 21.88 -7.96 -13.79
N ASN A 131 22.06 -7.61 -15.04
CA ASN A 131 23.42 -7.67 -15.63
C ASN A 131 24.19 -6.39 -15.28
N MET A 21 -11.11 -9.54 0.17
CA MET A 21 -12.32 -9.98 0.92
C MET A 21 -11.95 -11.11 1.89
N SER A 22 -11.66 -12.27 1.37
CA SER A 22 -11.29 -13.41 2.26
C SER A 22 -9.85 -13.83 1.96
N THR A 23 -9.27 -13.32 0.92
CA THR A 23 -7.87 -13.69 0.57
C THR A 23 -7.36 -12.78 -0.54
N VAL A 24 -6.88 -11.62 -0.20
CA VAL A 24 -6.37 -10.68 -1.25
C VAL A 24 -4.96 -10.21 -0.86
N THR A 25 -4.45 -9.23 -1.55
CA THR A 25 -3.08 -8.73 -1.23
C THR A 25 -3.18 -7.31 -0.67
N LYS A 26 -2.50 -7.05 0.41
CA LYS A 26 -2.54 -5.68 1.01
C LYS A 26 -1.24 -4.94 0.73
N TYR A 27 -1.30 -3.86 0.00
CA TYR A 27 -0.07 -3.09 -0.31
C TYR A 27 0.18 -2.06 0.79
N PHE A 28 1.35 -2.06 1.36
CA PHE A 28 1.66 -1.08 2.44
C PHE A 28 2.23 0.20 1.82
N TYR A 29 2.19 1.29 2.54
CA TYR A 29 2.73 2.57 1.98
C TYR A 29 3.23 3.44 3.12
N LYS A 30 4.52 3.55 3.29
CA LYS A 30 5.07 4.37 4.39
C LYS A 30 4.88 5.86 4.06
N GLY A 31 4.27 6.61 4.93
CA GLY A 31 4.05 8.05 4.66
C GLY A 31 5.14 8.87 5.37
N GLU A 32 4.81 10.08 5.77
CA GLU A 32 5.83 10.92 6.47
C GLU A 32 6.09 10.36 7.87
N ASN A 33 5.10 9.76 8.46
CA ASN A 33 5.29 9.18 9.83
C ASN A 33 4.31 8.03 10.03
N THR A 34 3.05 8.24 9.77
CA THR A 34 2.05 7.16 9.95
C THR A 34 2.14 6.18 8.78
N ASP A 35 1.48 5.06 8.87
CA ASP A 35 1.54 4.07 7.77
C ASP A 35 0.14 3.89 7.18
N LEU A 36 0.02 3.88 5.88
CA LEU A 36 -1.31 3.71 5.25
C LEU A 36 -1.39 2.34 4.55
N ILE A 37 -2.47 1.64 4.71
CA ILE A 37 -2.59 0.31 4.05
C ILE A 37 -3.74 0.34 3.04
N VAL A 38 -3.49 -0.13 1.85
CA VAL A 38 -4.57 -0.12 0.81
C VAL A 38 -4.89 -1.55 0.40
N PHE A 39 -6.07 -1.78 -0.12
CA PHE A 39 -6.45 -3.15 -0.53
C PHE A 39 -6.11 -3.35 -2.01
N ALA A 40 -5.81 -4.57 -2.40
CA ALA A 40 -5.46 -4.82 -3.83
C ALA A 40 -6.12 -6.12 -4.29
N ALA A 41 -6.16 -6.36 -5.57
CA ALA A 41 -6.79 -7.61 -6.08
C ALA A 41 -5.73 -8.70 -6.21
N SER A 42 -4.63 -8.39 -6.87
CA SER A 42 -3.55 -9.41 -7.02
C SER A 42 -2.26 -8.72 -7.47
N GLU A 43 -1.13 -9.17 -6.99
CA GLU A 43 0.15 -8.54 -7.38
C GLU A 43 0.29 -8.58 -8.91
N GLU A 44 -0.18 -9.63 -9.53
CA GLU A 44 -0.06 -9.73 -11.01
C GLU A 44 -0.73 -8.51 -11.65
N LEU A 45 -2.00 -8.35 -11.48
CA LEU A 45 -2.71 -7.19 -12.07
C LEU A 45 -1.95 -5.90 -11.73
N VAL A 46 -1.57 -5.75 -10.48
CA VAL A 46 -0.83 -4.52 -10.08
C VAL A 46 0.38 -4.33 -10.98
N ASP A 47 1.16 -5.36 -11.16
CA ASP A 47 2.36 -5.24 -12.04
C ASP A 47 1.93 -4.87 -13.46
N GLU A 48 0.83 -5.43 -13.92
CA GLU A 48 0.36 -5.11 -15.28
C GLU A 48 -0.07 -3.64 -15.36
N TYR A 49 -0.64 -3.13 -14.30
CA TYR A 49 -1.08 -1.70 -14.30
C TYR A 49 0.16 -0.80 -14.26
N LEU A 50 1.20 -1.23 -13.61
CA LEU A 50 2.43 -0.40 -13.54
C LEU A 50 2.88 -0.01 -14.95
N LYS A 51 2.64 -0.86 -15.91
CA LYS A 51 3.04 -0.55 -17.31
C LYS A 51 1.85 0.03 -18.07
N ASN A 52 1.00 0.76 -17.38
CA ASN A 52 -0.18 1.36 -18.06
C ASN A 52 -0.94 2.24 -17.08
N PRO A 53 -0.28 3.23 -16.54
CA PRO A 53 -0.89 4.18 -15.56
C PRO A 53 -1.92 5.10 -16.22
N SER A 54 -3.18 4.77 -16.09
CA SER A 54 -4.24 5.63 -16.70
C SER A 54 -5.27 6.00 -15.64
N ILE A 55 -6.44 5.42 -15.70
CA ILE A 55 -7.49 5.74 -14.69
C ILE A 55 -8.52 4.62 -14.66
N GLY A 56 -8.64 3.86 -15.71
CA GLY A 56 -9.62 2.74 -15.73
C GLY A 56 -9.04 1.53 -15.02
N LYS A 57 -8.11 0.86 -15.64
CA LYS A 57 -7.50 -0.34 -15.00
C LYS A 57 -7.26 -0.05 -13.51
N LEU A 58 -7.17 1.19 -13.14
CA LEU A 58 -6.95 1.54 -11.71
C LEU A 58 -8.18 1.13 -10.89
N SER A 59 -9.35 1.34 -11.43
CA SER A 59 -10.58 0.97 -10.68
C SER A 59 -10.55 -0.53 -10.35
N GLU A 60 -10.03 -1.33 -11.23
CA GLU A 60 -9.97 -2.80 -10.97
C GLU A 60 -8.88 -3.08 -9.94
N VAL A 61 -7.67 -2.69 -10.21
CA VAL A 61 -6.56 -2.94 -9.26
C VAL A 61 -7.05 -2.65 -7.83
N VAL A 62 -7.89 -1.67 -7.67
CA VAL A 62 -8.41 -1.35 -6.31
C VAL A 62 -9.84 -1.84 -6.18
N GLU A 63 -10.11 -2.69 -5.23
CA GLU A 63 -11.49 -3.21 -5.04
C GLU A 63 -12.31 -2.21 -4.24
N LEU A 64 -11.68 -1.43 -3.41
CA LEU A 64 -12.43 -0.42 -2.60
C LEU A 64 -11.77 0.94 -2.75
N PHE A 65 -12.57 1.98 -2.85
CA PHE A 65 -12.00 3.34 -3.00
C PHE A 65 -11.85 3.99 -1.62
N GLU A 66 -11.11 3.38 -0.74
CA GLU A 66 -10.93 3.97 0.62
C GLU A 66 -9.58 3.51 1.19
N VAL A 67 -9.11 4.16 2.23
CA VAL A 67 -7.82 3.77 2.83
C VAL A 67 -8.04 3.32 4.28
N PHE A 68 -7.20 2.44 4.77
CA PHE A 68 -7.38 1.97 6.18
C PHE A 68 -6.05 2.08 6.92
N THR A 69 -6.09 2.32 8.20
CA THR A 69 -4.83 2.45 8.97
C THR A 69 -5.07 2.01 10.42
N PRO A 70 -4.03 1.59 11.10
CA PRO A 70 -4.13 1.13 12.52
C PRO A 70 -4.34 2.29 13.49
N GLN A 71 -5.12 2.08 14.51
CA GLN A 71 -5.37 3.17 15.50
C GLN A 71 -5.23 2.63 16.92
N ASP A 72 -5.90 1.56 17.22
CA ASP A 72 -5.81 0.97 18.59
C ASP A 72 -4.44 0.29 18.75
N GLY A 73 -3.97 -0.38 17.73
CA GLY A 73 -2.66 -1.07 17.83
C GLY A 73 -2.21 -1.52 16.44
N ARG A 74 -1.39 -2.52 16.36
CA ARG A 74 -0.91 -3.00 15.04
C ARG A 74 -1.52 -4.38 14.74
N GLY A 75 -0.90 -5.14 13.87
CA GLY A 75 -1.45 -6.48 13.54
C GLY A 75 -2.73 -6.33 12.72
N ALA A 76 -2.68 -6.69 11.47
CA ALA A 76 -3.89 -6.57 10.60
C ALA A 76 -4.89 -7.67 10.98
N GLU A 77 -5.77 -7.41 11.90
CA GLU A 77 -6.77 -8.43 12.29
C GLU A 77 -8.06 -8.22 11.51
N GLY A 78 -8.28 -7.03 11.02
CA GLY A 78 -9.52 -6.76 10.24
C GLY A 78 -10.32 -5.65 10.94
N GLU A 79 -9.88 -5.22 12.08
CA GLU A 79 -10.61 -4.14 12.81
C GLU A 79 -9.83 -2.83 12.69
N LEU A 80 -9.36 -2.52 11.51
CA LEU A 80 -8.60 -1.25 11.33
C LEU A 80 -9.56 -0.06 11.35
N GLY A 81 -9.04 1.14 11.36
CA GLY A 81 -9.94 2.33 11.38
C GLY A 81 -9.67 3.18 10.14
N ALA A 82 -10.72 3.65 9.49
CA ALA A 82 -10.53 4.48 8.27
C ALA A 82 -9.58 5.64 8.59
N ALA A 83 -8.97 6.21 7.60
CA ALA A 83 -8.03 7.34 7.84
C ALA A 83 -8.81 8.66 7.81
N SER A 84 -8.31 9.67 8.45
CA SER A 84 -9.02 10.99 8.46
C SER A 84 -8.67 11.75 7.18
N LYS A 85 -9.61 12.50 6.65
CA LYS A 85 -9.32 13.28 5.42
C LYS A 85 -8.11 14.19 5.64
N ALA A 86 -7.74 14.39 6.88
CA ALA A 86 -6.57 15.27 7.16
C ALA A 86 -5.29 14.43 7.14
N GLN A 87 -5.35 13.22 7.60
CA GLN A 87 -4.14 12.35 7.61
C GLN A 87 -3.64 12.17 6.18
N VAL A 88 -4.53 11.97 5.25
CA VAL A 88 -4.09 11.79 3.83
C VAL A 88 -3.73 13.15 3.24
N GLU A 89 -4.56 14.14 3.43
CA GLU A 89 -4.26 15.49 2.88
C GLU A 89 -2.81 15.86 3.19
N ASN A 90 -2.34 15.53 4.36
CA ASN A 90 -0.94 15.87 4.72
C ASN A 90 0.02 14.88 4.06
N GLU A 91 -0.47 13.73 3.70
CA GLU A 91 0.41 12.71 3.04
C GLU A 91 0.68 13.12 1.59
N PHE A 92 -0.25 13.79 0.97
CA PHE A 92 -0.04 14.21 -0.44
C PHE A 92 -0.29 15.72 -0.56
N GLY A 93 -0.97 16.30 0.39
CA GLY A 93 -1.26 17.76 0.33
C GLY A 93 -2.76 17.99 0.24
N LYS A 94 -3.17 19.08 -0.34
CA LYS A 94 -4.63 19.37 -0.46
C LYS A 94 -4.95 19.93 -1.84
N GLY A 95 -5.30 19.08 -2.77
CA GLY A 95 -5.62 19.57 -4.14
C GLY A 95 -5.90 18.37 -5.05
N LYS A 96 -5.48 17.20 -4.65
CA LYS A 96 -5.73 16.00 -5.50
C LYS A 96 -7.00 15.29 -5.03
N LYS A 97 -7.35 14.19 -5.64
CA LYS A 97 -8.57 13.46 -5.22
C LYS A 97 -8.18 12.17 -4.50
N ILE A 98 -9.06 11.20 -4.46
CA ILE A 98 -8.73 9.93 -3.77
C ILE A 98 -8.05 8.97 -4.75
N GLU A 99 -8.40 9.06 -6.01
CA GLU A 99 -7.77 8.15 -7.01
C GLU A 99 -6.30 8.55 -7.22
N GLU A 100 -6.07 9.77 -7.65
CA GLU A 100 -4.68 10.22 -7.88
C GLU A 100 -3.83 9.88 -6.65
N VAL A 101 -4.41 9.89 -5.49
CA VAL A 101 -3.65 9.58 -4.26
C VAL A 101 -3.25 8.10 -4.27
N ILE A 102 -4.21 7.22 -4.27
CA ILE A 102 -3.89 5.76 -4.29
C ILE A 102 -2.99 5.46 -5.49
N ASP A 103 -3.00 6.30 -6.49
CA ASP A 103 -2.16 6.04 -7.68
C ASP A 103 -0.69 6.15 -7.30
N LEU A 104 -0.29 7.27 -6.74
CA LEU A 104 1.13 7.43 -6.34
C LEU A 104 1.52 6.35 -5.33
N ILE A 105 0.55 5.83 -4.61
CA ILE A 105 0.86 4.76 -3.61
C ILE A 105 1.25 3.47 -4.35
N LEU A 106 0.45 3.05 -5.29
CA LEU A 106 0.77 1.80 -6.03
C LEU A 106 1.94 2.07 -6.98
N ARG A 107 2.37 3.29 -7.07
CA ARG A 107 3.52 3.61 -7.98
C ARG A 107 4.82 3.60 -7.18
N ASN A 108 4.78 4.03 -5.95
CA ASN A 108 6.01 4.05 -5.13
C ASN A 108 5.67 3.65 -3.68
N GLY A 109 4.85 2.65 -3.52
CA GLY A 109 4.48 2.20 -2.14
C GLY A 109 5.21 0.90 -1.81
N LYS A 110 4.51 -0.05 -1.28
CA LYS A 110 5.17 -1.35 -0.93
C LYS A 110 6.58 -1.09 -0.44
N PRO A 111 6.72 -0.60 0.77
CA PRO A 111 8.04 -0.29 1.38
C PRO A 111 9.02 -1.46 1.26
N ASN A 112 8.76 -2.54 1.94
CA ASN A 112 9.68 -3.71 1.87
C ASN A 112 11.13 -3.24 1.99
N SER A 113 12.06 -4.07 1.63
CA SER A 113 13.49 -3.67 1.73
C SER A 113 14.08 -3.53 0.33
N THR A 114 13.85 -2.40 -0.32
CA THR A 114 14.40 -2.20 -1.68
C THR A 114 15.93 -2.35 -1.65
N THR A 115 16.47 -3.27 -2.39
CA THR A 115 17.94 -3.45 -2.40
C THR A 115 18.60 -2.26 -3.09
N SER A 116 19.84 -2.00 -2.79
CA SER A 116 20.53 -0.84 -3.44
C SER A 116 20.67 -1.10 -4.94
N SER A 117 20.73 -0.07 -5.73
CA SER A 117 20.86 -0.26 -7.20
C SER A 117 22.34 -0.43 -7.56
N LEU A 118 22.63 -1.27 -8.52
CA LEU A 118 24.05 -1.48 -8.91
C LEU A 118 24.93 -1.50 -7.66
N LYS A 119 26.02 -0.79 -7.68
CA LYS A 119 26.93 -0.77 -6.50
C LYS A 119 26.69 0.53 -5.71
N THR A 120 27.40 1.57 -6.05
CA THR A 120 27.23 2.86 -5.32
C THR A 120 27.68 2.69 -3.87
N LYS A 121 28.66 3.45 -3.46
CA LYS A 121 29.16 3.33 -2.05
C LYS A 121 28.34 4.26 -1.15
N GLY A 122 28.19 3.91 0.10
CA GLY A 122 27.41 4.76 1.02
C GLY A 122 28.22 5.02 2.30
N GLY A 123 28.81 6.17 2.42
CA GLY A 123 29.62 6.48 3.64
C GLY A 123 28.97 7.64 4.40
N ASN A 124 29.51 7.99 5.53
CA ASN A 124 28.93 9.12 6.31
C ASN A 124 29.51 10.44 5.81
N ALA A 125 30.21 10.41 4.70
CA ALA A 125 30.80 11.66 4.16
C ALA A 125 30.10 12.02 2.86
N GLY A 126 29.36 13.11 2.84
CA GLY A 126 28.66 13.51 1.60
C GLY A 126 27.71 14.69 1.91
N THR A 127 27.60 15.63 1.01
CA THR A 127 26.70 16.79 1.25
C THR A 127 25.24 16.32 1.23
N LYS A 128 25.03 15.03 1.12
CA LYS A 128 23.64 14.51 1.09
C LYS A 128 23.07 14.47 2.51
N ALA A 129 23.17 13.34 3.17
CA ALA A 129 22.64 13.23 4.55
C ALA A 129 21.16 13.60 4.56
N TYR A 130 20.53 13.52 5.70
CA TYR A 130 19.08 13.87 5.77
C TYR A 130 18.92 15.37 6.04
N ASN A 131 18.67 16.13 5.01
CA ASN A 131 18.51 17.60 5.21
C ASN A 131 17.17 17.88 5.89
N MET A 21 -15.64 -11.99 -2.07
CA MET A 21 -14.22 -11.56 -1.93
C MET A 21 -13.34 -12.77 -1.63
N SER A 22 -13.64 -13.49 -0.59
CA SER A 22 -12.82 -14.69 -0.26
C SER A 22 -11.45 -14.23 0.25
N THR A 23 -10.57 -13.87 -0.63
CA THR A 23 -9.21 -13.42 -0.20
C THR A 23 -8.66 -12.41 -1.21
N VAL A 24 -7.71 -11.60 -0.81
CA VAL A 24 -7.14 -10.60 -1.74
C VAL A 24 -5.71 -10.27 -1.32
N THR A 25 -5.13 -9.26 -1.91
CA THR A 25 -3.73 -8.89 -1.54
C THR A 25 -3.75 -7.59 -0.74
N LYS A 26 -2.65 -7.26 -0.10
CA LYS A 26 -2.62 -6.01 0.71
C LYS A 26 -1.41 -5.17 0.30
N TYR A 27 -1.55 -3.87 0.29
CA TYR A 27 -0.41 -3.01 -0.09
C TYR A 27 -0.10 -2.02 1.03
N PHE A 28 1.04 -2.15 1.66
CA PHE A 28 1.39 -1.22 2.77
C PHE A 28 1.98 0.06 2.19
N TYR A 29 2.05 1.11 2.97
CA TYR A 29 2.63 2.39 2.47
C TYR A 29 3.18 3.20 3.64
N LYS A 30 4.39 3.69 3.51
CA LYS A 30 4.98 4.49 4.62
C LYS A 30 5.10 5.96 4.18
N GLY A 31 4.34 6.83 4.80
CA GLY A 31 4.40 8.26 4.43
C GLY A 31 5.63 8.91 5.06
N GLU A 32 5.56 10.17 5.39
CA GLU A 32 6.72 10.85 6.02
C GLU A 32 6.76 10.51 7.51
N ASN A 33 5.65 10.62 8.19
CA ASN A 33 5.63 10.30 9.64
C ASN A 33 4.48 9.34 9.94
N THR A 34 3.45 9.36 9.13
CA THR A 34 2.30 8.45 9.38
C THR A 34 2.32 7.31 8.35
N ASP A 35 1.69 6.21 8.65
CA ASP A 35 1.68 5.07 7.69
C ASP A 35 0.26 4.84 7.18
N LEU A 36 0.11 4.27 6.01
CA LEU A 36 -1.25 4.03 5.47
C LEU A 36 -1.30 2.64 4.84
N ILE A 37 -2.48 2.07 4.72
CA ILE A 37 -2.60 0.71 4.11
C ILE A 37 -3.75 0.71 3.11
N VAL A 38 -3.67 -0.13 2.10
CA VAL A 38 -4.76 -0.18 1.09
C VAL A 38 -4.98 -1.63 0.65
N PHE A 39 -5.97 -1.87 -0.15
CA PHE A 39 -6.24 -3.27 -0.61
C PHE A 39 -6.03 -3.35 -2.12
N ALA A 40 -5.72 -4.52 -2.61
CA ALA A 40 -5.49 -4.67 -4.07
C ALA A 40 -6.18 -5.95 -4.57
N ALA A 41 -6.38 -6.06 -5.86
CA ALA A 41 -7.06 -7.28 -6.40
C ALA A 41 -6.02 -8.39 -6.58
N SER A 42 -5.08 -8.20 -7.46
CA SER A 42 -4.04 -9.25 -7.67
C SER A 42 -2.70 -8.59 -7.95
N GLU A 43 -1.67 -8.98 -7.26
CA GLU A 43 -0.33 -8.37 -7.48
C GLU A 43 -0.04 -8.31 -8.98
N GLU A 44 -0.43 -9.33 -9.71
CA GLU A 44 -0.18 -9.33 -11.18
C GLU A 44 -0.65 -8.00 -11.78
N LEU A 45 -1.92 -7.70 -11.66
CA LEU A 45 -2.43 -6.43 -12.22
C LEU A 45 -1.52 -5.27 -11.79
N VAL A 46 -1.37 -5.06 -10.52
CA VAL A 46 -0.49 -3.95 -10.05
C VAL A 46 0.74 -3.86 -10.95
N ASP A 47 1.37 -4.97 -11.23
CA ASP A 47 2.58 -4.94 -12.10
C ASP A 47 2.21 -4.31 -13.45
N GLU A 48 1.12 -4.71 -14.04
CA GLU A 48 0.72 -4.14 -15.34
C GLU A 48 0.48 -2.64 -15.19
N TYR A 49 -0.25 -2.25 -14.18
CA TYR A 49 -0.51 -0.79 -13.98
C TYR A 49 0.79 -0.01 -14.12
N LEU A 50 1.80 -0.39 -13.39
CA LEU A 50 3.10 0.34 -13.49
C LEU A 50 3.59 0.33 -14.93
N LYS A 51 3.19 -0.65 -15.69
CA LYS A 51 3.64 -0.73 -17.12
C LYS A 51 2.94 0.37 -17.92
N ASN A 52 1.74 0.72 -17.55
CA ASN A 52 1.01 1.79 -18.29
C ASN A 52 -0.09 2.38 -17.40
N PRO A 53 0.29 3.27 -16.52
CA PRO A 53 -0.66 3.93 -15.59
C PRO A 53 -1.91 4.46 -16.31
N SER A 54 -2.95 3.67 -16.38
CA SER A 54 -4.19 4.13 -17.07
C SER A 54 -5.35 4.14 -16.07
N ILE A 55 -5.94 5.29 -15.86
CA ILE A 55 -7.07 5.38 -14.90
C ILE A 55 -8.25 4.55 -15.42
N GLY A 56 -8.09 3.91 -16.55
CA GLY A 56 -9.19 3.08 -17.10
C GLY A 56 -9.12 1.68 -16.49
N LYS A 57 -8.02 1.33 -15.91
CA LYS A 57 -7.90 -0.02 -15.29
C LYS A 57 -7.73 0.11 -13.78
N LEU A 58 -7.51 1.31 -13.30
CA LEU A 58 -7.34 1.50 -11.83
C LEU A 58 -8.32 0.60 -11.09
N SER A 59 -9.58 0.69 -11.40
CA SER A 59 -10.58 -0.18 -10.70
C SER A 59 -10.13 -1.64 -10.77
N GLU A 60 -10.02 -2.18 -11.95
CA GLU A 60 -9.59 -3.60 -12.09
C GLU A 60 -8.52 -3.91 -11.04
N VAL A 61 -7.85 -2.90 -10.55
CA VAL A 61 -6.80 -3.15 -9.52
C VAL A 61 -7.39 -2.92 -8.13
N VAL A 62 -7.95 -1.77 -7.89
CA VAL A 62 -8.54 -1.49 -6.56
C VAL A 62 -9.84 -2.27 -6.40
N GLU A 63 -10.16 -2.66 -5.18
CA GLU A 63 -11.43 -3.43 -4.96
C GLU A 63 -12.29 -2.71 -3.93
N LEU A 64 -11.71 -1.79 -3.19
CA LEU A 64 -12.50 -1.06 -2.17
C LEU A 64 -11.90 0.33 -1.97
N PHE A 65 -12.47 1.32 -2.59
CA PHE A 65 -11.94 2.71 -2.45
C PHE A 65 -12.08 3.15 -0.99
N GLU A 66 -11.07 2.88 -0.19
CA GLU A 66 -11.15 3.29 1.24
C GLU A 66 -9.77 3.13 1.89
N VAL A 67 -9.20 4.20 2.37
CA VAL A 67 -7.86 4.10 3.01
C VAL A 67 -8.01 3.58 4.44
N PHE A 68 -7.07 2.79 4.90
CA PHE A 68 -7.16 2.25 6.29
C PHE A 68 -5.84 2.48 7.00
N THR A 69 -5.83 2.38 8.31
CA THR A 69 -4.56 2.59 9.07
C THR A 69 -4.51 1.60 10.24
N PRO A 70 -3.34 1.44 10.80
CA PRO A 70 -3.13 0.50 11.95
C PRO A 70 -3.69 1.06 13.25
N GLN A 71 -4.52 0.31 13.92
CA GLN A 71 -5.09 0.79 15.21
C GLN A 71 -4.49 0.01 16.37
N ASP A 72 -4.94 0.28 17.57
CA ASP A 72 -4.39 -0.45 18.74
C ASP A 72 -4.44 -1.95 18.48
N GLY A 73 -3.98 -2.76 19.41
CA GLY A 73 -4.00 -4.23 19.20
C GLY A 73 -2.59 -4.79 19.31
N ARG A 74 -2.19 -5.59 18.37
CA ARG A 74 -0.81 -6.17 18.42
C ARG A 74 -0.21 -6.17 17.00
N GLY A 75 -0.76 -5.39 16.12
CA GLY A 75 -0.22 -5.35 14.73
C GLY A 75 -1.29 -4.80 13.78
N ALA A 76 -2.22 -5.63 13.37
CA ALA A 76 -3.29 -5.15 12.45
C ALA A 76 -4.49 -6.09 12.52
N GLU A 77 -4.99 -6.32 13.71
CA GLU A 77 -6.17 -7.24 13.84
C GLU A 77 -7.35 -6.46 14.42
N GLY A 78 -8.55 -6.92 14.18
CA GLY A 78 -9.74 -6.21 14.72
C GLY A 78 -10.12 -5.07 13.78
N GLU A 79 -11.30 -4.53 13.93
CA GLU A 79 -11.73 -3.40 13.04
C GLU A 79 -10.58 -2.42 12.88
N LEU A 80 -10.06 -2.27 11.70
CA LEU A 80 -8.93 -1.32 11.48
C LEU A 80 -9.41 0.11 11.76
N GLY A 81 -8.51 0.99 12.09
CA GLY A 81 -8.91 2.39 12.39
C GLY A 81 -9.02 3.18 11.08
N ALA A 82 -10.05 3.98 10.94
CA ALA A 82 -10.21 4.77 9.69
C ALA A 82 -9.41 6.08 9.81
N ALA A 83 -8.98 6.62 8.70
CA ALA A 83 -8.20 7.88 8.75
C ALA A 83 -9.13 9.06 8.49
N SER A 84 -8.58 10.22 8.27
CA SER A 84 -9.43 11.42 8.01
C SER A 84 -8.97 12.11 6.73
N LYS A 85 -9.76 13.01 6.20
CA LYS A 85 -9.35 13.72 4.96
C LYS A 85 -8.12 14.58 5.23
N ALA A 86 -7.88 14.90 6.47
CA ALA A 86 -6.71 15.75 6.82
C ALA A 86 -5.46 14.85 6.94
N GLN A 87 -5.59 13.75 7.61
CA GLN A 87 -4.41 12.84 7.78
C GLN A 87 -3.92 12.40 6.40
N VAL A 88 -4.82 12.09 5.50
CA VAL A 88 -4.40 11.65 4.14
C VAL A 88 -3.78 12.83 3.40
N GLU A 89 -4.51 13.91 3.26
CA GLU A 89 -3.97 15.10 2.54
C GLU A 89 -2.68 15.56 3.21
N ASN A 90 -2.60 15.45 4.52
CA ASN A 90 -1.37 15.87 5.23
C ASN A 90 -0.16 15.16 4.64
N GLU A 91 -0.35 13.99 4.11
CA GLU A 91 0.80 13.24 3.51
C GLU A 91 1.01 13.70 2.06
N PHE A 92 0.08 13.41 1.20
CA PHE A 92 0.23 13.83 -0.22
C PHE A 92 0.08 15.35 -0.33
N GLY A 93 -1.11 15.85 -0.09
CA GLY A 93 -1.34 17.33 -0.17
C GLY A 93 -2.77 17.60 -0.61
N LYS A 94 -3.16 18.84 -0.65
CA LYS A 94 -4.55 19.18 -1.06
C LYS A 94 -4.60 19.39 -2.58
N GLY A 95 -5.77 19.55 -3.12
CA GLY A 95 -5.87 19.76 -4.60
C GLY A 95 -5.92 18.41 -5.31
N LYS A 96 -6.07 17.35 -4.57
CA LYS A 96 -6.12 15.99 -5.19
C LYS A 96 -7.31 15.22 -4.64
N LYS A 97 -7.62 14.08 -5.21
CA LYS A 97 -8.76 13.28 -4.71
C LYS A 97 -8.26 11.91 -4.24
N ILE A 98 -9.15 10.96 -4.09
CA ILE A 98 -8.73 9.61 -3.63
C ILE A 98 -8.22 8.81 -4.82
N GLU A 99 -8.81 8.99 -5.98
CA GLU A 99 -8.35 8.24 -7.18
C GLU A 99 -6.92 8.65 -7.52
N GLU A 100 -6.56 9.88 -7.25
CA GLU A 100 -5.17 10.33 -7.56
C GLU A 100 -4.24 9.93 -6.43
N VAL A 101 -4.65 10.16 -5.20
CA VAL A 101 -3.78 9.80 -4.05
C VAL A 101 -3.46 8.30 -4.09
N ILE A 102 -4.39 7.50 -4.53
CA ILE A 102 -4.15 6.04 -4.60
C ILE A 102 -3.14 5.74 -5.70
N ASP A 103 -3.31 6.32 -6.86
CA ASP A 103 -2.36 6.07 -7.97
C ASP A 103 -0.92 6.21 -7.45
N LEU A 104 -0.64 7.23 -6.70
CA LEU A 104 0.74 7.41 -6.17
C LEU A 104 1.10 6.22 -5.28
N ILE A 105 0.31 5.95 -4.27
CA ILE A 105 0.62 4.80 -3.38
C ILE A 105 0.96 3.57 -4.22
N LEU A 106 0.11 3.24 -5.16
CA LEU A 106 0.38 2.05 -6.02
C LEU A 106 1.72 2.23 -6.74
N ARG A 107 2.09 3.44 -7.04
CA ARG A 107 3.38 3.68 -7.73
C ARG A 107 4.52 3.06 -6.92
N ASN A 108 4.24 2.61 -5.73
CA ASN A 108 5.30 2.00 -4.88
C ASN A 108 4.77 0.71 -4.26
N GLY A 109 4.21 0.80 -3.08
CA GLY A 109 3.67 -0.43 -2.42
C GLY A 109 4.82 -1.39 -2.10
N LYS A 110 4.93 -1.79 -0.86
CA LYS A 110 6.03 -2.72 -0.48
C LYS A 110 7.29 -2.39 -1.29
N PRO A 111 7.82 -1.21 -1.10
CA PRO A 111 9.04 -0.75 -1.81
C PRO A 111 10.31 -1.42 -1.28
N ASN A 112 11.35 -1.45 -2.07
CA ASN A 112 12.61 -2.10 -1.61
C ASN A 112 12.31 -3.50 -1.07
N SER A 113 12.23 -4.47 -1.93
CA SER A 113 11.94 -5.85 -1.47
C SER A 113 12.60 -6.87 -2.40
N THR A 114 13.87 -6.71 -2.65
CA THR A 114 14.58 -7.66 -3.56
C THR A 114 15.46 -8.60 -2.72
N THR A 115 16.58 -8.10 -2.25
CA THR A 115 17.48 -8.97 -1.44
C THR A 115 17.10 -8.83 0.05
N SER A 116 15.99 -9.39 0.44
CA SER A 116 15.58 -9.29 1.87
C SER A 116 16.41 -10.26 2.71
N SER A 117 17.31 -9.76 3.51
CA SER A 117 18.14 -10.66 4.35
C SER A 117 18.52 -9.94 5.65
N LEU A 118 18.12 -8.70 5.79
CA LEU A 118 18.46 -7.95 7.02
C LEU A 118 17.65 -8.49 8.20
N LYS A 119 16.51 -7.93 8.46
CA LYS A 119 15.67 -8.41 9.59
C LYS A 119 16.58 -8.82 10.75
N THR A 120 16.17 -9.79 11.52
CA THR A 120 17.00 -10.22 12.68
C THR A 120 17.01 -11.75 12.76
N LYS A 121 17.53 -12.40 11.76
CA LYS A 121 17.56 -13.89 11.78
C LYS A 121 18.43 -14.36 12.94
N GLY A 122 19.64 -13.89 13.02
CA GLY A 122 20.54 -14.31 14.14
C GLY A 122 21.98 -14.34 13.66
N GLY A 123 22.72 -13.29 13.89
CA GLY A 123 24.14 -13.24 13.44
C GLY A 123 25.03 -12.80 14.59
N ASN A 124 24.82 -13.32 15.77
CA ASN A 124 25.65 -12.93 16.94
C ASN A 124 27.05 -13.54 16.79
N ALA A 125 27.49 -13.74 15.58
CA ALA A 125 28.85 -14.33 15.37
C ALA A 125 29.74 -13.32 14.65
N GLY A 126 29.34 -12.08 14.61
CA GLY A 126 30.16 -11.05 13.91
C GLY A 126 30.18 -11.35 12.41
N THR A 127 29.72 -10.42 11.61
CA THR A 127 29.72 -10.64 10.14
C THR A 127 31.16 -10.75 9.63
N LYS A 128 31.50 -11.83 8.99
CA LYS A 128 32.88 -11.99 8.48
C LYS A 128 33.17 -10.88 7.46
N ALA A 129 32.63 -10.99 6.27
CA ALA A 129 32.88 -9.94 5.25
C ALA A 129 31.77 -8.89 5.31
N TYR A 130 31.42 -8.30 4.20
CA TYR A 130 30.35 -7.27 4.20
C TYR A 130 29.03 -7.92 3.77
N ASN A 131 29.01 -8.59 2.66
CA ASN A 131 27.75 -9.24 2.19
C ASN A 131 27.92 -10.76 2.24
#